data_7NNZ
#
_entry.id   7NNZ
#
_cell.length_a   91.617
_cell.length_b   143.002
_cell.length_c   97.591
_cell.angle_alpha   90.000
_cell.angle_beta   117.580
_cell.angle_gamma   90.000
#
_symmetry.space_group_name_H-M   'P 1 21 1'
#
loop_
_entity.id
_entity.type
_entity.pdbx_description
1 polymer 'Ornithine carbamoyltransferase'
2 non-polymer 'PHOSPHATE ION'
3 non-polymer 5-methyl-4-phenyl-1,3-thiazol-2-amine
4 water water
#
_entity_poly.entity_id   1
_entity_poly.type   'polypeptide(L)'
_entity_poly.pdbx_seq_one_letter_code
;GSVIRHFLRDDDLSPAEQAEVLELAAELKKDPVSRRPLQGPRGVAVIFDKNSTRTRFSFELGIAQLGGHAVVVDSGSTQL
GRDETLQDTAKVLSRYVDAIVWRTFGQERLDAMASVATVPVINALSDEFHPCQVLADLQTIAERKGALRGLRLSYFGDGA
NNMAHSLLLGGVTAGIHVTVAAPEGFLPDPSVRAAAERRAQDTGASVTVTADAHAAAAGADVLVTDTWTSMGQENDGLDR
VKPFRPFQLNSRLLALADSDAIVLHCLPAHRGDEITDAVMDGPASAVWDEAENRLHAQKALLVWLLERS
;
_entity_poly.pdbx_strand_id   A,B,C,D,E,F
#
# COMPACT_ATOMS: atom_id res chain seq x y z
N SER A 2 20.29 10.61 19.25
CA SER A 2 20.79 11.56 18.27
C SER A 2 20.28 12.97 18.54
N VAL A 3 21.09 13.97 18.18
CA VAL A 3 20.63 15.34 18.17
C VAL A 3 19.54 15.48 17.11
N ILE A 4 18.44 16.16 17.47
CA ILE A 4 17.42 16.47 16.47
C ILE A 4 17.94 17.57 15.55
N ARG A 5 17.87 17.33 14.24
CA ARG A 5 18.32 18.33 13.28
C ARG A 5 17.13 19.13 12.77
N HIS A 6 17.32 20.44 12.65
CA HIS A 6 16.31 21.34 12.11
CA HIS A 6 16.30 21.33 12.11
C HIS A 6 16.86 22.03 10.87
N PHE A 7 15.97 22.66 10.12
CA PHE A 7 16.38 23.36 8.90
C PHE A 7 15.61 24.66 8.87
N LEU A 8 16.17 25.69 9.53
CA LEU A 8 15.48 27.00 9.66
C LEU A 8 16.15 28.05 8.78
N ARG A 9 17.39 27.78 8.39
CA ARG A 9 18.20 28.70 7.56
C ARG A 9 19.17 27.82 6.75
N ASP A 10 19.66 28.34 5.65
CA ASP A 10 20.40 27.50 4.69
C ASP A 10 21.67 26.90 5.27
N ASP A 11 22.34 27.69 6.09
CA ASP A 11 23.61 27.26 6.70
C ASP A 11 23.41 26.23 7.82
N ASP A 12 22.17 25.83 8.10
CA ASP A 12 21.94 24.73 9.07
C ASP A 12 22.59 23.45 8.51
N LEU A 13 22.67 23.34 7.20
CA LEU A 13 23.42 22.26 6.58
C LEU A 13 24.87 22.71 6.36
N SER A 14 25.82 21.85 6.72
CA SER A 14 27.20 22.07 6.28
C SER A 14 27.34 21.85 4.77
N PRO A 15 28.44 22.29 4.16
CA PRO A 15 28.66 22.01 2.74
C PRO A 15 28.53 20.53 2.39
N ALA A 16 29.09 19.63 3.19
CA ALA A 16 28.99 18.20 2.88
C ALA A 16 27.55 17.71 3.05
N GLU A 17 26.84 18.22 4.07
CA GLU A 17 25.44 17.83 4.29
C GLU A 17 24.55 18.35 3.18
N GLN A 18 24.77 19.59 2.74
CA GLN A 18 23.96 20.10 1.65
C GLN A 18 24.19 19.30 0.37
N ALA A 19 25.44 18.88 0.11
CA ALA A 19 25.68 18.03 -1.05
C ALA A 19 24.92 16.70 -0.94
N GLU A 20 24.84 16.14 0.26
CA GLU A 20 24.07 14.91 0.46
C GLU A 20 22.59 15.14 0.15
N VAL A 21 22.03 16.25 0.62
CA VAL A 21 20.62 16.51 0.36
C VAL A 21 20.38 16.72 -1.14
N LEU A 22 21.27 17.45 -1.82
CA LEU A 22 21.04 17.71 -3.24
C LEU A 22 21.21 16.46 -4.08
N GLU A 23 22.10 15.55 -3.69
CA GLU A 23 22.23 14.30 -4.41
C GLU A 23 20.97 13.45 -4.23
N LEU A 24 20.44 13.42 -2.99
CA LEU A 24 19.18 12.74 -2.72
C LEU A 24 18.03 13.34 -3.52
N ALA A 25 18.03 14.67 -3.71
CA ALA A 25 16.96 15.30 -4.49
C ALA A 25 16.98 14.80 -5.94
N ALA A 26 18.18 14.67 -6.50
CA ALA A 26 18.30 14.13 -7.85
C ALA A 26 17.85 12.68 -7.91
N GLU A 27 18.17 11.88 -6.89
CA GLU A 27 17.70 10.49 -6.85
C GLU A 27 16.19 10.41 -6.75
N LEU A 28 15.59 11.25 -5.91
CA LEU A 28 14.14 11.21 -5.73
C LEU A 28 13.40 11.72 -6.97
N LYS A 29 13.99 12.66 -7.72
CA LYS A 29 13.36 13.08 -8.97
C LYS A 29 13.26 11.91 -9.93
N LYS A 30 14.29 11.07 -9.96
CA LYS A 30 14.29 9.88 -10.83
C LYS A 30 13.32 8.80 -10.33
N ASP A 31 13.25 8.61 -9.01
CA ASP A 31 12.47 7.53 -8.39
C ASP A 31 11.65 8.11 -7.22
N PRO A 32 10.52 8.74 -7.52
CA PRO A 32 9.82 9.54 -6.48
C PRO A 32 9.12 8.77 -5.36
N VAL A 33 8.92 7.45 -5.44
CA VAL A 33 8.29 6.72 -4.35
C VAL A 33 9.23 5.66 -3.79
N SER A 34 10.53 5.82 -4.04
CA SER A 34 11.53 4.86 -3.61
C SER A 34 11.97 5.05 -2.16
N ARG A 35 11.60 6.16 -1.52
CA ARG A 35 11.97 6.42 -0.13
C ARG A 35 10.68 6.59 0.67
N ARG A 36 10.46 5.73 1.67
CA ARG A 36 9.21 5.72 2.44
C ARG A 36 9.49 5.75 3.94
N PRO A 37 10.20 6.77 4.42
CA PRO A 37 10.45 6.86 5.86
C PRO A 37 9.20 7.16 6.66
N LEU A 38 8.13 7.66 6.01
CA LEU A 38 6.91 8.00 6.73
C LEU A 38 5.79 6.98 6.51
N GLN A 39 6.13 5.81 5.95
CA GLN A 39 5.17 4.72 5.76
C GLN A 39 4.39 4.44 7.04
N GLY A 40 3.08 4.24 6.90
CA GLY A 40 2.23 4.07 8.07
C GLY A 40 0.76 4.29 7.78
N PRO A 41 0.36 5.56 7.56
CA PRO A 41 1.22 6.74 7.47
C PRO A 41 1.60 7.34 8.83
N ARG A 42 2.80 7.89 8.89
CA ARG A 42 3.16 8.79 9.96
C ARG A 42 2.78 10.20 9.55
N GLY A 43 2.52 11.05 10.54
CA GLY A 43 2.11 12.42 10.26
C GLY A 43 3.26 13.41 10.11
N VAL A 44 3.01 14.46 9.34
CA VAL A 44 3.86 15.66 9.32
C VAL A 44 2.93 16.87 9.39
N ALA A 45 3.22 17.80 10.29
CA ALA A 45 2.42 19.02 10.34
C ALA A 45 2.93 20.00 9.29
N VAL A 46 2.00 20.63 8.55
CA VAL A 46 2.36 21.65 7.58
C VAL A 46 1.51 22.86 7.94
N ILE A 47 2.12 23.88 8.52
CA ILE A 47 1.38 24.96 9.18
C ILE A 47 1.69 26.27 8.48
N PHE A 48 0.65 27.03 8.13
CA PHE A 48 0.79 28.30 7.42
C PHE A 48 0.24 29.43 8.30
N ASP A 49 1.12 30.28 8.83
CA ASP A 49 0.64 31.50 9.49
C ASP A 49 0.07 32.47 8.46
N LYS A 50 0.56 32.38 7.21
CA LYS A 50 0.00 33.06 6.07
C LYS A 50 -0.02 32.04 4.94
N ASN A 51 -1.18 31.90 4.33
CA ASN A 51 -1.31 30.86 3.29
C ASN A 51 -0.33 31.03 2.15
N SER A 52 0.21 29.92 1.64
CA SER A 52 1.03 29.91 0.41
C SER A 52 0.59 28.64 -0.29
N THR A 53 -0.35 28.77 -1.19
CA THR A 53 -0.92 27.57 -1.84
C THR A 53 0.17 26.76 -2.58
N ARG A 54 1.11 27.39 -3.27
CA ARG A 54 2.22 26.60 -3.93
C ARG A 54 3.12 25.81 -2.96
N THR A 55 3.55 26.39 -1.84
CA THR A 55 4.30 25.64 -0.81
C THR A 55 3.42 24.46 -0.35
N ARG A 56 2.12 24.68 -0.37
CA ARG A 56 1.19 23.63 0.06
C ARG A 56 1.23 22.46 -0.93
N PHE A 57 1.18 22.74 -2.21
CA PHE A 57 1.21 21.62 -3.17
C PHE A 57 2.48 20.82 -3.00
N SER A 58 3.63 21.48 -2.94
CA SER A 58 4.88 20.73 -2.96
C SER A 58 5.06 19.95 -1.65
N PHE A 59 4.71 20.53 -0.50
CA PHE A 59 4.90 19.77 0.74
C PHE A 59 3.84 18.70 0.92
N GLU A 60 2.58 19.02 0.64
CA GLU A 60 1.54 18.00 0.87
C GLU A 60 1.80 16.77 0.02
N LEU A 61 2.12 16.98 -1.25
CA LEU A 61 2.35 15.85 -2.15
C LEU A 61 3.67 15.16 -1.84
N GLY A 62 4.70 15.93 -1.48
CA GLY A 62 5.97 15.32 -1.16
C GLY A 62 5.89 14.41 0.04
N ILE A 63 5.23 14.86 1.10
CA ILE A 63 5.02 14.05 2.30
C ILE A 63 4.26 12.78 1.96
N ALA A 64 3.22 12.90 1.13
CA ALA A 64 2.47 11.71 0.75
C ALA A 64 3.33 10.71 -0.02
N GLN A 65 4.24 11.20 -0.87
CA GLN A 65 5.11 10.33 -1.65
C GLN A 65 6.21 9.70 -0.80
N LEU A 66 6.43 10.20 0.41
CA LEU A 66 7.29 9.54 1.37
C LEU A 66 6.52 8.54 2.22
N GLY A 67 5.25 8.33 1.91
CA GLY A 67 4.40 7.41 2.65
C GLY A 67 3.60 8.05 3.76
N GLY A 68 3.77 9.35 3.98
CA GLY A 68 3.22 10.01 5.14
C GLY A 68 1.87 10.64 4.86
N HIS A 69 1.35 11.33 5.88
CA HIS A 69 0.11 12.08 5.76
C HIS A 69 0.35 13.48 6.30
N ALA A 70 0.24 14.48 5.43
CA ALA A 70 0.40 15.86 5.86
C ALA A 70 -0.90 16.35 6.49
N VAL A 71 -0.81 16.92 7.68
CA VAL A 71 -1.96 17.60 8.27
C VAL A 71 -1.69 19.09 8.08
N VAL A 72 -2.50 19.73 7.24
CA VAL A 72 -2.25 21.08 6.77
C VAL A 72 -3.10 22.04 7.58
N VAL A 73 -2.47 23.04 8.17
CA VAL A 73 -3.15 24.06 8.96
C VAL A 73 -2.94 25.38 8.23
N ASP A 74 -4.01 26.02 7.80
CA ASP A 74 -3.84 27.28 7.12
C ASP A 74 -4.35 28.42 7.99
N SER A 75 -4.27 29.64 7.45
CA SER A 75 -4.52 30.80 8.29
C SER A 75 -5.97 30.92 8.77
N GLY A 76 -6.88 30.09 8.26
CA GLY A 76 -8.21 30.00 8.85
C GLY A 76 -8.19 29.61 10.32
N SER A 77 -7.27 28.74 10.71
CA SER A 77 -7.13 28.41 12.13
C SER A 77 -6.59 29.61 12.90
N THR A 78 -6.87 29.61 14.21
CA THR A 78 -6.27 30.57 15.12
C THR A 78 -4.74 30.50 14.99
N GLN A 79 -4.11 31.66 14.83
CA GLN A 79 -2.67 31.69 14.63
C GLN A 79 -1.97 31.01 15.80
N LEU A 80 -0.95 30.23 15.47
CA LEU A 80 -0.24 29.45 16.46
C LEU A 80 0.32 30.40 17.52
N GLY A 81 0.10 30.08 18.80
CA GLY A 81 0.60 30.89 19.89
C GLY A 81 -0.41 31.87 20.48
N ARG A 82 -1.60 32.00 19.88
CA ARG A 82 -2.60 32.91 20.41
C ARG A 82 -3.40 32.25 21.54
N ASP A 83 -4.06 31.12 21.24
CA ASP A 83 -4.92 30.38 22.16
C ASP A 83 -4.16 29.58 23.21
N GLU A 84 -2.86 29.39 23.03
CA GLU A 84 -2.05 28.43 23.77
C GLU A 84 -0.61 28.85 23.56
N THR A 85 0.25 28.62 24.54
CA THR A 85 1.64 29.03 24.33
C THR A 85 2.25 28.25 23.18
N LEU A 86 3.17 28.89 22.48
CA LEU A 86 3.91 28.19 21.42
C LEU A 86 4.55 26.91 21.96
N GLN A 87 5.11 26.98 23.17
CA GLN A 87 5.74 25.81 23.76
C GLN A 87 4.75 24.68 23.97
N ASP A 88 3.56 24.99 24.49
CA ASP A 88 2.56 23.94 24.70
C ASP A 88 2.13 23.33 23.37
N THR A 89 1.93 24.15 22.33
CA THR A 89 1.55 23.61 21.03
C THR A 89 2.63 22.68 20.49
N ALA A 90 3.89 23.07 20.64
CA ALA A 90 5.00 22.24 20.13
C ALA A 90 5.04 20.89 20.82
N LYS A 91 4.74 20.85 22.12
CA LYS A 91 4.78 19.59 22.84
C LYS A 91 3.66 18.66 22.39
N VAL A 92 2.47 19.21 22.11
CA VAL A 92 1.35 18.39 21.63
C VAL A 92 1.64 17.89 20.22
N LEU A 93 2.07 18.79 19.34
CA LEU A 93 2.40 18.42 17.96
C LEU A 93 3.41 17.29 17.92
N SER A 94 4.41 17.34 18.80
CA SER A 94 5.46 16.31 18.83
C SER A 94 4.91 14.94 19.22
N ARG A 95 3.72 14.86 19.80
CA ARG A 95 3.09 13.57 20.07
C ARG A 95 2.33 13.03 18.87
N TYR A 96 2.02 13.87 17.88
CA TYR A 96 1.20 13.47 16.74
C TYR A 96 1.99 13.32 15.46
N VAL A 97 3.08 14.08 15.25
CA VAL A 97 3.76 14.10 13.97
C VAL A 97 5.25 13.82 14.13
N ASP A 98 5.89 13.46 13.01
CA ASP A 98 7.31 13.14 12.98
C ASP A 98 8.16 14.32 12.55
N ALA A 99 7.53 15.40 12.08
CA ALA A 99 8.23 16.60 11.65
C ALA A 99 7.22 17.73 11.58
N ILE A 100 7.72 18.96 11.68
CA ILE A 100 6.87 20.14 11.65
C ILE A 100 7.42 21.07 10.59
N VAL A 101 6.59 21.37 9.60
CA VAL A 101 6.90 22.32 8.52
C VAL A 101 6.09 23.57 8.78
N TRP A 102 6.76 24.72 8.86
CA TRP A 102 6.10 25.95 9.32
C TRP A 102 6.50 27.12 8.43
N ARG A 103 5.47 27.80 7.91
CA ARG A 103 5.67 29.08 7.18
C ARG A 103 5.21 30.15 8.17
N THR A 104 6.14 30.98 8.61
CA THR A 104 5.78 31.99 9.61
C THR A 104 6.54 33.26 9.32
N PHE A 105 6.51 34.21 10.24
CA PHE A 105 7.04 35.53 9.94
C PHE A 105 8.42 35.69 10.56
N GLY A 106 8.48 35.99 11.86
CA GLY A 106 9.74 36.26 12.48
C GLY A 106 10.54 34.99 12.76
N GLN A 107 11.85 35.09 12.55
CA GLN A 107 12.73 33.94 12.74
C GLN A 107 12.74 33.47 14.19
N GLU A 108 12.51 34.37 15.15
CA GLU A 108 12.53 33.95 16.54
C GLU A 108 11.44 32.94 16.84
N ARG A 109 10.32 32.97 16.10
CA ARG A 109 9.27 31.98 16.30
C ARG A 109 9.74 30.60 15.89
N LEU A 110 10.44 30.51 14.76
CA LEU A 110 11.01 29.24 14.33
C LEU A 110 12.03 28.74 15.32
N ASP A 111 12.91 29.63 15.78
CA ASP A 111 13.89 29.28 16.81
C ASP A 111 13.20 28.73 18.06
N ALA A 112 12.13 29.38 18.51
CA ALA A 112 11.43 28.91 19.71
C ALA A 112 10.84 27.53 19.49
N MET A 113 10.17 27.33 18.36
CA MET A 113 9.60 26.01 18.06
C MET A 113 10.67 24.93 18.06
N ALA A 114 11.83 25.22 17.44
CA ALA A 114 12.89 24.21 17.32
C ALA A 114 13.54 23.93 18.67
N SER A 115 13.51 24.89 19.59
CA SER A 115 14.11 24.66 20.90
C SER A 115 13.29 23.71 21.78
N VAL A 116 11.99 23.56 21.52
CA VAL A 116 11.16 22.73 22.38
C VAL A 116 10.61 21.48 21.67
N ALA A 117 10.38 21.52 20.36
CA ALA A 117 9.87 20.34 19.67
C ALA A 117 10.90 19.20 19.72
N THR A 118 10.40 17.97 19.78
CA THR A 118 11.28 16.80 19.78
C THR A 118 11.30 16.11 18.43
N VAL A 119 10.92 16.84 17.37
CA VAL A 119 10.94 16.38 16.00
C VAL A 119 11.55 17.50 15.16
N PRO A 120 12.07 17.18 13.97
CA PRO A 120 12.65 18.22 13.10
C PRO A 120 11.64 19.29 12.74
N VAL A 121 12.10 20.55 12.74
CA VAL A 121 11.34 21.72 12.33
C VAL A 121 11.96 22.27 11.04
N ILE A 122 11.11 22.53 10.05
CA ILE A 122 11.54 23.04 8.74
C ILE A 122 10.89 24.39 8.50
N ASN A 123 11.70 25.37 8.12
CA ASN A 123 11.22 26.68 7.67
C ASN A 123 10.73 26.55 6.25
N ALA A 124 9.40 26.62 6.04
CA ALA A 124 8.82 26.54 4.70
C ALA A 124 8.93 27.86 3.92
N LEU A 125 9.25 28.95 4.60
CA LEU A 125 9.23 30.35 4.18
C LEU A 125 9.08 31.24 5.40
N SER A 126 9.97 32.21 5.57
CA SER A 126 9.88 33.17 6.67
C SER A 126 10.28 34.55 6.17
N ASP A 127 10.16 35.53 7.04
CA ASP A 127 10.54 36.88 6.64
C ASP A 127 12.02 36.94 6.29
N GLU A 128 12.85 36.19 6.99
CA GLU A 128 14.29 36.33 6.85
C GLU A 128 14.92 35.35 5.87
N PHE A 129 14.33 34.16 5.73
CA PHE A 129 14.93 33.12 4.88
C PHE A 129 13.90 32.31 4.09
N HIS A 130 14.35 31.72 2.98
CA HIS A 130 13.50 30.81 2.16
C HIS A 130 14.41 29.65 1.74
N PRO A 131 14.89 28.86 2.71
CA PRO A 131 15.89 27.85 2.42
C PRO A 131 15.47 26.65 1.53
N CYS A 132 14.19 26.31 1.57
CA CYS A 132 13.70 25.23 0.71
C CYS A 132 13.68 25.71 -0.75
N GLN A 133 13.33 26.98 -0.96
CA GLN A 133 13.39 27.47 -2.32
C GLN A 133 14.81 27.39 -2.85
N VAL A 134 15.81 27.71 -2.01
CA VAL A 134 17.15 27.74 -2.54
C VAL A 134 17.69 26.32 -2.77
N LEU A 135 17.25 25.35 -1.96
CA LEU A 135 17.59 23.97 -2.29
C LEU A 135 17.07 23.61 -3.67
N ALA A 136 15.82 24.01 -3.97
CA ALA A 136 15.27 23.72 -5.30
C ALA A 136 16.03 24.47 -6.40
N ASP A 137 16.45 25.71 -6.11
CA ASP A 137 17.28 26.47 -7.06
C ASP A 137 18.61 25.76 -7.32
N LEU A 138 19.29 25.30 -6.26
CA LEU A 138 20.57 24.61 -6.45
C LEU A 138 20.39 23.32 -7.24
N GLN A 139 19.29 22.60 -6.99
CA GLN A 139 19.01 21.37 -7.76
C GLN A 139 18.83 21.71 -9.24
N THR A 140 18.12 22.82 -9.51
CA THR A 140 17.91 23.25 -10.88
C THR A 140 19.22 23.63 -11.54
N ILE A 141 20.06 24.39 -10.84
CA ILE A 141 21.33 24.79 -11.44
C ILE A 141 22.19 23.56 -11.74
N ALA A 142 22.23 22.59 -10.80
CA ALA A 142 23.05 21.40 -11.03
C ALA A 142 22.55 20.58 -12.21
N GLU A 143 21.23 20.52 -12.39
CA GLU A 143 20.62 19.83 -13.52
C GLU A 143 21.12 20.38 -14.84
N ARG A 144 21.21 21.70 -14.93
CA ARG A 144 21.56 22.40 -16.16
C ARG A 144 23.06 22.52 -16.36
N LYS A 145 23.84 22.61 -15.28
CA LYS A 145 25.23 23.04 -15.44
C LYS A 145 26.25 22.10 -14.83
N GLY A 146 25.84 21.10 -14.07
CA GLY A 146 26.76 20.14 -13.50
C GLY A 146 27.24 20.60 -12.13
N ALA A 147 28.55 20.62 -11.93
CA ALA A 147 29.09 20.96 -10.62
C ALA A 147 28.80 22.42 -10.30
N LEU A 148 28.38 22.66 -9.05
CA LEU A 148 28.02 24.00 -8.61
C LEU A 148 29.25 24.80 -8.21
N ARG A 149 30.30 24.12 -7.77
CA ARG A 149 31.46 24.82 -7.23
C ARG A 149 32.07 25.73 -8.30
N GLY A 150 32.28 27.00 -7.95
CA GLY A 150 32.88 27.97 -8.84
C GLY A 150 31.93 28.70 -9.76
N LEU A 151 30.67 28.32 -9.85
CA LEU A 151 29.74 29.08 -10.68
C LEU A 151 29.56 30.48 -10.12
N ARG A 152 29.13 31.40 -10.99
CA ARG A 152 28.86 32.79 -10.62
C ARG A 152 27.36 33.04 -10.70
N LEU A 153 26.75 33.39 -9.56
CA LEU A 153 25.32 33.68 -9.51
C LEU A 153 25.11 35.11 -9.04
N SER A 154 24.21 35.84 -9.71
CA SER A 154 23.86 37.19 -9.32
C SER A 154 22.36 37.29 -9.10
N TYR A 155 21.99 37.88 -7.97
CA TYR A 155 20.61 38.15 -7.60
C TYR A 155 20.38 39.64 -7.72
N PHE A 156 19.19 40.02 -8.22
CA PHE A 156 18.87 41.44 -8.46
C PHE A 156 17.57 41.83 -7.76
N GLY A 157 17.57 43.01 -7.13
CA GLY A 157 16.32 43.54 -6.60
C GLY A 157 16.45 43.92 -5.14
N ASP A 158 15.52 43.50 -4.29
CA ASP A 158 15.58 43.84 -2.88
C ASP A 158 16.60 42.92 -2.22
N GLY A 159 17.74 43.49 -1.80
CA GLY A 159 18.82 42.70 -1.25
C GLY A 159 18.68 42.31 0.19
N ALA A 160 17.60 42.69 0.85
CA ALA A 160 17.40 42.34 2.26
C ALA A 160 16.24 41.38 2.46
N ASN A 161 15.71 40.81 1.39
CA ASN A 161 14.57 39.92 1.56
C ASN A 161 15.03 38.48 1.77
N ASN A 162 14.05 37.59 1.92
CA ASN A 162 14.38 36.21 2.27
C ASN A 162 15.17 35.50 1.17
N MET A 163 14.89 35.79 -0.10
CA MET A 163 15.61 35.14 -1.19
C MET A 163 17.05 35.64 -1.27
N ALA A 164 17.29 36.94 -1.09
CA ALA A 164 18.67 37.42 -1.09
C ALA A 164 19.46 36.74 0.03
N HIS A 165 18.88 36.69 1.23
CA HIS A 165 19.57 36.08 2.36
C HIS A 165 19.85 34.60 2.10
N SER A 166 18.88 33.86 1.56
CA SER A 166 19.08 32.43 1.38
C SER A 166 19.97 32.11 0.18
N LEU A 167 19.93 32.92 -0.86
CA LEU A 167 20.89 32.73 -1.96
C LEU A 167 22.32 32.98 -1.48
N LEU A 168 22.51 34.00 -0.64
CA LEU A 168 23.83 34.17 -0.03
C LEU A 168 24.27 32.92 0.74
N LEU A 169 23.47 32.49 1.72
CA LEU A 169 23.89 31.41 2.61
C LEU A 169 23.93 30.06 1.89
N GLY A 170 22.84 29.71 1.18
CA GLY A 170 22.81 28.43 0.47
C GLY A 170 23.75 28.40 -0.73
N GLY A 171 23.88 29.52 -1.43
CA GLY A 171 24.79 29.57 -2.56
C GLY A 171 26.24 29.36 -2.15
N VAL A 172 26.71 30.11 -1.14
CA VAL A 172 28.12 29.90 -0.78
C VAL A 172 28.34 28.55 -0.13
N THR A 173 27.33 27.96 0.52
CA THR A 173 27.49 26.59 1.03
C THR A 173 27.75 25.60 -0.10
N ALA A 174 27.21 25.88 -1.30
CA ALA A 174 27.46 25.05 -2.47
C ALA A 174 28.73 25.44 -3.21
N GLY A 175 29.46 26.45 -2.74
CA GLY A 175 30.66 26.86 -3.44
C GLY A 175 30.45 27.85 -4.57
N ILE A 176 29.26 28.45 -4.66
CA ILE A 176 28.94 29.43 -5.69
C ILE A 176 29.40 30.82 -5.25
N HIS A 177 29.99 31.57 -6.17
CA HIS A 177 30.30 32.98 -5.92
C HIS A 177 29.02 33.79 -6.08
N VAL A 178 28.51 34.37 -5.00
CA VAL A 178 27.19 35.00 -5.03
C VAL A 178 27.35 36.50 -5.05
N THR A 179 26.64 37.16 -5.97
CA THR A 179 26.57 38.62 -5.98
C THR A 179 25.13 39.05 -5.73
N VAL A 180 24.95 40.03 -4.83
CA VAL A 180 23.65 40.65 -4.62
C VAL A 180 23.75 42.06 -5.19
N ALA A 181 22.90 42.38 -6.17
CA ALA A 181 22.86 43.70 -6.80
C ALA A 181 21.59 44.37 -6.29
N ALA A 182 21.75 45.40 -5.49
CA ALA A 182 20.60 46.04 -4.85
C ALA A 182 20.89 47.51 -4.59
N PRO A 183 19.85 48.35 -4.55
CA PRO A 183 20.05 49.72 -4.23
C PRO A 183 20.43 49.93 -2.76
N GLU A 184 21.14 51.02 -2.50
CA GLU A 184 21.50 51.36 -1.11
C GLU A 184 20.19 51.51 -0.33
N GLY A 185 20.17 51.05 0.89
CA GLY A 185 18.95 51.07 1.70
C GLY A 185 18.26 49.73 1.67
N PHE A 186 18.66 48.88 0.73
CA PHE A 186 17.98 47.58 0.55
C PHE A 186 19.05 46.49 0.51
N LEU A 187 20.00 46.61 1.41
CA LEU A 187 21.13 45.67 1.40
C LEU A 187 20.98 44.52 2.42
N PRO A 188 21.73 43.39 2.25
CA PRO A 188 21.54 42.24 3.15
C PRO A 188 21.77 42.57 4.62
N ASP A 189 21.01 41.91 5.48
CA ASP A 189 21.22 42.01 6.91
C ASP A 189 22.68 41.72 7.27
N PRO A 190 23.32 42.56 8.11
CA PRO A 190 24.76 42.37 8.40
C PRO A 190 25.12 41.04 9.04
N SER A 191 24.28 40.49 9.91
CA SER A 191 24.65 39.20 10.49
C SER A 191 24.52 38.07 9.46
N VAL A 192 23.52 38.15 8.58
CA VAL A 192 23.42 37.15 7.50
C VAL A 192 24.63 37.26 6.57
N ARG A 193 24.97 38.50 6.17
CA ARG A 193 26.12 38.68 5.28
C ARG A 193 27.40 38.14 5.92
N ALA A 194 27.63 38.45 7.20
CA ALA A 194 28.82 37.96 7.88
C ALA A 194 28.84 36.43 7.93
N ALA A 195 27.70 35.82 8.19
CA ALA A 195 27.62 34.35 8.17
C ALA A 195 27.95 33.80 6.81
N ALA A 196 27.46 34.44 5.74
CA ALA A 196 27.74 33.97 4.39
C ALA A 196 29.22 34.15 4.05
N GLU A 197 29.83 35.26 4.47
CA GLU A 197 31.26 35.45 4.22
C GLU A 197 32.10 34.40 4.95
N ARG A 198 31.72 34.06 6.18
CA ARG A 198 32.48 33.05 6.90
C ARG A 198 32.33 31.67 6.25
N ARG A 199 31.10 31.32 5.87
CA ARG A 199 30.86 30.04 5.19
C ARG A 199 31.59 29.99 3.84
N ALA A 200 31.63 31.10 3.11
CA ALA A 200 32.33 31.13 1.83
C ALA A 200 33.81 30.82 1.99
N GLN A 201 34.39 31.21 3.13
CA GLN A 201 35.79 30.85 3.37
C GLN A 201 36.01 29.35 3.31
N ASP A 202 35.06 28.58 3.86
CA ASP A 202 35.19 27.12 3.89
C ASP A 202 35.04 26.46 2.54
N THR A 203 34.37 27.10 1.59
CA THR A 203 34.06 26.46 0.31
C THR A 203 34.81 27.06 -0.87
N GLY A 204 35.62 28.10 -0.65
CA GLY A 204 36.26 28.77 -1.76
C GLY A 204 35.37 29.72 -2.51
N ALA A 205 34.16 29.99 -2.01
CA ALA A 205 33.19 30.86 -2.65
C ALA A 205 33.50 32.31 -2.28
N SER A 206 32.60 33.24 -2.60
CA SER A 206 32.76 34.63 -2.21
C SER A 206 31.39 35.29 -2.14
N VAL A 207 31.35 36.45 -1.49
CA VAL A 207 30.15 37.28 -1.37
C VAL A 207 30.47 38.66 -1.92
N THR A 208 29.64 39.16 -2.83
CA THR A 208 29.76 40.50 -3.38
C THR A 208 28.41 41.19 -3.27
N VAL A 209 28.44 42.46 -2.83
CA VAL A 209 27.21 43.26 -2.76
C VAL A 209 27.50 44.57 -3.48
N THR A 210 26.62 44.93 -4.42
CA THR A 210 26.93 46.05 -5.31
C THR A 210 25.63 46.75 -5.72
N ALA A 211 25.75 48.04 -6.05
CA ALA A 211 24.61 48.74 -6.66
C ALA A 211 24.73 48.80 -8.17
N ASP A 212 25.74 48.14 -8.74
CA ASP A 212 26.03 48.22 -10.18
C ASP A 212 25.45 46.98 -10.85
N ALA A 213 24.20 47.08 -11.32
CA ALA A 213 23.52 45.94 -11.93
C ALA A 213 24.26 45.42 -13.16
N HIS A 214 24.77 46.32 -14.00
CA HIS A 214 25.49 45.87 -15.18
CA HIS A 214 25.54 45.93 -15.18
C HIS A 214 26.73 45.07 -14.80
N ALA A 215 27.47 45.51 -13.79
CA ALA A 215 28.66 44.74 -13.38
C ALA A 215 28.26 43.39 -12.78
N ALA A 216 27.15 43.35 -12.05
CA ALA A 216 26.71 42.07 -11.48
C ALA A 216 26.28 41.08 -12.56
N ALA A 217 25.72 41.57 -13.67
CA ALA A 217 25.28 40.66 -14.73
C ALA A 217 26.44 40.13 -15.56
N ALA A 218 27.48 40.94 -15.74
CA ALA A 218 28.59 40.58 -16.61
C ALA A 218 29.25 39.28 -16.14
N GLY A 219 29.32 38.31 -17.04
CA GLY A 219 29.98 37.04 -16.74
C GLY A 219 29.21 36.10 -15.84
N ALA A 220 27.98 36.42 -15.46
CA ALA A 220 27.26 35.54 -14.56
C ALA A 220 26.80 34.28 -15.27
N ASP A 221 26.79 33.16 -14.53
CA ASP A 221 26.24 31.90 -15.02
C ASP A 221 24.76 31.77 -14.73
N VAL A 222 24.29 32.44 -13.67
CA VAL A 222 22.91 32.34 -13.19
C VAL A 222 22.46 33.74 -12.77
N LEU A 223 21.31 34.18 -13.27
CA LEU A 223 20.70 35.44 -12.84
C LEU A 223 19.39 35.12 -12.14
N VAL A 224 19.14 35.78 -11.00
CA VAL A 224 17.98 35.49 -10.17
C VAL A 224 17.32 36.81 -9.80
N THR A 225 15.98 36.81 -9.73
CA THR A 225 15.32 37.94 -9.09
C THR A 225 14.07 37.43 -8.39
N ASP A 226 13.31 38.37 -7.84
CA ASP A 226 12.17 38.09 -6.99
C ASP A 226 11.32 39.34 -6.96
N THR A 227 10.08 39.22 -6.52
CA THR A 227 9.26 40.44 -6.41
C THR A 227 9.92 41.44 -5.47
N TRP A 228 9.69 42.71 -5.78
CA TRP A 228 10.39 43.78 -5.05
C TRP A 228 9.78 44.04 -3.69
N THR A 229 8.53 43.61 -3.47
CA THR A 229 7.73 43.99 -2.32
C THR A 229 6.91 42.79 -1.88
N SER A 230 7.04 42.42 -0.62
CA SER A 230 6.18 41.41 -0.01
C SER A 230 4.91 42.06 0.55
N MET A 231 3.94 41.22 0.92
CA MET A 231 2.66 41.75 1.40
C MET A 231 2.86 42.66 2.61
N GLY A 232 3.73 42.27 3.53
CA GLY A 232 4.00 43.09 4.70
C GLY A 232 4.61 44.45 4.39
N GLN A 233 5.25 44.59 3.22
CA GLN A 233 5.95 45.82 2.89
C GLN A 233 5.11 46.81 2.09
N GLU A 234 3.90 46.43 1.64
CA GLU A 234 3.09 47.31 0.82
C GLU A 234 2.70 48.58 1.56
N ASN A 235 2.71 48.57 2.89
CA ASN A 235 2.35 49.74 3.68
C ASN A 235 3.56 50.31 4.43
N ASP A 236 4.78 50.05 3.96
CA ASP A 236 5.93 50.53 4.72
C ASP A 236 6.28 51.99 4.42
N GLY A 237 5.57 52.64 3.49
CA GLY A 237 5.77 54.05 3.23
C GLY A 237 6.77 54.36 2.13
N LEU A 238 7.48 53.37 1.61
CA LEU A 238 8.48 53.63 0.59
C LEU A 238 7.89 53.54 -0.81
N ASP A 239 8.55 54.26 -1.72
CA ASP A 239 8.30 54.03 -3.16
C ASP A 239 9.17 52.79 -3.44
N ARG A 240 8.53 51.67 -3.75
CA ARG A 240 9.23 50.40 -3.99
C ARG A 240 9.26 50.05 -5.49
N VAL A 241 9.25 51.07 -6.33
CA VAL A 241 9.41 50.84 -7.79
C VAL A 241 10.65 51.60 -8.25
N LYS A 242 10.68 52.89 -7.97
CA LYS A 242 11.79 53.74 -8.48
C LYS A 242 13.18 53.19 -8.14
N PRO A 243 13.48 52.77 -6.89
CA PRO A 243 14.81 52.30 -6.60
C PRO A 243 15.22 51.03 -7.36
N PHE A 244 14.24 50.25 -7.78
CA PHE A 244 14.55 48.92 -8.34
C PHE A 244 14.52 48.87 -9.87
N ARG A 245 13.96 49.89 -10.52
CA ARG A 245 13.90 49.83 -11.98
C ARG A 245 15.25 49.54 -12.64
N PRO A 246 16.38 50.09 -12.21
CA PRO A 246 17.65 49.73 -12.86
C PRO A 246 18.07 48.29 -12.64
N PHE A 247 17.41 47.56 -11.73
CA PHE A 247 17.77 46.18 -11.42
C PHE A 247 16.82 45.19 -12.07
N GLN A 248 15.95 45.66 -12.97
CA GLN A 248 15.07 44.75 -13.69
C GLN A 248 15.85 43.72 -14.50
N LEU A 249 15.43 42.47 -14.42
CA LEU A 249 16.02 41.40 -15.22
C LEU A 249 15.30 41.40 -16.58
N ASN A 250 15.90 42.08 -17.55
CA ASN A 250 15.36 42.24 -18.89
C ASN A 250 16.38 41.72 -19.90
N SER A 251 16.02 41.77 -21.20
CA SER A 251 16.88 41.15 -22.21
C SER A 251 18.25 41.82 -22.26
N ARG A 252 18.30 43.14 -22.06
CA ARG A 252 19.58 43.83 -22.08
C ARG A 252 20.49 43.33 -20.97
N LEU A 253 19.96 43.17 -19.76
CA LEU A 253 20.76 42.64 -18.66
C LEU A 253 21.21 41.22 -18.95
N LEU A 254 20.28 40.37 -19.40
CA LEU A 254 20.62 38.98 -19.67
C LEU A 254 21.73 38.86 -20.72
N ALA A 255 21.72 39.75 -21.71
CA ALA A 255 22.72 39.67 -22.79
C ALA A 255 24.12 40.01 -22.30
N LEU A 256 24.24 40.63 -21.13
CA LEU A 256 25.55 40.88 -20.53
C LEU A 256 26.16 39.65 -19.88
N ALA A 257 25.35 38.64 -19.55
CA ALA A 257 25.83 37.48 -18.83
C ALA A 257 26.50 36.49 -19.79
N ASP A 258 26.96 35.37 -19.23
CA ASP A 258 27.52 34.31 -20.08
CA ASP A 258 27.51 34.30 -20.06
C ASP A 258 26.48 33.84 -21.08
N SER A 259 26.96 33.40 -22.25
CA SER A 259 26.04 33.03 -23.32
C SER A 259 25.10 31.88 -22.92
N ASP A 260 25.54 31.02 -22.01
CA ASP A 260 24.76 29.89 -21.54
C ASP A 260 24.09 30.15 -20.19
N ALA A 261 23.91 31.42 -19.82
CA ALA A 261 23.36 31.72 -18.49
C ALA A 261 21.90 31.28 -18.39
N ILE A 262 21.48 30.98 -17.17
CA ILE A 262 20.09 30.64 -16.92
C ILE A 262 19.48 31.62 -15.93
N VAL A 263 18.15 31.67 -15.93
CA VAL A 263 17.39 32.65 -15.16
C VAL A 263 16.48 31.92 -14.18
N LEU A 264 16.50 32.34 -12.91
CA LEU A 264 15.65 31.78 -11.87
C LEU A 264 14.78 32.88 -11.25
N HIS A 265 13.65 32.45 -10.70
CA HIS A 265 12.66 33.38 -10.05
C HIS A 265 11.74 32.49 -9.21
N CYS A 266 11.64 32.74 -7.91
CA CYS A 266 10.91 31.81 -7.01
C CYS A 266 9.40 31.73 -7.23
N LEU A 267 8.81 32.71 -7.88
CA LEU A 267 7.34 32.77 -8.13
C LEU A 267 6.59 33.13 -6.83
N PRO A 268 5.53 33.96 -6.90
CA PRO A 268 5.03 34.50 -8.15
C PRO A 268 5.84 35.65 -8.79
N ALA A 269 5.69 35.78 -10.10
CA ALA A 269 6.38 36.87 -10.83
C ALA A 269 5.41 37.97 -11.23
N HIS A 270 5.86 39.20 -11.10
CA HIS A 270 5.11 40.36 -11.56
C HIS A 270 5.77 40.80 -12.86
N ARG A 271 5.31 40.24 -13.96
CA ARG A 271 5.92 40.52 -15.25
C ARG A 271 5.82 42.00 -15.57
N GLY A 272 6.93 42.57 -16.05
CA GLY A 272 7.02 43.99 -16.28
C GLY A 272 7.69 44.77 -15.17
N ASP A 273 7.74 44.22 -13.95
CA ASP A 273 8.50 44.83 -12.85
C ASP A 273 9.87 44.21 -12.76
N GLU A 274 10.04 43.18 -11.92
CA GLU A 274 11.40 42.69 -11.69
C GLU A 274 11.93 41.83 -12.84
N ILE A 275 11.05 41.39 -13.75
CA ILE A 275 11.45 40.52 -14.85
C ILE A 275 10.50 40.81 -16.01
N THR A 276 10.99 40.67 -17.24
CA THR A 276 10.14 40.90 -18.40
C THR A 276 9.63 39.57 -18.99
N ASP A 277 8.54 39.65 -19.73
CA ASP A 277 8.00 38.45 -20.40
C ASP A 277 9.08 37.77 -21.26
N ALA A 278 9.85 38.55 -22.00
CA ALA A 278 10.84 37.97 -22.92
C ALA A 278 11.85 37.08 -22.19
N VAL A 279 12.27 37.53 -21.02
CA VAL A 279 13.27 36.73 -20.26
C VAL A 279 12.56 35.55 -19.59
N MET A 280 11.41 35.79 -18.99
CA MET A 280 10.70 34.74 -18.22
C MET A 280 10.23 33.61 -19.14
N ASP A 281 9.84 33.95 -20.37
CA ASP A 281 9.26 32.95 -21.28
C ASP A 281 10.32 32.55 -22.32
N GLY A 282 11.53 33.02 -22.11
CA GLY A 282 12.59 32.78 -23.07
C GLY A 282 13.46 31.54 -22.87
N PRO A 283 14.47 31.26 -23.72
CA PRO A 283 15.23 30.00 -23.63
C PRO A 283 16.16 29.91 -22.44
N ALA A 284 16.49 31.03 -21.77
CA ALA A 284 17.35 30.98 -20.59
C ALA A 284 16.57 30.71 -19.31
N SER A 285 15.25 30.84 -19.35
CA SER A 285 14.45 30.70 -18.14
C SER A 285 14.36 29.25 -17.67
N ALA A 286 14.70 29.03 -16.41
CA ALA A 286 14.53 27.72 -15.78
C ALA A 286 13.43 27.75 -14.70
N VAL A 287 12.53 28.72 -14.76
CA VAL A 287 11.60 28.95 -13.63
C VAL A 287 10.63 27.80 -13.44
N TRP A 288 10.25 27.10 -14.51
CA TRP A 288 9.23 26.07 -14.31
C TRP A 288 9.86 24.80 -13.72
N ASP A 289 11.06 24.44 -14.21
CA ASP A 289 11.80 23.35 -13.60
C ASP A 289 12.11 23.65 -12.14
N GLU A 290 12.43 24.91 -11.85
CA GLU A 290 12.73 25.35 -10.50
C GLU A 290 11.53 25.14 -9.58
N ALA A 291 10.34 25.51 -10.05
CA ALA A 291 9.12 25.28 -9.28
C ALA A 291 8.88 23.80 -9.06
N GLU A 292 9.05 22.98 -10.10
CA GLU A 292 8.88 21.53 -9.92
C GLU A 292 9.83 21.00 -8.85
N ASN A 293 11.08 21.46 -8.86
CA ASN A 293 12.07 20.93 -7.94
C ASN A 293 11.82 21.31 -6.48
N ARG A 294 10.89 22.22 -6.18
CA ARG A 294 10.48 22.34 -4.78
C ARG A 294 10.01 20.99 -4.25
N LEU A 295 9.27 20.23 -5.08
CA LEU A 295 8.76 18.94 -4.61
C LEU A 295 9.92 17.99 -4.27
N HIS A 296 10.90 17.87 -5.18
CA HIS A 296 11.95 16.88 -5.01
C HIS A 296 12.93 17.29 -3.92
N ALA A 297 13.30 18.58 -3.90
CA ALA A 297 14.30 19.03 -2.92
C ALA A 297 13.75 18.98 -1.49
N GLN A 298 12.46 19.32 -1.31
CA GLN A 298 11.88 19.24 0.02
C GLN A 298 11.72 17.79 0.48
N LYS A 299 11.40 16.88 -0.43
CA LYS A 299 11.33 15.46 -0.01
C LYS A 299 12.71 15.00 0.48
N ALA A 300 13.73 15.36 -0.28
CA ALA A 300 15.11 14.94 0.08
C ALA A 300 15.47 15.47 1.48
N LEU A 301 15.17 16.73 1.70
CA LEU A 301 15.48 17.34 3.01
C LEU A 301 14.79 16.57 4.15
N LEU A 302 13.52 16.29 3.97
CA LEU A 302 12.77 15.58 5.03
C LEU A 302 13.38 14.19 5.24
N VAL A 303 13.64 13.47 4.15
CA VAL A 303 14.29 12.15 4.30
C VAL A 303 15.58 12.31 5.11
N TRP A 304 16.38 13.29 4.72
CA TRP A 304 17.67 13.47 5.36
C TRP A 304 17.52 13.84 6.84
N LEU A 305 16.62 14.78 7.15
CA LEU A 305 16.42 15.18 8.54
C LEU A 305 15.87 14.04 9.38
N LEU A 306 14.92 13.30 8.83
CA LEU A 306 14.30 12.22 9.60
C LEU A 306 15.31 11.13 9.93
N GLU A 307 16.20 10.81 9.00
CA GLU A 307 17.18 9.77 9.28
C GLU A 307 18.24 10.24 10.24
N ARG A 308 18.43 11.57 10.39
CA ARG A 308 19.44 12.10 11.32
C ARG A 308 18.86 12.44 12.69
N SER A 309 17.55 12.24 12.89
CA SER A 309 16.89 12.76 14.10
C SER A 309 16.07 11.70 14.84
N VAL B 3 -3.58 16.87 -27.70
CA VAL B 3 -3.54 15.50 -27.21
C VAL B 3 -4.06 15.41 -25.76
N ILE B 4 -3.91 16.48 -24.98
CA ILE B 4 -4.52 16.53 -23.65
C ILE B 4 -6.01 16.77 -23.79
N ARG B 5 -6.81 15.87 -23.23
CA ARG B 5 -8.26 15.99 -23.26
C ARG B 5 -8.76 16.70 -21.99
N HIS B 6 -9.71 17.61 -22.17
CA HIS B 6 -10.34 18.34 -21.08
CA HIS B 6 -10.33 18.29 -21.05
C HIS B 6 -11.83 18.01 -21.04
N PHE B 7 -12.48 18.32 -19.92
CA PHE B 7 -13.92 18.08 -19.81
C PHE B 7 -14.53 19.32 -19.14
N LEU B 8 -14.92 20.29 -19.98
CA LEU B 8 -15.39 21.58 -19.49
C LEU B 8 -16.88 21.75 -19.69
N ARG B 9 -17.41 20.97 -20.63
CA ARG B 9 -18.85 20.98 -20.97
C ARG B 9 -19.19 19.56 -21.46
N ASP B 10 -20.45 19.19 -21.36
CA ASP B 10 -20.88 17.80 -21.64
C ASP B 10 -20.50 17.32 -23.04
N ASP B 11 -20.61 18.21 -24.02
CA ASP B 11 -20.36 17.83 -25.43
C ASP B 11 -18.87 17.70 -25.71
N ASP B 12 -18.04 17.92 -24.71
CA ASP B 12 -16.62 17.63 -24.93
C ASP B 12 -16.39 16.14 -25.18
N LEU B 13 -17.31 15.28 -24.73
CA LEU B 13 -17.30 13.88 -25.08
C LEU B 13 -18.23 13.65 -26.26
N SER B 14 -17.76 12.88 -27.24
CA SER B 14 -18.63 12.39 -28.30
C SER B 14 -19.62 11.39 -27.71
N PRO B 15 -20.68 11.03 -28.44
CA PRO B 15 -21.56 9.95 -27.97
C PRO B 15 -20.81 8.67 -27.62
N ALA B 16 -19.87 8.26 -28.46
CA ALA B 16 -19.13 7.02 -28.21
C ALA B 16 -18.26 7.15 -26.97
N GLU B 17 -17.62 8.31 -26.80
CA GLU B 17 -16.76 8.53 -25.63
C GLU B 17 -17.58 8.59 -24.36
N GLN B 18 -18.74 9.26 -24.40
CA GLN B 18 -19.60 9.30 -23.23
C GLN B 18 -20.05 7.90 -22.81
N ALA B 19 -20.36 7.05 -23.78
CA ALA B 19 -20.74 5.68 -23.47
C ALA B 19 -19.61 4.92 -22.80
N GLU B 20 -18.36 5.16 -23.24
CA GLU B 20 -17.21 4.53 -22.59
C GLU B 20 -17.09 4.96 -21.13
N VAL B 21 -17.24 6.27 -20.86
CA VAL B 21 -17.14 6.77 -19.49
C VAL B 21 -18.24 6.19 -18.61
N LEU B 22 -19.46 6.11 -19.13
CA LEU B 22 -20.56 5.58 -18.33
C LEU B 22 -20.40 4.08 -18.08
N GLU B 23 -19.85 3.34 -19.05
CA GLU B 23 -19.55 1.94 -18.80
C GLU B 23 -18.50 1.80 -17.72
N LEU B 24 -17.47 2.66 -17.75
CA LEU B 24 -16.44 2.61 -16.74
C LEU B 24 -17.01 2.96 -15.37
N ALA B 25 -17.97 3.89 -15.33
CA ALA B 25 -18.59 4.26 -14.06
C ALA B 25 -19.29 3.07 -13.44
N ALA B 26 -19.99 2.29 -14.27
CA ALA B 26 -20.64 1.09 -13.77
C ALA B 26 -19.63 0.08 -13.24
N GLU B 27 -18.51 -0.11 -13.95
CA GLU B 27 -17.46 -1.04 -13.52
C GLU B 27 -16.82 -0.59 -12.21
N LEU B 28 -16.60 0.71 -12.06
CA LEU B 28 -15.99 1.24 -10.85
C LEU B 28 -16.94 1.19 -9.67
N LYS B 29 -18.24 1.34 -9.91
CA LYS B 29 -19.19 1.19 -8.81
C LYS B 29 -19.12 -0.23 -8.24
N LYS B 30 -18.91 -1.22 -9.10
CA LYS B 30 -18.81 -2.61 -8.65
C LYS B 30 -17.47 -2.88 -7.95
N ASP B 31 -16.37 -2.30 -8.46
CA ASP B 31 -15.01 -2.60 -8.01
C ASP B 31 -14.27 -1.27 -7.80
N PRO B 32 -14.52 -0.61 -6.66
CA PRO B 32 -14.12 0.80 -6.53
C PRO B 32 -12.64 1.06 -6.37
N VAL B 33 -11.82 0.05 -6.08
CA VAL B 33 -10.39 0.29 -5.96
C VAL B 33 -9.61 -0.55 -6.98
N SER B 34 -10.29 -0.99 -8.03
CA SER B 34 -9.65 -1.83 -9.05
C SER B 34 -8.84 -1.02 -10.06
N ARG B 35 -8.99 0.30 -10.11
CA ARG B 35 -8.28 1.13 -11.07
C ARG B 35 -7.40 2.08 -10.28
N ARG B 36 -6.08 2.01 -10.49
CA ARG B 36 -5.13 2.80 -9.70
C ARG B 36 -4.18 3.59 -10.60
N PRO B 37 -4.71 4.42 -11.51
CA PRO B 37 -3.82 5.20 -12.39
C PRO B 37 -3.05 6.26 -11.66
N LEU B 38 -3.45 6.60 -10.43
CA LEU B 38 -2.75 7.63 -9.67
C LEU B 38 -1.91 7.05 -8.55
N GLN B 39 -1.68 5.73 -8.57
CA GLN B 39 -0.89 5.08 -7.53
C GLN B 39 0.48 5.75 -7.37
N GLY B 40 0.92 5.87 -6.12
CA GLY B 40 2.14 6.61 -5.84
C GLY B 40 2.25 7.09 -4.41
N PRO B 41 1.45 8.11 -4.03
CA PRO B 41 0.40 8.73 -4.86
C PRO B 41 0.88 9.79 -5.83
N ARG B 42 0.20 9.90 -6.96
CA ARG B 42 0.25 11.07 -7.83
C ARG B 42 -0.79 12.08 -7.35
N GLY B 43 -0.55 13.38 -7.63
CA GLY B 43 -1.46 14.41 -7.17
C GLY B 43 -2.57 14.75 -8.16
N VAL B 44 -3.68 15.27 -7.62
CA VAL B 44 -4.74 15.91 -8.42
C VAL B 44 -5.12 17.19 -7.70
N ALA B 45 -5.13 18.33 -8.40
CA ALA B 45 -5.56 19.58 -7.78
C ALA B 45 -7.09 19.64 -7.79
N VAL B 46 -7.68 20.03 -6.66
CA VAL B 46 -9.13 20.19 -6.54
C VAL B 46 -9.33 21.58 -5.96
N ILE B 47 -9.67 22.54 -6.82
CA ILE B 47 -9.65 23.97 -6.49
C ILE B 47 -11.06 24.51 -6.53
N PHE B 48 -11.47 25.18 -5.46
CA PHE B 48 -12.80 25.81 -5.38
C PHE B 48 -12.68 27.31 -5.29
N ASP B 49 -13.23 28.02 -6.27
CA ASP B 49 -13.36 29.47 -6.13
C ASP B 49 -14.50 29.83 -5.19
N LYS B 50 -15.44 28.90 -5.02
CA LYS B 50 -16.55 28.96 -4.07
C LYS B 50 -16.75 27.54 -3.57
N ASN B 51 -16.83 27.39 -2.26
CA ASN B 51 -16.87 26.05 -1.68
C ASN B 51 -18.11 25.30 -2.13
N SER B 52 -17.94 23.99 -2.35
CA SER B 52 -19.10 23.12 -2.55
C SER B 52 -18.74 21.82 -1.85
N THR B 53 -19.21 21.68 -0.63
CA THR B 53 -18.85 20.52 0.20
C THR B 53 -19.20 19.19 -0.47
N ARG B 54 -20.40 19.07 -1.02
CA ARG B 54 -20.83 17.84 -1.74
C ARG B 54 -19.84 17.49 -2.86
N THR B 55 -19.36 18.50 -3.58
CA THR B 55 -18.41 18.27 -4.71
C THR B 55 -17.05 17.86 -4.16
N ARG B 56 -16.66 18.41 -3.02
CA ARG B 56 -15.37 18.05 -2.38
C ARG B 56 -15.39 16.58 -1.98
N PHE B 57 -16.44 16.16 -1.27
CA PHE B 57 -16.47 14.78 -0.85
C PHE B 57 -16.27 13.84 -2.03
N SER B 58 -17.06 14.04 -3.07
CA SER B 58 -17.06 13.04 -4.12
C SER B 58 -15.73 13.04 -4.85
N PHE B 59 -15.17 14.22 -5.14
CA PHE B 59 -13.90 14.24 -5.87
C PHE B 59 -12.75 13.78 -4.99
N GLU B 60 -12.70 14.25 -3.76
CA GLU B 60 -11.56 13.95 -2.89
C GLU B 60 -11.46 12.46 -2.62
N LEU B 61 -12.58 11.82 -2.29
CA LEU B 61 -12.55 10.38 -2.03
C LEU B 61 -12.31 9.60 -3.31
N GLY B 62 -12.88 10.07 -4.42
CA GLY B 62 -12.69 9.35 -5.67
C GLY B 62 -11.24 9.32 -6.08
N ILE B 63 -10.55 10.45 -5.94
CA ILE B 63 -9.13 10.52 -6.29
C ILE B 63 -8.34 9.59 -5.38
N ALA B 64 -8.67 9.58 -4.09
CA ALA B 64 -7.97 8.68 -3.17
C ALA B 64 -8.16 7.22 -3.58
N GLN B 65 -9.35 6.86 -4.06
CA GLN B 65 -9.63 5.47 -4.41
C GLN B 65 -9.01 5.08 -5.75
N LEU B 66 -8.53 6.06 -6.52
CA LEU B 66 -7.70 5.82 -7.68
C LEU B 66 -6.23 5.74 -7.31
N GLY B 67 -5.91 5.80 -6.01
CA GLY B 67 -4.55 5.73 -5.52
C GLY B 67 -3.86 7.08 -5.37
N GLY B 68 -4.55 8.17 -5.67
CA GLY B 68 -3.92 9.48 -5.72
C GLY B 68 -4.12 10.26 -4.44
N HIS B 69 -3.56 11.46 -4.44
CA HIS B 69 -3.72 12.41 -3.35
C HIS B 69 -4.30 13.71 -3.86
N ALA B 70 -5.51 14.06 -3.41
CA ALA B 70 -6.13 15.31 -3.79
C ALA B 70 -5.57 16.42 -2.93
N VAL B 71 -5.09 17.48 -3.57
CA VAL B 71 -4.71 18.71 -2.88
C VAL B 71 -5.89 19.65 -3.02
N VAL B 72 -6.63 19.86 -1.93
CA VAL B 72 -7.88 20.60 -1.95
C VAL B 72 -7.61 22.03 -1.53
N VAL B 73 -7.97 22.97 -2.40
CA VAL B 73 -7.81 24.40 -2.15
C VAL B 73 -9.21 25.00 -2.07
N ASP B 74 -9.63 25.39 -0.87
CA ASP B 74 -10.97 25.96 -0.69
C ASP B 74 -10.97 27.47 -0.95
N SER B 75 -12.16 28.08 -0.90
CA SER B 75 -12.30 29.47 -1.32
C SER B 75 -11.58 30.42 -0.38
N GLY B 76 -11.40 30.03 0.88
CA GLY B 76 -10.58 30.79 1.80
C GLY B 76 -9.29 31.29 1.14
N SER B 77 -8.51 30.36 0.59
CA SER B 77 -7.29 30.71 -0.13
C SER B 77 -7.52 31.82 -1.15
N THR B 78 -6.44 32.58 -1.43
CA THR B 78 -6.44 33.65 -2.47
C THR B 78 -6.91 33.05 -3.79
N GLN B 79 -7.71 33.80 -4.54
CA GLN B 79 -8.27 33.25 -5.79
C GLN B 79 -7.19 32.89 -6.82
N LEU B 80 -7.40 31.79 -7.55
CA LEU B 80 -6.50 31.40 -8.66
C LEU B 80 -6.50 32.57 -9.63
N GLY B 81 -5.34 33.17 -9.90
CA GLY B 81 -5.25 34.27 -10.88
C GLY B 81 -5.13 35.64 -10.23
N ARG B 82 -5.31 35.73 -8.92
CA ARG B 82 -5.13 37.01 -8.22
C ARG B 82 -3.65 37.34 -8.03
N ASP B 83 -2.82 36.34 -7.69
CA ASP B 83 -1.41 36.56 -7.35
C ASP B 83 -0.47 36.39 -8.52
N GLU B 84 -0.90 35.70 -9.58
CA GLU B 84 -0.10 35.48 -10.77
C GLU B 84 -1.08 35.12 -11.88
N THR B 85 -0.61 35.17 -13.13
CA THR B 85 -1.52 34.91 -14.23
C THR B 85 -2.03 33.48 -14.12
N LEU B 86 -3.27 33.25 -14.56
CA LEU B 86 -3.72 31.86 -14.67
C LEU B 86 -2.77 31.03 -15.48
N GLN B 87 -2.13 31.62 -16.49
CA GLN B 87 -1.21 30.85 -17.33
C GLN B 87 -0.02 30.37 -16.51
N ASP B 88 0.58 31.26 -15.70
CA ASP B 88 1.69 30.85 -14.84
C ASP B 88 1.24 29.80 -13.82
N THR B 89 0.05 29.98 -13.22
CA THR B 89 -0.45 28.97 -12.29
C THR B 89 -0.63 27.61 -12.94
N ALA B 90 -1.21 27.58 -14.14
CA ALA B 90 -1.39 26.32 -14.86
C ALA B 90 -0.08 25.63 -15.14
N LYS B 91 0.96 26.41 -15.43
CA LYS B 91 2.27 25.84 -15.73
C LYS B 91 2.86 25.19 -14.48
N VAL B 92 2.70 25.85 -13.33
CA VAL B 92 3.23 25.29 -12.09
C VAL B 92 2.40 24.08 -11.65
N LEU B 93 1.06 24.18 -11.72
CA LEU B 93 0.24 23.05 -11.32
C LEU B 93 0.57 21.82 -12.14
N SER B 94 0.83 22.02 -13.42
CA SER B 94 1.14 20.88 -14.31
C SER B 94 2.44 20.18 -13.92
N ARG B 95 3.31 20.82 -13.13
CA ARG B 95 4.50 20.14 -12.62
C ARG B 95 4.25 19.37 -11.32
N TYR B 96 3.14 19.64 -10.62
CA TYR B 96 2.86 18.97 -9.36
C TYR B 96 1.77 17.91 -9.45
N VAL B 97 0.80 18.06 -10.36
CA VAL B 97 -0.37 17.18 -10.36
C VAL B 97 -0.59 16.63 -11.76
N ASP B 98 -1.38 15.55 -11.82
CA ASP B 98 -1.71 14.87 -13.07
C ASP B 98 -3.05 15.31 -13.65
N ALA B 99 -3.84 16.09 -12.93
CA ALA B 99 -5.12 16.60 -13.45
C ALA B 99 -5.53 17.76 -12.55
N ILE B 100 -6.36 18.64 -13.10
CA ILE B 100 -6.83 19.82 -12.38
C ILE B 100 -8.35 19.80 -12.38
N VAL B 101 -8.94 19.70 -11.19
CA VAL B 101 -10.40 19.76 -11.02
C VAL B 101 -10.72 21.14 -10.48
N TRP B 102 -11.62 21.87 -11.15
CA TRP B 102 -11.78 23.29 -10.80
C TRP B 102 -13.24 23.68 -10.80
N ARG B 103 -13.68 24.28 -9.69
CA ARG B 103 -15.02 24.88 -9.58
C ARG B 103 -14.81 26.38 -9.68
N THR B 104 -15.24 26.98 -10.78
CA THR B 104 -15.09 28.42 -10.96
C THR B 104 -16.40 28.95 -11.52
N PHE B 105 -16.41 30.19 -11.98
CA PHE B 105 -17.68 30.79 -12.36
C PHE B 105 -17.81 30.86 -13.87
N GLY B 106 -17.11 31.80 -14.48
CA GLY B 106 -17.25 32.01 -15.91
C GLY B 106 -16.54 30.93 -16.72
N GLN B 107 -17.14 30.57 -17.85
CA GLN B 107 -16.52 29.59 -18.73
C GLN B 107 -15.19 30.07 -19.30
N GLU B 108 -14.98 31.39 -19.44
CA GLU B 108 -13.74 31.80 -20.10
C GLU B 108 -12.54 31.51 -19.19
N ARG B 109 -12.73 31.46 -17.87
CA ARG B 109 -11.64 31.05 -16.99
C ARG B 109 -11.25 29.59 -17.20
N LEU B 110 -12.25 28.69 -17.26
CA LEU B 110 -11.95 27.29 -17.57
C LEU B 110 -11.23 27.16 -18.90
N ASP B 111 -11.73 27.85 -19.93
CA ASP B 111 -11.09 27.78 -21.25
C ASP B 111 -9.65 28.26 -21.16
N ALA B 112 -9.40 29.35 -20.40
CA ALA B 112 -8.04 29.86 -20.30
C ALA B 112 -7.10 28.86 -19.63
N MET B 113 -7.56 28.20 -18.57
CA MET B 113 -6.71 27.22 -17.90
C MET B 113 -6.41 26.05 -18.83
N ALA B 114 -7.44 25.55 -19.52
CA ALA B 114 -7.28 24.38 -20.37
C ALA B 114 -6.43 24.66 -21.60
N SER B 115 -6.35 25.91 -22.05
CA SER B 115 -5.52 26.18 -23.21
C SER B 115 -4.03 26.10 -22.89
N VAL B 116 -3.67 26.20 -21.61
CA VAL B 116 -2.28 26.28 -21.19
C VAL B 116 -1.83 25.03 -20.43
N ALA B 117 -2.69 24.45 -19.60
CA ALA B 117 -2.28 23.32 -18.77
C ALA B 117 -1.91 22.11 -19.64
N THR B 118 -0.87 21.38 -19.23
CA THR B 118 -0.48 20.16 -19.92
C THR B 118 -1.00 18.91 -19.22
N VAL B 119 -2.03 19.06 -18.39
CA VAL B 119 -2.76 17.96 -17.77
C VAL B 119 -4.24 18.23 -17.96
N PRO B 120 -5.09 17.20 -17.89
CA PRO B 120 -6.52 17.41 -18.10
C PRO B 120 -7.13 18.34 -17.06
N VAL B 121 -8.04 19.19 -17.52
CA VAL B 121 -8.81 20.11 -16.68
C VAL B 121 -10.28 19.66 -16.70
N ILE B 122 -10.87 19.56 -15.51
CA ILE B 122 -12.25 19.11 -15.33
C ILE B 122 -13.04 20.24 -14.67
N ASN B 123 -14.17 20.58 -15.27
CA ASN B 123 -15.15 21.51 -14.72
C ASN B 123 -15.94 20.77 -13.64
N ALA B 124 -15.63 21.08 -12.36
CA ALA B 124 -16.32 20.46 -11.23
C ALA B 124 -17.75 20.95 -11.10
N LEU B 125 -18.02 22.17 -11.58
CA LEU B 125 -19.28 22.89 -11.47
C LEU B 125 -18.98 24.32 -11.89
N SER B 126 -19.76 24.92 -12.77
CA SER B 126 -19.52 26.30 -13.19
C SER B 126 -20.85 27.02 -13.34
N ASP B 127 -20.80 28.30 -13.74
CA ASP B 127 -22.05 29.04 -13.93
C ASP B 127 -22.85 28.46 -15.08
N GLU B 128 -22.16 28.06 -16.16
CA GLU B 128 -22.84 27.68 -17.39
C GLU B 128 -23.13 26.18 -17.50
N PHE B 129 -22.29 25.35 -16.87
CA PHE B 129 -22.44 23.88 -17.02
C PHE B 129 -22.15 23.13 -15.72
N HIS B 130 -22.71 21.92 -15.61
CA HIS B 130 -22.44 21.03 -14.47
C HIS B 130 -22.32 19.63 -15.08
N PRO B 131 -21.30 19.41 -15.92
CA PRO B 131 -21.22 18.17 -16.67
C PRO B 131 -21.00 16.90 -15.84
N CYS B 132 -20.36 17.04 -14.70
CA CYS B 132 -20.08 15.84 -13.87
C CYS B 132 -21.39 15.38 -13.23
N GLN B 133 -22.24 16.33 -12.84
CA GLN B 133 -23.54 15.92 -12.29
C GLN B 133 -24.33 15.15 -13.34
N VAL B 134 -24.29 15.61 -14.59
CA VAL B 134 -25.09 14.91 -15.60
C VAL B 134 -24.49 13.54 -15.91
N LEU B 135 -23.17 13.36 -15.84
CA LEU B 135 -22.66 11.98 -15.91
C LEU B 135 -23.25 11.12 -14.81
N ALA B 136 -23.31 11.65 -13.57
CA ALA B 136 -23.89 10.87 -12.48
C ALA B 136 -25.37 10.58 -12.73
N ASP B 137 -26.09 11.58 -13.26
CA ASP B 137 -27.51 11.38 -13.60
C ASP B 137 -27.68 10.27 -14.64
N LEU B 138 -26.88 10.32 -15.70
CA LEU B 138 -26.98 9.31 -16.76
C LEU B 138 -26.63 7.92 -16.25
N GLN B 139 -25.61 7.82 -15.37
CA GLN B 139 -25.34 6.54 -14.71
C GLN B 139 -26.55 6.05 -13.95
N THR B 140 -27.22 6.95 -13.22
CA THR B 140 -28.38 6.57 -12.41
C THR B 140 -29.53 6.09 -13.27
N ILE B 141 -29.81 6.82 -14.36
CA ILE B 141 -30.87 6.41 -15.29
C ILE B 141 -30.54 5.03 -15.88
N ALA B 142 -29.31 4.85 -16.35
CA ALA B 142 -28.93 3.59 -16.98
C ALA B 142 -29.10 2.41 -16.02
N GLU B 143 -28.67 2.56 -14.77
CA GLU B 143 -28.69 1.40 -13.90
C GLU B 143 -30.12 1.01 -13.54
N ARG B 144 -31.07 1.94 -13.67
CA ARG B 144 -32.47 1.64 -13.41
C ARG B 144 -33.27 1.30 -14.67
N LYS B 145 -32.87 1.79 -15.84
CA LYS B 145 -33.64 1.54 -17.04
C LYS B 145 -32.89 0.92 -18.22
N GLY B 146 -31.60 0.65 -18.09
CA GLY B 146 -30.85 0.07 -19.19
C GLY B 146 -30.42 1.08 -20.23
N ALA B 147 -30.81 0.84 -21.47
CA ALA B 147 -30.40 1.70 -22.57
C ALA B 147 -30.97 3.11 -22.40
N LEU B 148 -30.12 4.11 -22.63
CA LEU B 148 -30.55 5.50 -22.54
C LEU B 148 -31.19 5.99 -23.83
N ARG B 149 -30.77 5.45 -24.97
CA ARG B 149 -31.24 5.92 -26.26
C ARG B 149 -32.77 5.86 -26.32
N GLY B 150 -33.39 6.96 -26.68
CA GLY B 150 -34.84 7.00 -26.86
C GLY B 150 -35.66 7.37 -25.64
N LEU B 151 -35.07 7.39 -24.45
CA LEU B 151 -35.82 7.81 -23.27
C LEU B 151 -36.25 9.27 -23.41
N ARG B 152 -37.23 9.67 -22.61
CA ARG B 152 -37.72 11.03 -22.56
C ARG B 152 -37.38 11.62 -21.21
N LEU B 153 -36.63 12.72 -21.19
CA LEU B 153 -36.25 13.39 -19.95
C LEU B 153 -36.77 14.81 -19.99
N SER B 154 -37.39 15.24 -18.89
CA SER B 154 -37.86 16.61 -18.74
C SER B 154 -37.25 17.24 -17.50
N TYR B 155 -36.67 18.42 -17.69
CA TYR B 155 -36.18 19.26 -16.62
C TYR B 155 -37.16 20.40 -16.38
N PHE B 156 -37.42 20.69 -15.10
CA PHE B 156 -38.42 21.67 -14.70
C PHE B 156 -37.78 22.78 -13.86
N GLY B 157 -38.13 24.02 -14.17
CA GLY B 157 -37.76 25.13 -13.31
C GLY B 157 -36.96 26.20 -14.03
N ASP B 158 -35.78 26.52 -13.49
CA ASP B 158 -34.91 27.54 -14.06
C ASP B 158 -34.20 26.94 -15.27
N GLY B 159 -34.68 27.25 -16.47
CA GLY B 159 -34.10 26.68 -17.68
C GLY B 159 -32.86 27.38 -18.18
N ALA B 160 -32.38 28.37 -17.44
CA ALA B 160 -31.20 29.12 -17.83
C ALA B 160 -29.96 28.71 -17.05
N ASN B 161 -30.08 27.77 -16.13
CA ASN B 161 -28.97 27.47 -15.23
C ASN B 161 -28.08 26.36 -15.76
N ASN B 162 -27.05 26.02 -14.97
CA ASN B 162 -26.06 25.06 -15.41
C ASN B 162 -26.63 23.67 -15.60
N MET B 163 -27.62 23.26 -14.79
CA MET B 163 -28.20 21.93 -14.95
C MET B 163 -29.05 21.84 -16.22
N ALA B 164 -29.80 22.90 -16.54
CA ALA B 164 -30.57 22.88 -17.78
C ALA B 164 -29.66 22.76 -18.99
N HIS B 165 -28.56 23.53 -19.01
CA HIS B 165 -27.63 23.44 -20.12
C HIS B 165 -26.99 22.06 -20.23
N SER B 166 -26.57 21.51 -19.09
CA SER B 166 -25.87 20.23 -19.13
C SER B 166 -26.82 19.06 -19.41
N LEU B 167 -28.05 19.13 -18.91
CA LEU B 167 -29.00 18.07 -19.26
C LEU B 167 -29.32 18.11 -20.76
N LEU B 168 -29.41 19.30 -21.35
CA LEU B 168 -29.56 19.39 -22.80
C LEU B 168 -28.37 18.74 -23.52
N LEU B 169 -27.14 19.15 -23.20
CA LEU B 169 -26.01 18.68 -23.98
C LEU B 169 -25.68 17.22 -23.68
N GLY B 170 -25.57 16.89 -22.38
CA GLY B 170 -25.27 15.52 -22.02
C GLY B 170 -26.42 14.58 -22.36
N GLY B 171 -27.65 15.05 -22.20
CA GLY B 171 -28.80 14.24 -22.52
C GLY B 171 -28.85 13.86 -23.99
N VAL B 172 -28.75 14.86 -24.88
CA VAL B 172 -28.84 14.51 -26.31
C VAL B 172 -27.61 13.73 -26.74
N THR B 173 -26.48 13.90 -26.06
CA THR B 173 -25.31 13.08 -26.37
C THR B 173 -25.57 11.60 -26.11
N ALA B 174 -26.41 11.28 -25.12
CA ALA B 174 -26.78 9.90 -24.81
C ALA B 174 -27.96 9.40 -25.62
N GLY B 175 -28.52 10.21 -26.51
CA GLY B 175 -29.67 9.81 -27.30
C GLY B 175 -31.02 10.05 -26.64
N ILE B 176 -31.04 10.83 -25.56
CA ILE B 176 -32.25 11.11 -24.80
C ILE B 176 -32.96 12.31 -25.43
N HIS B 177 -34.27 12.20 -25.56
CA HIS B 177 -35.10 13.33 -25.99
C HIS B 177 -35.29 14.25 -24.80
N VAL B 178 -34.70 15.46 -24.84
CA VAL B 178 -34.67 16.35 -23.69
C VAL B 178 -35.69 17.48 -23.84
N THR B 179 -36.48 17.71 -22.79
CA THR B 179 -37.40 18.84 -22.70
C THR B 179 -37.01 19.70 -21.50
N VAL B 180 -36.87 21.00 -21.72
CA VAL B 180 -36.75 21.97 -20.65
C VAL B 180 -38.09 22.68 -20.50
N ALA B 181 -38.66 22.63 -19.30
CA ALA B 181 -39.92 23.28 -18.98
C ALA B 181 -39.61 24.42 -18.02
N ALA B 182 -39.80 25.66 -18.49
CA ALA B 182 -39.29 26.83 -17.78
C ALA B 182 -40.13 28.05 -18.16
N PRO B 183 -40.24 29.03 -17.28
CA PRO B 183 -40.94 30.29 -17.61
C PRO B 183 -40.10 31.20 -18.50
N GLU B 184 -40.78 32.20 -19.09
CA GLU B 184 -40.20 32.91 -20.23
C GLU B 184 -38.92 33.69 -19.89
N GLY B 185 -38.76 34.16 -18.67
CA GLY B 185 -37.48 34.86 -18.50
C GLY B 185 -36.28 33.99 -18.16
N PHE B 186 -36.41 32.66 -18.24
CA PHE B 186 -35.44 31.74 -17.67
C PHE B 186 -35.24 30.54 -18.60
N LEU B 187 -34.85 30.83 -19.84
CA LEU B 187 -34.73 29.83 -20.89
C LEU B 187 -33.27 29.55 -21.22
N PRO B 188 -32.97 28.40 -21.85
CA PRO B 188 -31.57 28.05 -22.14
C PRO B 188 -30.86 29.12 -22.95
N ASP B 189 -29.56 29.26 -22.72
CA ASP B 189 -28.73 30.11 -23.56
C ASP B 189 -28.84 29.67 -25.02
N PRO B 190 -29.03 30.59 -25.97
CA PRO B 190 -29.28 30.17 -27.37
C PRO B 190 -28.11 29.45 -28.01
N SER B 191 -26.87 29.77 -27.64
CA SER B 191 -25.74 29.01 -28.17
C SER B 191 -25.74 27.58 -27.64
N VAL B 192 -26.06 27.40 -26.37
CA VAL B 192 -26.16 26.05 -25.81
C VAL B 192 -27.29 25.27 -26.48
N ARG B 193 -28.45 25.91 -26.62
CA ARG B 193 -29.59 25.23 -27.23
C ARG B 193 -29.26 24.77 -28.64
N ALA B 194 -28.55 25.58 -29.41
CA ALA B 194 -28.22 25.22 -30.80
C ALA B 194 -27.22 24.06 -30.86
N ALA B 195 -26.27 24.06 -29.93
CA ALA B 195 -25.26 22.98 -29.92
C ALA B 195 -25.96 21.66 -29.57
N ALA B 196 -26.96 21.73 -28.71
CA ALA B 196 -27.73 20.54 -28.31
C ALA B 196 -28.58 20.04 -29.50
N GLU B 197 -29.18 20.97 -30.22
CA GLU B 197 -29.97 20.58 -31.42
C GLU B 197 -29.06 19.88 -32.44
N ARG B 198 -27.86 20.40 -32.68
CA ARG B 198 -26.98 19.78 -33.68
C ARG B 198 -26.53 18.39 -33.23
N ARG B 199 -26.05 18.31 -32.00
CA ARG B 199 -25.68 17.01 -31.46
C ARG B 199 -26.84 16.03 -31.50
N ALA B 200 -28.06 16.51 -31.24
CA ALA B 200 -29.24 15.64 -31.23
C ALA B 200 -29.47 15.02 -32.60
N GLN B 201 -29.04 15.69 -33.67
CA GLN B 201 -29.22 15.09 -34.99
C GLN B 201 -28.30 13.89 -35.21
N ASP B 202 -27.22 13.77 -34.42
CA ASP B 202 -26.32 12.63 -34.57
C ASP B 202 -26.82 11.38 -33.85
N THR B 203 -27.61 11.55 -32.80
CA THR B 203 -27.95 10.48 -31.88
C THR B 203 -29.40 10.06 -31.96
N GLY B 204 -30.18 10.68 -32.84
CA GLY B 204 -31.60 10.44 -32.91
C GLY B 204 -32.41 11.13 -31.83
N ALA B 205 -31.79 12.01 -31.06
CA ALA B 205 -32.47 12.66 -29.94
C ALA B 205 -33.20 13.91 -30.45
N SER B 206 -33.69 14.72 -29.52
CA SER B 206 -34.39 15.95 -29.86
C SER B 206 -34.30 16.92 -28.68
N VAL B 207 -34.58 18.18 -28.97
CA VAL B 207 -34.59 19.26 -27.99
C VAL B 207 -35.95 19.96 -28.06
N THR B 208 -36.59 20.11 -26.91
CA THR B 208 -37.84 20.86 -26.78
C THR B 208 -37.72 21.83 -25.61
N VAL B 209 -38.21 23.06 -25.80
CA VAL B 209 -38.30 24.06 -24.75
C VAL B 209 -39.74 24.54 -24.69
N THR B 210 -40.35 24.52 -23.50
CA THR B 210 -41.78 24.82 -23.38
C THR B 210 -42.04 25.46 -22.02
N ALA B 211 -43.13 26.22 -21.95
CA ALA B 211 -43.64 26.75 -20.70
C ALA B 211 -44.77 25.91 -20.14
N ASP B 212 -45.11 24.82 -20.81
CA ASP B 212 -46.23 23.96 -20.43
C ASP B 212 -45.70 22.78 -19.62
N ALA B 213 -45.73 22.92 -18.29
CA ALA B 213 -45.20 21.86 -17.43
C ALA B 213 -45.99 20.57 -17.57
N HIS B 214 -47.29 20.69 -17.79
CA HIS B 214 -48.09 19.48 -17.87
CA HIS B 214 -48.14 19.50 -17.92
C HIS B 214 -47.71 18.66 -19.12
N ALA B 215 -47.46 19.33 -20.25
CA ALA B 215 -47.02 18.61 -21.45
C ALA B 215 -45.59 18.08 -21.32
N ALA B 216 -44.73 18.80 -20.60
CA ALA B 216 -43.39 18.27 -20.36
C ALA B 216 -43.43 16.98 -19.54
N ALA B 217 -44.35 16.91 -18.56
CA ALA B 217 -44.39 15.75 -17.68
C ALA B 217 -45.06 14.54 -18.33
N ALA B 218 -46.00 14.78 -19.23
CA ALA B 218 -46.78 13.70 -19.82
C ALA B 218 -45.87 12.77 -20.62
N GLY B 219 -45.86 11.49 -20.24
CA GLY B 219 -45.06 10.51 -20.94
C GLY B 219 -43.57 10.56 -20.67
N ALA B 220 -43.13 11.35 -19.69
CA ALA B 220 -41.71 11.44 -19.38
C ALA B 220 -41.23 10.17 -18.67
N ASP B 221 -39.99 9.78 -18.96
CA ASP B 221 -39.36 8.67 -18.24
C ASP B 221 -38.48 9.15 -17.11
N VAL B 222 -37.95 10.37 -17.21
CA VAL B 222 -37.10 10.96 -16.19
C VAL B 222 -37.57 12.39 -15.98
N LEU B 223 -37.81 12.77 -14.74
CA LEU B 223 -38.20 14.13 -14.38
C LEU B 223 -37.14 14.70 -13.44
N VAL B 224 -36.61 15.87 -13.76
CA VAL B 224 -35.47 16.45 -13.07
C VAL B 224 -35.82 17.87 -12.65
N THR B 225 -35.37 18.27 -11.47
CA THR B 225 -35.44 19.70 -11.13
C THR B 225 -34.22 20.03 -10.28
N ASP B 226 -34.18 21.26 -9.80
CA ASP B 226 -33.01 21.87 -9.21
C ASP B 226 -33.56 23.09 -8.47
N THR B 227 -32.84 23.56 -7.45
CA THR B 227 -33.30 24.78 -6.79
C THR B 227 -33.50 25.93 -7.76
N TRP B 228 -34.35 26.87 -7.38
CA TRP B 228 -34.80 27.94 -8.25
C TRP B 228 -33.87 29.15 -8.27
N THR B 229 -32.96 29.24 -7.30
CA THR B 229 -31.97 30.31 -7.27
C THR B 229 -30.56 29.73 -7.24
N ARG B 240 -39.04 36.63 -5.70
CA ARG B 240 -38.28 36.42 -6.94
C ARG B 240 -38.64 35.08 -7.57
N VAL B 241 -39.61 34.41 -6.97
CA VAL B 241 -39.83 32.98 -7.16
C VAL B 241 -41.22 32.65 -7.72
N LYS B 242 -42.14 33.60 -7.75
CA LYS B 242 -43.47 33.33 -8.37
C LYS B 242 -43.37 32.62 -9.73
N PRO B 243 -42.50 33.00 -10.69
CA PRO B 243 -42.48 32.34 -12.00
C PRO B 243 -42.26 30.82 -12.07
N PHE B 244 -41.69 30.22 -11.02
CA PHE B 244 -41.33 28.79 -11.03
C PHE B 244 -42.37 27.88 -10.36
N ARG B 245 -43.18 28.41 -9.44
CA ARG B 245 -44.21 27.60 -8.71
C ARG B 245 -45.01 26.67 -9.64
N PRO B 246 -45.52 27.03 -10.85
CA PRO B 246 -46.18 26.08 -11.75
C PRO B 246 -45.35 24.90 -12.25
N PHE B 247 -44.03 24.95 -12.06
CA PHE B 247 -43.10 23.89 -12.50
C PHE B 247 -42.66 23.05 -11.28
N GLN B 248 -43.26 23.29 -10.11
CA GLN B 248 -42.95 22.49 -8.91
C GLN B 248 -43.12 21.01 -9.24
N LEU B 249 -42.10 20.23 -8.94
CA LEU B 249 -42.14 18.80 -9.20
C LEU B 249 -42.88 18.18 -8.01
N ASN B 250 -44.20 18.04 -8.14
CA ASN B 250 -45.06 17.53 -7.08
C ASN B 250 -45.77 16.27 -7.56
N SER B 251 -46.63 15.74 -6.68
CA SER B 251 -47.29 14.46 -6.95
C SER B 251 -48.21 14.53 -8.16
N ARG B 252 -48.90 15.67 -8.34
CA ARG B 252 -49.73 15.86 -9.53
C ARG B 252 -48.93 15.73 -10.81
N LEU B 253 -47.78 16.41 -10.88
CA LEU B 253 -46.97 16.35 -12.08
C LEU B 253 -46.44 14.93 -12.31
N LEU B 254 -45.94 14.30 -11.24
CA LEU B 254 -45.35 12.97 -11.39
C LEU B 254 -46.41 11.95 -11.82
N ALA B 255 -47.65 12.14 -11.40
CA ALA B 255 -48.72 11.23 -11.82
C ALA B 255 -48.89 11.19 -13.35
N LEU B 256 -48.40 12.19 -14.08
CA LEU B 256 -48.54 12.24 -15.54
C LEU B 256 -47.47 11.47 -16.29
N ALA B 257 -46.42 10.99 -15.64
CA ALA B 257 -45.30 10.42 -16.37
C ALA B 257 -45.57 8.97 -16.77
N ASP B 258 -44.67 8.42 -17.58
CA ASP B 258 -44.64 6.98 -17.86
C ASP B 258 -44.53 6.17 -16.56
N SER B 259 -45.02 4.93 -16.59
CA SER B 259 -44.83 4.08 -15.41
C SER B 259 -43.34 3.90 -15.17
N ASP B 260 -42.98 3.72 -13.90
CA ASP B 260 -41.60 3.48 -13.49
C ASP B 260 -40.71 4.66 -13.84
N ALA B 261 -41.28 5.85 -13.93
CA ALA B 261 -40.46 7.03 -14.12
C ALA B 261 -39.61 7.29 -12.87
N ILE B 262 -38.51 7.99 -13.08
CA ILE B 262 -37.55 8.28 -12.03
C ILE B 262 -37.37 9.78 -11.89
N VAL B 263 -37.23 10.23 -10.65
CA VAL B 263 -37.09 11.64 -10.31
C VAL B 263 -35.65 11.86 -9.87
N LEU B 264 -35.01 12.88 -10.46
CA LEU B 264 -33.65 13.28 -10.14
C LEU B 264 -33.66 14.72 -9.65
N HIS B 265 -32.67 15.03 -8.82
CA HIS B 265 -32.48 16.37 -8.22
C HIS B 265 -31.02 16.42 -7.79
N CYS B 266 -30.27 17.39 -8.28
CA CYS B 266 -28.83 17.36 -8.01
C CYS B 266 -28.47 17.66 -6.55
N LEU B 267 -29.41 18.20 -5.77
CA LEU B 267 -29.28 18.57 -4.36
C LEU B 267 -28.38 19.77 -4.15
N PRO B 268 -28.56 20.55 -3.05
CA PRO B 268 -29.57 20.33 -2.00
C PRO B 268 -30.98 20.67 -2.44
N ALA B 269 -31.96 19.99 -1.87
CA ALA B 269 -33.35 20.26 -2.18
C ALA B 269 -33.95 21.15 -1.11
N HIS B 270 -34.78 22.09 -1.55
CA HIS B 270 -35.56 22.92 -0.65
C HIS B 270 -36.98 22.34 -0.71
N ARG B 271 -37.27 21.44 0.21
CA ARG B 271 -38.54 20.71 0.16
C ARG B 271 -39.69 21.70 0.34
N GLY B 272 -40.67 21.62 -0.56
CA GLY B 272 -41.77 22.56 -0.57
C GLY B 272 -41.65 23.66 -1.61
N ASP B 273 -40.45 23.93 -2.12
CA ASP B 273 -40.32 24.79 -3.28
C ASP B 273 -40.31 23.98 -4.56
N GLU B 274 -39.13 23.69 -5.10
CA GLU B 274 -39.08 23.04 -6.40
C GLU B 274 -39.52 21.58 -6.37
N ILE B 275 -39.63 20.98 -5.18
CA ILE B 275 -39.98 19.56 -5.06
C ILE B 275 -40.65 19.34 -3.72
N THR B 276 -41.56 18.37 -3.66
CA THR B 276 -42.30 18.09 -2.43
C THR B 276 -41.75 16.87 -1.71
N ASP B 277 -41.90 16.87 -0.39
CA ASP B 277 -41.59 15.72 0.45
C ASP B 277 -42.09 14.43 -0.18
N ALA B 278 -43.33 14.45 -0.66
CA ALA B 278 -43.96 13.25 -1.19
C ALA B 278 -43.24 12.71 -2.42
N VAL B 279 -42.78 13.60 -3.31
CA VAL B 279 -42.08 13.12 -4.50
C VAL B 279 -40.66 12.69 -4.14
N MET B 280 -40.00 13.42 -3.26
CA MET B 280 -38.59 13.17 -3.03
C MET B 280 -38.35 11.96 -2.15
N ASP B 281 -39.28 11.65 -1.24
CA ASP B 281 -39.18 10.48 -0.38
C ASP B 281 -39.96 9.29 -0.94
N GLY B 282 -40.54 9.42 -2.12
CA GLY B 282 -41.38 8.39 -2.70
C GLY B 282 -40.65 7.42 -3.60
N PRO B 283 -41.40 6.47 -4.18
CA PRO B 283 -40.78 5.33 -4.89
C PRO B 283 -40.18 5.68 -6.25
N ALA B 284 -40.49 6.84 -6.82
CA ALA B 284 -39.85 7.24 -8.06
C ALA B 284 -38.52 7.93 -7.84
N SER B 285 -38.25 8.39 -6.62
CA SER B 285 -37.05 9.17 -6.35
C SER B 285 -35.81 8.30 -6.46
N ALA B 286 -34.81 8.77 -7.23
CA ALA B 286 -33.50 8.14 -7.29
C ALA B 286 -32.42 9.11 -6.81
N VAL B 287 -32.81 10.07 -5.97
CA VAL B 287 -31.95 11.19 -5.61
C VAL B 287 -30.76 10.73 -4.76
N TRP B 288 -30.91 9.69 -3.95
CA TRP B 288 -29.77 9.27 -3.11
C TRP B 288 -28.78 8.44 -3.92
N ASP B 289 -29.28 7.55 -4.79
CA ASP B 289 -28.40 6.83 -5.70
C ASP B 289 -27.67 7.79 -6.63
N GLU B 290 -28.39 8.79 -7.13
CA GLU B 290 -27.80 9.86 -7.95
C GLU B 290 -26.64 10.52 -7.24
N ALA B 291 -26.85 10.90 -5.96
CA ALA B 291 -25.77 11.56 -5.22
C ALA B 291 -24.58 10.63 -5.07
N GLU B 292 -24.83 9.35 -4.76
CA GLU B 292 -23.72 8.41 -4.63
C GLU B 292 -22.94 8.30 -5.95
N ASN B 293 -23.64 8.32 -7.08
CA ASN B 293 -22.98 8.15 -8.37
C ASN B 293 -22.11 9.33 -8.79
N ARG B 294 -22.17 10.48 -8.10
CA ARG B 294 -21.15 11.49 -8.36
C ARG B 294 -19.76 10.89 -8.16
N LEU B 295 -19.62 10.08 -7.11
CA LEU B 295 -18.33 9.48 -6.81
C LEU B 295 -17.87 8.56 -7.94
N HIS B 296 -18.75 7.66 -8.38
CA HIS B 296 -18.35 6.68 -9.38
C HIS B 296 -18.13 7.32 -10.74
N ALA B 297 -19.01 8.25 -11.14
CA ALA B 297 -18.93 8.83 -12.47
C ALA B 297 -17.73 9.74 -12.60
N GLN B 298 -17.39 10.45 -11.52
CA GLN B 298 -16.24 11.33 -11.59
C GLN B 298 -14.94 10.54 -11.60
N LYS B 299 -14.90 9.40 -10.88
CA LYS B 299 -13.72 8.54 -10.94
C LYS B 299 -13.54 8.01 -12.36
N ALA B 300 -14.64 7.58 -12.97
CA ALA B 300 -14.56 7.06 -14.33
C ALA B 300 -14.04 8.13 -15.30
N LEU B 301 -14.53 9.34 -15.14
CA LEU B 301 -14.10 10.43 -16.04
C LEU B 301 -12.58 10.66 -15.89
N LEU B 302 -12.12 10.66 -14.65
CA LEU B 302 -10.67 10.90 -14.43
C LEU B 302 -9.84 9.77 -15.05
N VAL B 303 -10.23 8.53 -14.79
CA VAL B 303 -9.49 7.37 -15.38
C VAL B 303 -9.43 7.55 -16.90
N TRP B 304 -10.57 7.85 -17.49
CA TRP B 304 -10.65 7.97 -18.97
C TRP B 304 -9.77 9.13 -19.47
N LEU B 305 -9.89 10.29 -18.83
CA LEU B 305 -9.09 11.44 -19.27
C LEU B 305 -7.60 11.17 -19.08
N LEU B 306 -7.23 10.54 -17.98
CA LEU B 306 -5.81 10.26 -17.69
C LEU B 306 -5.24 9.31 -18.72
N GLU B 307 -6.03 8.33 -19.14
CA GLU B 307 -5.54 7.35 -20.11
C GLU B 307 -5.30 7.99 -21.47
N ARG B 308 -6.02 9.07 -21.81
CA ARG B 308 -5.95 9.67 -23.13
C ARG B 308 -5.11 10.93 -23.14
N SER B 309 -4.40 11.19 -22.06
CA SER B 309 -3.60 12.39 -21.93
C SER B 309 -2.21 12.03 -21.44
N VAL C 3 -28.07 -3.25 13.79
CA VAL C 3 -28.18 -1.98 14.53
C VAL C 3 -26.90 -1.16 14.37
N ILE C 4 -27.04 0.09 13.97
CA ILE C 4 -25.89 0.99 13.85
C ILE C 4 -25.59 1.57 15.23
N ARG C 5 -24.32 1.53 15.63
CA ARG C 5 -23.92 2.05 16.94
C ARG C 5 -23.37 3.46 16.75
N HIS C 6 -23.80 4.38 17.60
CA HIS C 6 -23.30 5.75 17.59
CA HIS C 6 -23.32 5.75 17.60
C HIS C 6 -22.60 6.04 18.91
N PHE C 7 -21.83 7.14 18.94
CA PHE C 7 -21.14 7.55 20.17
C PHE C 7 -21.34 9.06 20.30
N LEU C 8 -22.47 9.45 20.89
CA LEU C 8 -22.87 10.84 21.00
C LEU C 8 -22.65 11.41 22.39
N ARG C 9 -22.63 10.51 23.36
CA ARG C 9 -22.43 10.84 24.79
C ARG C 9 -21.75 9.61 25.40
N ASP C 10 -21.08 9.77 26.54
CA ASP C 10 -20.22 8.70 27.12
C ASP C 10 -20.97 7.42 27.48
N ASP C 11 -22.22 7.58 27.90
CA ASP C 11 -23.01 6.42 28.35
C ASP C 11 -23.62 5.67 27.18
N ASP C 12 -23.34 6.10 25.95
CA ASP C 12 -23.74 5.29 24.81
C ASP C 12 -23.02 3.95 24.81
N LEU C 13 -21.88 3.86 25.50
CA LEU C 13 -21.23 2.59 25.76
C LEU C 13 -21.61 2.10 27.15
N SER C 14 -21.92 0.82 27.26
CA SER C 14 -22.07 0.17 28.55
C SER C 14 -20.70 0.06 29.24
N PRO C 15 -20.67 -0.21 30.55
CA PRO C 15 -19.38 -0.50 31.22
C PRO C 15 -18.54 -1.55 30.51
N ALA C 16 -19.14 -2.66 30.07
CA ALA C 16 -18.37 -3.70 29.39
C ALA C 16 -17.84 -3.21 28.04
N GLU C 17 -18.67 -2.48 27.29
CA GLU C 17 -18.27 -1.99 25.97
C GLU C 17 -17.19 -0.93 26.11
N GLN C 18 -17.32 -0.07 27.11
CA GLN C 18 -16.27 0.93 27.33
C GLN C 18 -14.94 0.26 27.62
N ALA C 19 -14.95 -0.82 28.41
CA ALA C 19 -13.70 -1.52 28.69
C ALA C 19 -13.12 -2.12 27.42
N GLU C 20 -13.96 -2.62 26.51
CA GLU C 20 -13.46 -3.14 25.25
C GLU C 20 -12.77 -2.05 24.45
N VAL C 21 -13.37 -0.87 24.38
CA VAL C 21 -12.77 0.23 23.63
C VAL C 21 -11.44 0.64 24.26
N LEU C 22 -11.39 0.72 25.59
CA LEU C 22 -10.14 1.13 26.24
C LEU C 22 -9.04 0.09 26.08
N GLU C 23 -9.40 -1.21 26.10
CA GLU C 23 -8.39 -2.23 25.84
C GLU C 23 -7.86 -2.10 24.42
N LEU C 24 -8.76 -1.86 23.46
CA LEU C 24 -8.35 -1.66 22.07
C LEU C 24 -7.44 -0.44 21.94
N ALA C 25 -7.72 0.62 22.70
CA ALA C 25 -6.89 1.80 22.64
C ALA C 25 -5.46 1.50 23.08
N ALA C 26 -5.31 0.66 24.11
CA ALA C 26 -3.97 0.24 24.53
C ALA C 26 -3.28 -0.59 23.45
N GLU C 27 -4.04 -1.49 22.80
CA GLU C 27 -3.46 -2.31 21.74
C GLU C 27 -3.03 -1.46 20.56
N LEU C 28 -3.86 -0.47 20.19
CA LEU C 28 -3.51 0.37 19.05
C LEU C 28 -2.37 1.33 19.37
N LYS C 29 -2.20 1.70 20.64
CA LYS C 29 -1.03 2.50 21.00
C LYS C 29 0.23 1.71 20.73
N LYS C 30 0.20 0.41 21.03
CA LYS C 30 1.37 -0.44 20.83
C LYS C 30 1.61 -0.73 19.36
N ASP C 31 0.53 -0.95 18.58
CA ASP C 31 0.62 -1.35 17.17
C ASP C 31 -0.32 -0.48 16.33
N PRO C 32 0.14 0.72 15.93
CA PRO C 32 -0.80 1.75 15.45
C PRO C 32 -1.35 1.51 14.08
N VAL C 33 -0.77 0.62 13.28
CA VAL C 33 -1.25 0.41 11.92
C VAL C 33 -1.63 -1.05 11.69
N SER C 34 -1.87 -1.78 12.79
CA SER C 34 -2.24 -3.19 12.70
C SER C 34 -3.71 -3.40 12.37
N ARG C 35 -4.54 -2.38 12.54
CA ARG C 35 -5.98 -2.49 12.26
C ARG C 35 -6.31 -1.62 11.05
N ARG C 36 -6.86 -2.23 10.01
CA ARG C 36 -7.13 -1.49 8.77
C ARG C 36 -8.57 -1.70 8.31
N PRO C 37 -9.56 -1.37 9.16
CA PRO C 37 -10.96 -1.52 8.75
C PRO C 37 -11.38 -0.57 7.64
N LEU C 38 -10.63 0.50 7.41
CA LEU C 38 -10.97 1.48 6.37
C LEU C 38 -10.08 1.38 5.15
N GLN C 39 -9.34 0.28 5.01
CA GLN C 39 -8.45 0.11 3.85
C GLN C 39 -9.23 0.27 2.55
N GLY C 40 -8.59 0.89 1.57
CA GLY C 40 -9.26 1.15 0.32
C GLY C 40 -8.61 2.27 -0.47
N PRO C 41 -8.71 3.51 0.03
CA PRO C 41 -9.32 3.91 1.30
C PRO C 41 -10.83 4.04 1.25
N ARG C 42 -11.45 3.69 2.38
CA ARG C 42 -12.81 4.16 2.65
C ARG C 42 -12.74 5.55 3.26
N GLY C 43 -13.83 6.32 3.11
CA GLY C 43 -13.87 7.66 3.67
C GLY C 43 -14.48 7.73 5.07
N VAL C 44 -14.09 8.79 5.79
CA VAL C 44 -14.74 9.16 7.05
C VAL C 44 -14.92 10.67 6.99
N ALA C 45 -16.14 11.15 7.23
CA ALA C 45 -16.37 12.60 7.25
C ALA C 45 -15.92 13.15 8.59
N VAL C 46 -15.21 14.29 8.56
CA VAL C 46 -14.82 14.98 9.79
C VAL C 46 -15.28 16.42 9.64
N ILE C 47 -16.36 16.78 10.33
CA ILE C 47 -17.10 18.01 10.07
C ILE C 47 -17.06 18.90 11.31
N PHE C 48 -16.69 20.17 11.12
CA PHE C 48 -16.55 21.13 12.21
C PHE C 48 -17.49 22.31 11.99
N ASP C 49 -18.58 22.39 12.76
CA ASP C 49 -19.41 23.60 12.73
C ASP C 49 -18.67 24.79 13.32
N LYS C 50 -17.74 24.54 14.25
CA LYS C 50 -16.79 25.51 14.75
C LYS C 50 -15.43 24.83 14.75
N ASN C 51 -14.42 25.51 14.23
CA ASN C 51 -13.16 24.82 14.00
C ASN C 51 -12.51 24.42 15.32
N SER C 52 -11.78 23.30 15.27
CA SER C 52 -10.93 22.89 16.37
C SER C 52 -9.74 22.18 15.72
N THR C 53 -8.67 22.95 15.48
CA THR C 53 -7.53 22.43 14.76
C THR C 53 -6.91 21.24 15.50
N ARG C 54 -6.84 21.32 16.82
CA ARG C 54 -6.21 20.25 17.58
C ARG C 54 -7.03 18.96 17.51
N THR C 55 -8.36 19.07 17.42
CA THR C 55 -9.20 17.89 17.22
C THR C 55 -9.01 17.33 15.83
N ARG C 56 -8.85 18.20 14.84
CA ARG C 56 -8.67 17.74 13.45
C ARG C 56 -7.42 16.87 13.31
N PHE C 57 -6.32 17.26 13.94
CA PHE C 57 -5.07 16.49 13.81
C PHE C 57 -5.28 15.04 14.26
N SER C 58 -5.87 14.86 15.44
CA SER C 58 -5.99 13.50 16.00
C SER C 58 -6.87 12.64 15.08
N PHE C 59 -7.98 13.19 14.63
CA PHE C 59 -8.92 12.37 13.82
C PHE C 59 -8.33 12.11 12.44
N GLU C 60 -7.77 13.15 11.84
CA GLU C 60 -7.31 12.98 10.46
C GLU C 60 -6.20 11.95 10.37
N LEU C 61 -5.27 11.99 11.33
CA LEU C 61 -4.19 11.01 11.35
C LEU C 61 -4.69 9.64 11.76
N GLY C 62 -5.59 9.60 12.74
CA GLY C 62 -6.09 8.30 13.18
C GLY C 62 -6.83 7.58 12.07
N ILE C 63 -7.65 8.31 11.31
CA ILE C 63 -8.38 7.68 10.21
C ILE C 63 -7.40 7.16 9.17
N ALA C 64 -6.37 7.94 8.86
CA ALA C 64 -5.37 7.47 7.90
C ALA C 64 -4.67 6.20 8.39
N GLN C 65 -4.37 6.12 9.69
CA GLN C 65 -3.69 4.95 10.19
C GLN C 65 -4.60 3.72 10.27
N LEU C 66 -5.91 3.90 10.13
CA LEU C 66 -6.84 2.79 9.94
C LEU C 66 -7.01 2.45 8.46
N GLY C 67 -6.25 3.10 7.58
CA GLY C 67 -6.29 2.86 6.16
C GLY C 67 -7.25 3.75 5.40
N GLY C 68 -7.97 4.64 6.08
CA GLY C 68 -9.02 5.42 5.46
C GLY C 68 -8.54 6.79 5.01
N HIS C 69 -9.49 7.57 4.50
CA HIS C 69 -9.24 8.95 4.11
C HIS C 69 -10.28 9.86 4.77
N ALA C 70 -9.80 10.78 5.61
CA ALA C 70 -10.67 11.77 6.22
C ALA C 70 -10.99 12.91 5.25
N VAL C 71 -12.26 13.18 5.05
CA VAL C 71 -12.69 14.37 4.30
C VAL C 71 -13.11 15.40 5.34
N VAL C 72 -12.36 16.49 5.41
CA VAL C 72 -12.53 17.47 6.47
C VAL C 72 -13.32 18.66 5.94
N VAL C 73 -14.30 19.10 6.71
CA VAL C 73 -15.12 20.26 6.39
C VAL C 73 -15.06 21.18 7.60
N ASP C 74 -14.63 22.42 7.40
CA ASP C 74 -14.62 23.31 8.55
C ASP C 74 -15.60 24.47 8.33
N SER C 75 -15.57 25.44 9.24
CA SER C 75 -16.65 26.43 9.28
C SER C 75 -16.63 27.39 8.10
N GLY C 76 -15.60 27.36 7.26
CA GLY C 76 -15.62 28.17 6.06
C GLY C 76 -16.68 27.75 5.06
N SER C 77 -17.29 26.59 5.25
CA SER C 77 -18.38 26.12 4.42
C SER C 77 -19.72 26.44 5.08
N THR C 78 -20.78 26.41 4.27
CA THR C 78 -22.12 26.66 4.80
C THR C 78 -22.44 25.65 5.90
N GLN C 79 -22.89 26.18 7.03
CA GLN C 79 -23.21 25.32 8.19
C GLN C 79 -24.23 24.25 7.82
N LEU C 80 -23.98 23.04 8.28
CA LEU C 80 -24.94 21.94 8.08
C LEU C 80 -26.31 22.37 8.61
N GLY C 81 -27.35 22.06 7.86
CA GLY C 81 -28.73 22.37 8.29
C GLY C 81 -29.26 23.64 7.65
N ARG C 82 -28.39 24.50 7.14
CA ARG C 82 -28.88 25.79 6.65
C ARG C 82 -29.47 25.68 5.24
N ASP C 83 -28.87 24.84 4.40
CA ASP C 83 -29.18 24.78 2.98
C ASP C 83 -29.94 23.52 2.61
N GLU C 84 -29.99 22.53 3.52
CA GLU C 84 -30.84 21.35 3.41
C GLU C 84 -30.99 20.81 4.82
N THR C 85 -31.95 19.90 5.01
CA THR C 85 -32.18 19.33 6.32
C THR C 85 -30.99 18.47 6.73
N LEU C 86 -30.77 18.37 8.05
CA LEU C 86 -29.72 17.47 8.56
C LEU C 86 -29.98 16.04 8.12
N GLN C 87 -31.25 15.64 8.07
CA GLN C 87 -31.58 14.29 7.64
C GLN C 87 -31.17 14.05 6.19
N ASP C 88 -31.46 14.99 5.29
CA ASP C 88 -31.01 14.82 3.90
C ASP C 88 -29.49 14.72 3.82
N THR C 89 -28.78 15.56 4.57
CA THR C 89 -27.32 15.55 4.54
C THR C 89 -26.78 14.22 5.06
N ALA C 90 -27.39 13.68 6.13
CA ALA C 90 -26.98 12.38 6.65
C ALA C 90 -27.15 11.28 5.62
N LYS C 91 -28.22 11.35 4.82
CA LYS C 91 -28.46 10.30 3.84
C LYS C 91 -27.43 10.32 2.71
N VAL C 92 -27.01 11.52 2.30
CA VAL C 92 -25.98 11.62 1.27
C VAL C 92 -24.62 11.24 1.85
N LEU C 93 -24.26 11.77 3.02
CA LEU C 93 -22.97 11.41 3.63
C LEU C 93 -22.84 9.90 3.76
N SER C 94 -23.93 9.23 4.15
CA SER C 94 -23.90 7.78 4.29
C SER C 94 -23.54 7.05 3.01
N ARG C 95 -23.70 7.70 1.84
CA ARG C 95 -23.31 7.07 0.58
C ARG C 95 -21.83 7.27 0.27
N TYR C 96 -21.18 8.25 0.90
CA TYR C 96 -19.79 8.58 0.59
C TYR C 96 -18.80 8.04 1.61
N VAL C 97 -19.21 7.89 2.87
CA VAL C 97 -18.27 7.59 3.96
C VAL C 97 -18.83 6.44 4.81
N ASP C 98 -17.93 5.84 5.58
CA ASP C 98 -18.26 4.74 6.49
C ASP C 98 -18.50 5.20 7.92
N ALA C 99 -18.25 6.47 8.22
CA ALA C 99 -18.55 6.99 9.55
C ALA C 99 -18.54 8.50 9.44
N ILE C 100 -19.26 9.14 10.37
CA ILE C 100 -19.38 10.59 10.42
C ILE C 100 -18.90 11.08 11.77
N VAL C 101 -17.85 11.89 11.77
CA VAL C 101 -17.32 12.53 12.97
C VAL C 101 -17.71 14.00 12.91
N TRP C 102 -18.37 14.51 13.94
CA TRP C 102 -18.99 15.83 13.85
C TRP C 102 -18.78 16.61 15.14
N ARG C 103 -18.27 17.83 15.00
CA ARG C 103 -18.19 18.77 16.12
C ARG C 103 -19.30 19.78 15.89
N THR C 104 -20.30 19.80 16.78
CA THR C 104 -21.40 20.73 16.59
C THR C 104 -21.80 21.28 17.96
N PHE C 105 -23.02 21.83 18.06
CA PHE C 105 -23.38 22.63 19.21
C PHE C 105 -24.39 21.85 20.03
N GLY C 106 -25.69 22.03 19.82
CA GLY C 106 -26.67 21.38 20.66
C GLY C 106 -26.79 19.90 20.34
N GLN C 107 -27.14 19.14 21.38
CA GLN C 107 -27.21 17.69 21.23
C GLN C 107 -28.30 17.25 20.28
N GLU C 108 -29.34 18.07 20.08
CA GLU C 108 -30.42 17.66 19.20
C GLU C 108 -29.92 17.50 17.77
N ARG C 109 -28.90 18.26 17.37
CA ARG C 109 -28.33 18.13 16.03
C ARG C 109 -27.69 16.77 15.83
N LEU C 110 -26.87 16.35 16.80
CA LEU C 110 -26.26 15.02 16.75
C LEU C 110 -27.34 13.94 16.70
N ASP C 111 -28.37 14.06 17.54
CA ASP C 111 -29.45 13.09 17.53
C ASP C 111 -30.12 13.02 16.16
N ALA C 112 -30.34 14.17 15.52
CA ALA C 112 -31.01 14.18 14.22
C ALA C 112 -30.19 13.44 13.17
N MET C 113 -28.88 13.71 13.14
CA MET C 113 -27.98 13.04 12.22
C MET C 113 -28.00 11.53 12.46
N ALA C 114 -27.85 11.11 13.72
CA ALA C 114 -27.79 9.70 14.06
C ALA C 114 -29.13 8.99 13.84
N SER C 115 -30.25 9.71 13.89
CA SER C 115 -31.54 9.04 13.71
C SER C 115 -31.68 8.47 12.31
N VAL C 116 -30.97 9.02 11.33
CA VAL C 116 -31.15 8.70 9.92
C VAL C 116 -29.90 8.07 9.30
N ALA C 117 -28.72 8.36 9.84
CA ALA C 117 -27.50 7.89 9.20
C ALA C 117 -27.44 6.37 9.19
N THR C 118 -26.90 5.80 8.11
CA THR C 118 -26.67 4.37 8.05
C THR C 118 -25.25 3.99 8.42
N VAL C 119 -24.53 4.92 9.05
CA VAL C 119 -23.14 4.72 9.46
C VAL C 119 -22.99 5.33 10.84
N PRO C 120 -21.97 4.92 11.59
CA PRO C 120 -21.80 5.47 12.95
C PRO C 120 -21.57 6.97 12.94
N VAL C 121 -22.22 7.66 13.87
CA VAL C 121 -21.99 9.08 14.08
C VAL C 121 -21.24 9.23 15.39
N ILE C 122 -20.17 10.04 15.38
CA ILE C 122 -19.32 10.25 16.54
C ILE C 122 -19.31 11.72 16.89
N ASN C 123 -19.59 12.04 18.16
CA ASN C 123 -19.47 13.40 18.70
C ASN C 123 -18.01 13.72 18.97
N ALA C 124 -17.41 14.55 18.10
CA ALA C 124 -16.02 14.97 18.25
C ALA C 124 -15.81 15.98 19.38
N LEU C 125 -16.87 16.67 19.78
CA LEU C 125 -16.87 17.76 20.76
C LEU C 125 -18.20 18.49 20.54
N SER C 126 -18.96 18.73 21.59
CA SER C 126 -20.23 19.45 21.46
C SER C 126 -20.42 20.33 22.68
N ASP C 127 -21.49 21.13 22.68
CA ASP C 127 -21.78 21.97 23.84
C ASP C 127 -21.98 21.14 25.11
N GLU C 128 -22.66 19.99 25.01
CA GLU C 128 -23.06 19.25 26.20
C GLU C 128 -22.04 18.19 26.65
N PHE C 129 -21.36 17.59 25.69
CA PHE C 129 -20.42 16.49 26.02
C PHE C 129 -19.11 16.56 25.22
N HIS C 130 -18.09 15.89 25.75
CA HIS C 130 -16.79 15.77 25.04
C HIS C 130 -16.36 14.31 25.29
N PRO C 131 -17.09 13.33 24.74
CA PRO C 131 -16.85 11.93 25.08
C PRO C 131 -15.55 11.29 24.58
N CYS C 132 -15.05 11.76 23.45
CA CYS C 132 -13.76 11.23 22.94
C CYS C 132 -12.62 11.71 23.86
N GLN C 133 -12.71 12.93 24.36
CA GLN C 133 -11.69 13.37 25.29
C GLN C 133 -11.67 12.52 26.56
N VAL C 134 -12.86 12.18 27.09
CA VAL C 134 -12.86 11.40 28.31
C VAL C 134 -12.38 9.96 28.06
N LEU C 135 -12.61 9.41 26.86
CA LEU C 135 -11.97 8.13 26.55
C LEU C 135 -10.46 8.24 26.63
N ALA C 136 -9.90 9.33 26.09
CA ALA C 136 -8.46 9.54 26.16
C ALA C 136 -8.01 9.73 27.60
N ASP C 137 -8.81 10.46 28.38
CA ASP C 137 -8.52 10.62 29.82
C ASP C 137 -8.48 9.27 30.54
N LEU C 138 -9.50 8.43 30.32
CA LEU C 138 -9.54 7.12 30.96
C LEU C 138 -8.37 6.25 30.52
N GLN C 139 -8.00 6.29 29.23
CA GLN C 139 -6.82 5.55 28.78
C GLN C 139 -5.58 6.01 29.55
N THR C 140 -5.45 7.33 29.75
CA THR C 140 -4.30 7.88 30.44
C THR C 140 -4.28 7.47 31.90
N ILE C 141 -5.42 7.61 32.58
CA ILE C 141 -5.51 7.19 33.98
C ILE C 141 -5.14 5.71 34.09
N ALA C 142 -5.66 4.88 33.19
CA ALA C 142 -5.40 3.45 33.29
C ALA C 142 -3.92 3.15 33.12
N GLU C 143 -3.24 3.85 32.21
CA GLU C 143 -1.83 3.51 32.04
C GLU C 143 -0.97 4.09 33.17
N ARG C 144 -1.44 5.11 33.86
CA ARG C 144 -0.68 5.68 35.00
C ARG C 144 -1.07 5.02 36.34
N LYS C 145 -2.29 4.51 36.49
CA LYS C 145 -2.77 4.02 37.81
C LYS C 145 -3.26 2.58 37.79
N GLY C 146 -3.33 1.93 36.63
CA GLY C 146 -3.89 0.58 36.57
C GLY C 146 -5.41 0.55 36.51
N ALA C 147 -6.05 -0.43 37.14
CA ALA C 147 -7.49 -0.58 37.05
C ALA C 147 -8.20 0.72 37.47
N LEU C 148 -9.29 1.03 36.78
CA LEU C 148 -10.01 2.28 37.02
C LEU C 148 -11.02 2.17 38.16
N ARG C 149 -11.60 1.00 38.33
CA ARG C 149 -12.64 0.80 39.37
C ARG C 149 -12.21 1.32 40.73
N GLY C 150 -13.05 2.19 41.31
CA GLY C 150 -12.80 2.63 42.66
C GLY C 150 -11.87 3.82 42.82
N LEU C 151 -11.24 4.28 41.74
CA LEU C 151 -10.46 5.50 41.81
C LEU C 151 -11.36 6.68 42.17
N ARG C 152 -10.74 7.74 42.72
CA ARG C 152 -11.45 8.96 43.08
C ARG C 152 -10.95 10.09 42.19
N LEU C 153 -11.86 10.65 41.37
CA LEU C 153 -11.52 11.69 40.41
C LEU C 153 -12.34 12.93 40.76
N SER C 154 -11.67 14.09 40.83
CA SER C 154 -12.35 15.35 41.09
C SER C 154 -12.09 16.30 39.93
N TYR C 155 -13.17 16.92 39.45
CA TYR C 155 -13.12 17.95 38.41
C TYR C 155 -13.43 19.31 39.03
N PHE C 156 -12.68 20.33 38.61
CA PHE C 156 -12.77 21.68 39.18
C PHE C 156 -13.08 22.70 38.09
N GLY C 157 -14.01 23.61 38.39
CA GLY C 157 -14.21 24.75 37.53
C GLY C 157 -15.66 24.92 37.15
N ASP C 158 -15.93 25.08 35.85
CA ASP C 158 -17.31 25.24 35.37
C ASP C 158 -17.93 23.85 35.35
N GLY C 159 -18.82 23.56 36.29
CA GLY C 159 -19.40 22.23 36.40
C GLY C 159 -20.53 21.92 35.44
N ALA C 160 -20.92 22.87 34.58
CA ALA C 160 -21.99 22.65 33.62
C ALA C 160 -21.48 22.53 32.18
N ASN C 161 -20.17 22.46 31.99
CA ASN C 161 -19.62 22.39 30.64
C ASN C 161 -19.48 20.94 30.16
N ASN C 162 -19.00 20.79 28.93
CA ASN C 162 -18.97 19.47 28.31
C ASN C 162 -18.03 18.51 29.04
N MET C 163 -16.93 19.01 29.59
CA MET C 163 -15.99 18.11 30.27
C MET C 163 -16.56 17.63 31.60
N ALA C 164 -17.22 18.51 32.36
CA ALA C 164 -17.85 18.05 33.59
C ALA C 164 -18.87 16.96 33.31
N HIS C 165 -19.69 17.16 32.27
CA HIS C 165 -20.73 16.18 31.95
C HIS C 165 -20.13 14.85 31.53
N SER C 166 -19.11 14.88 30.69
CA SER C 166 -18.51 13.64 30.21
C SER C 166 -17.68 12.95 31.28
N LEU C 167 -17.01 13.71 32.17
CA LEU C 167 -16.31 13.05 33.25
C LEU C 167 -17.27 12.35 34.20
N LEU C 168 -18.45 12.96 34.43
CA LEU C 168 -19.49 12.29 35.21
C LEU C 168 -19.91 10.98 34.55
N LEU C 169 -20.31 11.05 33.28
CA LEU C 169 -20.88 9.87 32.64
C LEU C 169 -19.82 8.83 32.33
N GLY C 170 -18.73 9.25 31.69
CA GLY C 170 -17.69 8.30 31.35
C GLY C 170 -16.98 7.80 32.59
N GLY C 171 -16.86 8.66 33.60
CA GLY C 171 -16.20 8.26 34.84
C GLY C 171 -16.96 7.18 35.59
N VAL C 172 -18.27 7.39 35.80
CA VAL C 172 -19.00 6.37 36.55
C VAL C 172 -19.15 5.10 35.72
N THR C 173 -19.16 5.23 34.38
CA THR C 173 -19.18 4.03 33.54
C THR C 173 -17.96 3.14 33.78
N ALA C 174 -16.82 3.74 34.09
CA ALA C 174 -15.59 3.02 34.42
C ALA C 174 -15.49 2.61 35.87
N GLY C 175 -16.51 2.89 36.70
CA GLY C 175 -16.44 2.58 38.12
C GLY C 175 -15.73 3.62 38.96
N ILE C 176 -15.46 4.80 38.43
CA ILE C 176 -14.74 5.85 39.15
C ILE C 176 -15.73 6.67 39.97
N HIS C 177 -15.34 7.01 41.21
CA HIS C 177 -16.08 7.93 42.06
C HIS C 177 -15.79 9.36 41.60
N VAL C 178 -16.78 10.04 41.03
CA VAL C 178 -16.55 11.34 40.40
C VAL C 178 -17.12 12.43 41.31
N THR C 179 -16.29 13.43 41.56
CA THR C 179 -16.70 14.66 42.25
C THR C 179 -16.55 15.84 41.30
N VAL C 180 -17.58 16.68 41.25
CA VAL C 180 -17.54 17.95 40.52
C VAL C 180 -17.52 19.05 41.58
N ALA C 181 -16.47 19.85 41.55
CA ALA C 181 -16.29 20.97 42.46
C ALA C 181 -16.49 22.23 41.64
N ALA C 182 -17.58 22.96 41.92
CA ALA C 182 -17.97 24.08 41.07
C ALA C 182 -18.78 25.08 41.91
N PRO C 183 -18.74 26.37 41.56
CA PRO C 183 -19.55 27.33 42.31
C PRO C 183 -21.03 27.22 41.96
N GLU C 184 -21.88 27.63 42.91
CA GLU C 184 -23.31 27.65 42.66
C GLU C 184 -23.60 28.46 41.40
N GLY C 185 -24.59 28.03 40.64
CA GLY C 185 -24.86 28.65 39.35
C GLY C 185 -24.15 27.99 38.20
N PHE C 186 -23.17 27.13 38.46
CA PHE C 186 -22.38 26.48 37.41
C PHE C 186 -22.35 24.97 37.63
N LEU C 187 -23.50 24.38 37.90
CA LEU C 187 -23.54 22.99 38.31
C LEU C 187 -23.96 22.10 37.15
N PRO C 188 -23.68 20.80 37.23
CA PRO C 188 -24.05 19.89 36.12
C PRO C 188 -25.54 19.93 35.80
N ASP C 189 -25.82 19.75 34.52
CA ASP C 189 -27.20 19.63 34.07
C ASP C 189 -27.90 18.50 34.83
N PRO C 190 -29.13 18.73 35.31
CA PRO C 190 -29.80 17.70 36.14
C PRO C 190 -30.04 16.39 35.42
N SER C 191 -30.34 16.44 34.12
CA SER C 191 -30.55 15.21 33.38
C SER C 191 -29.26 14.40 33.30
N VAL C 192 -28.14 15.08 33.09
CA VAL C 192 -26.85 14.40 33.02
C VAL C 192 -26.50 13.81 34.39
N ARG C 193 -26.67 14.61 35.45
CA ARG C 193 -26.36 14.11 36.79
C ARG C 193 -27.19 12.88 37.13
N ALA C 194 -28.47 12.87 36.73
CA ALA C 194 -29.32 11.73 37.03
C ALA C 194 -28.93 10.50 36.23
N ALA C 195 -28.53 10.69 34.96
CA ALA C 195 -28.03 9.58 34.16
C ALA C 195 -26.77 8.99 34.78
N ALA C 196 -25.89 9.85 35.31
CA ALA C 196 -24.65 9.35 35.92
C ALA C 196 -24.95 8.62 37.22
N GLU C 197 -25.87 9.15 38.03
CA GLU C 197 -26.25 8.48 39.26
C GLU C 197 -26.82 7.09 38.98
N ARG C 198 -27.67 6.96 37.95
CA ARG C 198 -28.22 5.65 37.60
C ARG C 198 -27.14 4.70 37.09
N ARG C 199 -26.21 5.21 36.28
CA ARG C 199 -25.15 4.34 35.78
C ARG C 199 -24.23 3.90 36.93
N ALA C 200 -23.99 4.81 37.89
CA ALA C 200 -23.10 4.48 39.00
C ALA C 200 -23.62 3.32 39.84
N GLN C 201 -24.93 3.17 39.94
CA GLN C 201 -25.50 2.02 40.64
C GLN C 201 -25.09 0.70 40.00
N ASP C 202 -24.89 0.67 38.69
CA ASP C 202 -24.46 -0.56 38.03
C ASP C 202 -22.98 -0.86 38.25
N THR C 203 -22.17 0.16 38.57
CA THR C 203 -20.73 0.00 38.56
C THR C 203 -20.07 0.16 39.93
N GLY C 204 -20.83 0.44 40.97
CA GLY C 204 -20.25 0.71 42.27
C GLY C 204 -19.66 2.09 42.42
N ALA C 205 -19.85 2.96 41.43
CA ALA C 205 -19.29 4.31 41.46
C ALA C 205 -20.23 5.23 42.24
N SER C 206 -19.93 6.53 42.23
CA SER C 206 -20.77 7.51 42.91
C SER C 206 -20.57 8.86 42.26
N VAL C 207 -21.51 9.75 42.54
CA VAL C 207 -21.48 11.13 42.03
C VAL C 207 -21.55 12.06 43.24
N THR C 208 -20.65 13.04 43.27
CA THR C 208 -20.67 14.09 44.29
C THR C 208 -20.53 15.45 43.61
N VAL C 209 -21.34 16.41 44.04
CA VAL C 209 -21.24 17.78 43.56
C VAL C 209 -21.11 18.69 44.77
N THR C 210 -20.06 19.51 44.79
CA THR C 210 -19.78 20.31 45.97
C THR C 210 -19.16 21.64 45.56
N ALA C 211 -19.33 22.66 46.40
CA ALA C 211 -18.59 23.89 46.22
C ALA C 211 -17.35 23.96 47.11
N ASP C 212 -17.05 22.89 47.84
CA ASP C 212 -15.90 22.84 48.74
C ASP C 212 -14.73 22.23 47.97
N ALA C 213 -13.90 23.11 47.38
CA ALA C 213 -12.79 22.63 46.56
C ALA C 213 -11.78 21.85 47.39
N HIS C 214 -11.52 22.30 48.62
CA HIS C 214 -10.57 21.56 49.43
CA HIS C 214 -10.64 21.59 49.56
C HIS C 214 -11.08 20.15 49.73
N ALA C 215 -12.38 19.98 49.97
CA ALA C 215 -12.91 18.64 50.22
C ALA C 215 -12.81 17.77 48.98
N ALA C 216 -13.03 18.39 47.81
CA ALA C 216 -12.97 17.62 46.57
C ALA C 216 -11.54 17.16 46.28
N ALA C 217 -10.54 17.95 46.65
CA ALA C 217 -9.16 17.54 46.39
C ALA C 217 -8.66 16.51 47.39
N ALA C 218 -9.18 16.54 48.62
CA ALA C 218 -8.67 15.68 49.68
C ALA C 218 -8.85 14.20 49.31
N GLY C 219 -7.73 13.49 49.25
CA GLY C 219 -7.75 12.06 48.93
C GLY C 219 -8.08 11.73 47.49
N ALA C 220 -8.01 12.70 46.57
CA ALA C 220 -8.30 12.40 45.18
C ALA C 220 -7.12 11.68 44.53
N ASP C 221 -7.44 10.75 43.60
CA ASP C 221 -6.42 10.10 42.81
C ASP C 221 -6.15 10.85 41.51
N VAL C 222 -7.14 11.58 41.01
CA VAL C 222 -7.05 12.29 39.74
C VAL C 222 -7.70 13.65 39.92
N LEU C 223 -7.00 14.71 39.53
CA LEU C 223 -7.53 16.06 39.57
C LEU C 223 -7.61 16.56 38.15
N VAL C 224 -8.76 17.11 37.76
CA VAL C 224 -8.98 17.53 36.38
C VAL C 224 -9.52 18.96 36.37
N THR C 225 -9.12 19.75 35.38
CA THR C 225 -9.78 21.03 35.16
C THR C 225 -9.81 21.35 33.67
N ASP C 226 -10.37 22.51 33.33
CA ASP C 226 -10.61 22.91 31.95
C ASP C 226 -10.71 24.43 31.97
N THR C 227 -10.68 25.05 30.79
CA THR C 227 -10.86 26.50 30.78
C THR C 227 -12.24 26.89 31.30
N TRP C 228 -12.31 28.07 31.91
CA TRP C 228 -13.51 28.51 32.58
C TRP C 228 -14.56 29.05 31.61
N THR C 229 -14.15 29.38 30.39
CA THR C 229 -15.01 30.05 29.43
C THR C 229 -14.76 29.52 28.03
N SER C 230 -15.82 29.08 27.36
CA SER C 230 -15.77 28.82 25.93
C SER C 230 -16.04 30.11 25.16
N MET C 231 -15.62 30.12 23.89
CA MET C 231 -15.74 31.33 23.09
C MET C 231 -17.19 31.78 22.99
N GLY C 232 -18.13 30.83 22.92
CA GLY C 232 -19.54 31.15 22.92
C GLY C 232 -20.07 31.74 24.21
N GLN C 233 -19.27 31.73 25.28
CA GLN C 233 -19.68 32.25 26.57
C GLN C 233 -19.08 33.63 26.87
N GLU C 234 -18.15 34.12 26.05
CA GLU C 234 -17.46 35.37 26.34
C GLU C 234 -18.42 36.56 26.44
N ASN C 235 -19.55 36.52 25.74
CA ASN C 235 -20.51 37.61 25.75
C ASN C 235 -21.76 37.29 26.56
N ASP C 236 -21.68 36.32 27.49
CA ASP C 236 -22.86 35.92 28.24
C ASP C 236 -23.21 36.88 29.37
N GLY C 237 -22.40 37.91 29.61
CA GLY C 237 -22.68 38.90 30.63
C GLY C 237 -22.12 38.59 32.00
N LEU C 238 -21.59 37.39 32.22
CA LEU C 238 -21.07 36.99 33.54
C LEU C 238 -19.60 37.36 33.71
N ASP C 239 -19.25 37.74 34.93
CA ASP C 239 -17.87 37.67 35.38
C ASP C 239 -17.51 36.19 35.52
N ARG C 240 -16.70 35.69 34.60
CA ARG C 240 -16.34 34.27 34.57
C ARG C 240 -14.93 34.04 35.10
N VAL C 241 -14.48 34.90 36.03
CA VAL C 241 -13.19 34.76 36.67
C VAL C 241 -13.36 34.65 38.18
N LYS C 242 -14.00 35.66 38.78
CA LYS C 242 -14.13 35.67 40.23
C LYS C 242 -14.79 34.41 40.80
N PRO C 243 -15.85 33.85 40.19
CA PRO C 243 -16.44 32.65 40.79
C PRO C 243 -15.49 31.47 40.82
N PHE C 244 -14.55 31.41 39.88
CA PHE C 244 -13.76 30.20 39.68
C PHE C 244 -12.40 30.25 40.35
N ARG C 245 -11.92 31.43 40.74
CA ARG C 245 -10.63 31.52 41.42
C ARG C 245 -10.44 30.53 42.56
N PRO C 246 -11.42 30.28 43.44
CA PRO C 246 -11.21 29.27 44.50
C PRO C 246 -11.02 27.87 43.98
N PHE C 247 -11.32 27.61 42.71
CA PHE C 247 -11.27 26.23 42.16
C PHE C 247 -10.02 26.04 41.28
N GLN C 248 -9.06 26.94 41.40
CA GLN C 248 -7.83 26.86 40.61
C GLN C 248 -7.04 25.62 41.01
N LEU C 249 -6.58 24.88 40.00
CA LEU C 249 -5.73 23.70 40.26
C LEU C 249 -4.32 24.22 40.48
N ASN C 250 -4.01 24.47 41.73
CA ASN C 250 -2.68 25.01 42.09
C ASN C 250 -1.95 24.04 43.00
N SER C 251 -0.73 24.40 43.36
CA SER C 251 0.10 23.49 44.15
C SER C 251 -0.52 23.21 45.52
N ARG C 252 -1.14 24.22 46.14
CA ARG C 252 -1.79 24.03 47.43
C ARG C 252 -2.92 23.01 47.33
N LEU C 253 -3.69 23.08 46.24
CA LEU C 253 -4.79 22.15 46.06
C LEU C 253 -4.27 20.75 45.78
N LEU C 254 -3.27 20.64 44.90
CA LEU C 254 -2.70 19.33 44.58
C LEU C 254 -2.13 18.66 45.81
N ALA C 255 -1.54 19.44 46.71
CA ALA C 255 -0.95 18.89 47.93
C ALA C 255 -1.97 18.23 48.84
N LEU C 256 -3.25 18.57 48.71
CA LEU C 256 -4.30 17.91 49.48
C LEU C 256 -4.63 16.51 48.96
N ALA C 257 -4.32 16.22 47.70
CA ALA C 257 -4.74 14.95 47.11
C ALA C 257 -3.80 13.84 47.56
N ASP C 258 -4.12 12.60 47.17
CA ASP C 258 -3.20 11.49 47.40
C ASP C 258 -1.82 11.80 46.85
N SER C 259 -0.78 11.27 47.49
CA SER C 259 0.57 11.62 47.07
C SER C 259 0.90 11.14 45.65
N ASP C 260 0.21 10.11 45.15
CA ASP C 260 0.42 9.62 43.78
C ASP C 260 -0.60 10.18 42.79
N ALA C 261 -1.29 11.27 43.16
CA ALA C 261 -2.35 11.80 42.30
C ALA C 261 -1.80 12.28 40.97
N ILE C 262 -2.62 12.22 39.93
CA ILE C 262 -2.24 12.83 38.66
C ILE C 262 -3.23 13.93 38.28
N VAL C 263 -2.79 14.77 37.36
CA VAL C 263 -3.50 15.97 36.93
C VAL C 263 -3.76 15.89 35.42
N LEU C 264 -5.01 16.16 35.04
CA LEU C 264 -5.47 16.13 33.66
C LEU C 264 -6.06 17.49 33.28
N HIS C 265 -6.00 17.80 31.99
CA HIS C 265 -6.53 19.04 31.40
C HIS C 265 -6.61 18.82 29.90
N CYS C 266 -7.80 19.00 29.31
CA CYS C 266 -7.96 18.62 27.89
C CYS C 266 -7.21 19.54 26.92
N LEU C 267 -6.79 20.73 27.35
CA LEU C 267 -6.01 21.69 26.56
C LEU C 267 -6.86 22.34 25.49
N PRO C 268 -6.57 23.58 25.10
CA PRO C 268 -5.45 24.37 25.61
C PRO C 268 -5.68 24.86 27.03
N ALA C 269 -4.59 25.00 27.78
CA ALA C 269 -4.63 25.59 29.11
C ALA C 269 -4.35 27.08 29.05
N HIS C 270 -5.02 27.83 29.93
CA HIS C 270 -4.72 29.24 30.18
C HIS C 270 -3.96 29.28 31.50
N ARG C 271 -2.63 29.24 31.38
CA ARG C 271 -1.78 29.10 32.54
C ARG C 271 -1.94 30.31 33.45
N GLY C 272 -2.07 30.08 34.75
CA GLY C 272 -2.35 31.14 35.70
C GLY C 272 -3.82 31.34 36.00
N ASP C 273 -4.72 30.79 35.19
CA ASP C 273 -6.15 30.85 35.46
C ASP C 273 -6.59 29.53 36.08
N GLU C 274 -7.08 28.58 35.28
CA GLU C 274 -7.62 27.37 35.90
C GLU C 274 -6.52 26.47 36.45
N ILE C 275 -5.28 26.64 36.00
CA ILE C 275 -4.19 25.76 36.39
C ILE C 275 -2.92 26.61 36.39
N THR C 276 -1.99 26.28 37.27
CA THR C 276 -0.74 27.02 37.37
C THR C 276 0.39 26.28 36.66
N ASP C 277 1.43 27.04 36.29
CA ASP C 277 2.62 26.46 35.67
C ASP C 277 3.21 25.33 36.51
N ALA C 278 3.32 25.54 37.83
CA ALA C 278 3.91 24.54 38.70
C ALA C 278 3.18 23.21 38.61
N VAL C 279 1.86 23.24 38.49
CA VAL C 279 1.10 21.99 38.40
C VAL C 279 1.18 21.42 36.99
N MET C 280 1.00 22.28 35.97
CA MET C 280 1.05 21.84 34.58
C MET C 280 2.36 21.13 34.25
N ASP C 281 3.46 21.66 34.76
CA ASP C 281 4.80 21.23 34.38
C ASP C 281 5.45 20.34 35.41
N GLY C 282 4.75 20.00 36.49
CA GLY C 282 5.31 19.21 37.55
C GLY C 282 5.07 17.71 37.38
N PRO C 283 5.51 16.92 38.35
CA PRO C 283 5.54 15.46 38.18
C PRO C 283 4.17 14.80 38.20
N ALA C 284 3.13 15.48 38.69
CA ALA C 284 1.80 14.88 38.67
C ALA C 284 1.09 15.07 37.33
N SER C 285 1.59 15.97 36.49
CA SER C 285 0.87 16.30 35.27
C SER C 285 0.96 15.15 34.26
N ALA C 286 -0.19 14.78 33.71
CA ALA C 286 -0.27 13.79 32.65
C ALA C 286 -0.80 14.40 31.36
N VAL C 287 -0.73 15.74 31.22
CA VAL C 287 -1.47 16.38 30.13
C VAL C 287 -0.92 16.03 28.76
N TRP C 288 0.39 15.79 28.64
CA TRP C 288 0.93 15.49 27.31
C TRP C 288 0.59 14.07 26.86
N ASP C 289 0.70 13.09 27.76
CA ASP C 289 0.20 11.75 27.45
C ASP C 289 -1.29 11.77 27.12
N GLU C 290 -2.06 12.53 27.90
CA GLU C 290 -3.48 12.71 27.65
C GLU C 290 -3.74 13.22 26.23
N ALA C 291 -3.01 14.26 25.82
CA ALA C 291 -3.18 14.79 24.47
C ALA C 291 -2.85 13.72 23.43
N GLU C 292 -1.75 12.99 23.61
CA GLU C 292 -1.39 11.92 22.68
C GLU C 292 -2.51 10.88 22.59
N ASN C 293 -3.11 10.53 23.73
CA ASN C 293 -4.06 9.42 23.73
C ASN C 293 -5.38 9.77 23.04
N ARG C 294 -5.64 11.03 22.71
CA ARG C 294 -6.76 11.33 21.81
C ARG C 294 -6.63 10.52 20.52
N LEU C 295 -5.42 10.46 19.96
CA LEU C 295 -5.22 9.70 18.72
C LEU C 295 -5.62 8.24 18.90
N HIS C 296 -5.09 7.59 19.94
CA HIS C 296 -5.30 6.14 20.08
C HIS C 296 -6.73 5.83 20.49
N ALA C 297 -7.29 6.61 21.42
CA ALA C 297 -8.63 6.32 21.91
C ALA C 297 -9.66 6.52 20.80
N GLN C 298 -9.47 7.55 19.97
CA GLN C 298 -10.42 7.75 18.87
C GLN C 298 -10.30 6.66 17.82
N LYS C 299 -9.08 6.19 17.54
CA LYS C 299 -8.95 5.08 16.59
C LYS C 299 -9.65 3.84 17.13
N ALA C 300 -9.51 3.57 18.43
CA ALA C 300 -10.15 2.40 19.03
C ALA C 300 -11.67 2.50 18.94
N LEU C 301 -12.22 3.68 19.23
CA LEU C 301 -13.65 3.90 19.11
C LEU C 301 -14.12 3.61 17.70
N LEU C 302 -13.43 4.16 16.70
CA LEU C 302 -13.83 3.95 15.32
C LEU C 302 -13.80 2.48 14.96
N VAL C 303 -12.70 1.79 15.31
CA VAL C 303 -12.60 0.35 15.02
C VAL C 303 -13.78 -0.38 15.63
N TRP C 304 -14.08 -0.08 16.90
CA TRP C 304 -15.13 -0.79 17.62
C TRP C 304 -16.51 -0.50 17.02
N LEU C 305 -16.79 0.76 16.70
CA LEU C 305 -18.10 1.09 16.12
C LEU C 305 -18.27 0.48 14.73
N LEU C 306 -17.20 0.49 13.92
CA LEU C 306 -17.31 -0.04 12.56
C LEU C 306 -17.61 -1.54 12.57
N GLU C 307 -16.89 -2.29 13.42
CA GLU C 307 -17.18 -3.70 13.65
C GLU C 307 -18.60 -4.01 14.08
N ARG C 308 -19.26 -3.11 14.79
CA ARG C 308 -20.59 -3.39 15.30
C ARG C 308 -21.70 -2.77 14.47
N SER C 309 -21.38 -2.17 13.34
CA SER C 309 -22.39 -1.46 12.58
C SER C 309 -22.45 -2.00 11.15
N SER D 2 6.62 -10.90 27.11
CA SER D 2 5.53 -11.85 27.27
C SER D 2 6.02 -13.28 27.00
N VAL D 3 5.18 -14.28 27.26
CA VAL D 3 5.62 -15.63 26.97
C VAL D 3 5.31 -15.82 25.49
N ILE D 4 6.12 -16.59 24.78
CA ILE D 4 5.80 -16.88 23.38
C ILE D 4 4.77 -18.00 23.35
N ARG D 5 3.67 -17.80 22.62
CA ARG D 5 2.62 -18.80 22.58
C ARG D 5 2.78 -19.65 21.31
N HIS D 6 2.66 -20.96 21.46
CA HIS D 6 2.72 -21.90 20.35
CA HIS D 6 2.70 -21.85 20.32
C HIS D 6 1.38 -22.61 20.22
N PHE D 7 1.17 -23.24 19.07
CA PHE D 7 -0.04 -24.03 18.81
C PHE D 7 0.38 -25.33 18.17
N LEU D 8 0.73 -26.31 19.01
CA LEU D 8 1.23 -27.61 18.54
C LEU D 8 0.19 -28.70 18.61
N ARG D 9 -0.80 -28.48 19.45
CA ARG D 9 -1.89 -29.44 19.70
C ARG D 9 -3.09 -28.58 20.14
N ASP D 10 -4.29 -29.12 20.05
CA ASP D 10 -5.50 -28.29 20.24
C ASP D 10 -5.63 -27.70 21.63
N ASP D 11 -5.16 -28.43 22.62
CA ASP D 11 -5.30 -28.01 24.02
C ASP D 11 -4.26 -26.96 24.39
N ASP D 12 -3.41 -26.58 23.44
CA ASP D 12 -2.53 -25.45 23.73
C ASP D 12 -3.31 -24.16 23.94
N LEU D 13 -4.55 -24.08 23.46
CA LEU D 13 -5.47 -23.00 23.79
C LEU D 13 -6.39 -23.46 24.92
N SER D 14 -6.61 -22.59 25.90
CA SER D 14 -7.59 -22.83 26.93
C SER D 14 -8.99 -22.66 26.33
N PRO D 15 -10.04 -23.10 27.04
CA PRO D 15 -11.39 -22.84 26.52
C PRO D 15 -11.66 -21.38 26.21
N ALA D 16 -11.25 -20.44 27.08
CA ALA D 16 -11.53 -19.04 26.79
C ALA D 16 -10.71 -18.55 25.60
N GLU D 17 -9.46 -18.99 25.49
CA GLU D 17 -8.61 -18.58 24.39
C GLU D 17 -9.11 -19.15 23.07
N GLN D 18 -9.54 -20.41 23.08
CA GLN D 18 -10.09 -20.97 21.85
C GLN D 18 -11.32 -20.19 21.41
N ALA D 19 -12.16 -19.76 22.37
CA ALA D 19 -13.32 -18.98 22.00
C ALA D 19 -12.91 -17.66 21.36
N GLU D 20 -11.85 -17.04 21.88
CA GLU D 20 -11.36 -15.79 21.28
C GLU D 20 -10.92 -15.99 19.85
N VAL D 21 -10.19 -17.09 19.59
CA VAL D 21 -9.70 -17.35 18.23
C VAL D 21 -10.87 -17.59 17.29
N LEU D 22 -11.87 -18.35 17.73
CA LEU D 22 -13.00 -18.65 16.85
C LEU D 22 -13.85 -17.41 16.58
N GLU D 23 -13.99 -16.51 17.56
CA GLU D 23 -14.67 -15.25 17.29
C GLU D 23 -13.89 -14.40 16.29
N LEU D 24 -12.57 -14.34 16.44
CA LEU D 24 -11.73 -13.66 15.47
C LEU D 24 -11.87 -14.27 14.08
N ALA D 25 -11.98 -15.60 14.01
CA ALA D 25 -12.15 -16.25 12.70
C ALA D 25 -13.42 -15.79 12.00
N ALA D 26 -14.51 -15.62 12.76
CA ALA D 26 -15.75 -15.13 12.15
C ALA D 26 -15.60 -13.68 11.69
N GLU D 27 -14.91 -12.85 12.49
CA GLU D 27 -14.69 -11.45 12.10
C GLU D 27 -13.85 -11.37 10.85
N LEU D 28 -12.81 -12.22 10.73
CA LEU D 28 -11.94 -12.17 9.56
C LEU D 28 -12.62 -12.73 8.32
N LYS D 29 -13.53 -13.68 8.47
CA LYS D 29 -14.28 -14.14 7.31
C LYS D 29 -15.12 -12.99 6.73
N LYS D 30 -15.65 -12.14 7.61
CA LYS D 30 -16.45 -10.99 7.17
C LYS D 30 -15.59 -9.88 6.58
N ASP D 31 -14.40 -9.67 7.14
CA ASP D 31 -13.51 -8.55 6.77
C ASP D 31 -12.09 -9.07 6.62
N PRO D 32 -11.77 -9.68 5.47
CA PRO D 32 -10.55 -10.51 5.37
C PRO D 32 -9.24 -9.76 5.35
N VAL D 33 -9.23 -8.46 5.09
CA VAL D 33 -7.97 -7.72 5.06
C VAL D 33 -7.96 -6.61 6.11
N SER D 34 -8.81 -6.74 7.14
CA SER D 34 -8.92 -5.71 8.17
C SER D 34 -7.87 -5.85 9.27
N ARG D 35 -7.16 -6.97 9.34
CA ARG D 35 -6.12 -7.19 10.33
C ARG D 35 -4.79 -7.34 9.60
N ARG D 36 -3.82 -6.45 9.87
CA ARG D 36 -2.57 -6.46 9.12
C ARG D 36 -1.36 -6.47 10.06
N PRO D 37 -1.30 -7.44 10.98
CA PRO D 37 -0.17 -7.50 11.89
C PRO D 37 1.14 -7.82 11.20
N LEU D 38 1.11 -8.31 9.96
CA LEU D 38 2.37 -8.70 9.28
C LEU D 38 2.71 -7.69 8.17
N GLN D 39 2.09 -6.52 8.22
CA GLN D 39 2.36 -5.47 7.22
C GLN D 39 3.87 -5.18 7.16
N GLY D 40 4.36 -4.91 5.95
CA GLY D 40 5.80 -4.65 5.77
C GLY D 40 6.28 -4.91 4.37
N PRO D 41 6.37 -6.18 3.92
CA PRO D 41 5.89 -7.30 4.70
C PRO D 41 6.82 -7.96 5.73
N ARG D 42 6.23 -8.52 6.77
CA ARG D 42 6.99 -9.37 7.69
C ARG D 42 6.86 -10.81 7.16
N GLY D 43 7.82 -11.65 7.49
CA GLY D 43 7.81 -13.01 7.00
C GLY D 43 7.12 -13.99 7.92
N VAL D 44 6.62 -15.08 7.33
CA VAL D 44 6.19 -16.28 8.04
C VAL D 44 6.74 -17.48 7.29
N ALA D 45 7.42 -18.38 8.00
CA ALA D 45 7.91 -19.59 7.34
C ALA D 45 6.78 -20.60 7.24
N VAL D 46 6.69 -21.29 6.11
CA VAL D 46 5.69 -22.35 5.90
C VAL D 46 6.45 -23.54 5.34
N ILE D 47 6.70 -24.54 6.20
CA ILE D 47 7.66 -25.61 5.95
C ILE D 47 6.92 -26.93 5.92
N PHE D 48 7.12 -27.71 4.86
CA PHE D 48 6.50 -29.02 4.70
C PHE D 48 7.57 -30.11 4.60
N ASP D 49 7.66 -30.97 5.63
CA ASP D 49 8.53 -32.14 5.52
C ASP D 49 7.96 -33.15 4.53
N LYS D 50 6.64 -33.16 4.36
CA LYS D 50 5.95 -33.89 3.32
C LYS D 50 4.94 -32.92 2.74
N ASN D 51 4.90 -32.80 1.42
CA ASN D 51 4.06 -31.79 0.78
C ASN D 51 2.59 -31.98 1.12
N SER D 52 1.90 -30.87 1.32
CA SER D 52 0.44 -30.90 1.41
C SER D 52 -0.02 -29.64 0.69
N THR D 53 -0.23 -29.77 -0.62
CA THR D 53 -0.59 -28.63 -1.44
C THR D 53 -1.83 -27.92 -0.91
N ARG D 54 -2.82 -28.66 -0.46
CA ARG D 54 -4.07 -28.00 -0.03
C ARG D 54 -3.82 -27.13 1.20
N THR D 55 -2.94 -27.56 2.11
CA THR D 55 -2.61 -26.80 3.29
C THR D 55 -1.81 -25.58 2.91
N ARG D 56 -0.88 -25.74 1.97
CA ARG D 56 -0.06 -24.61 1.60
C ARG D 56 -0.90 -23.48 1.03
N PHE D 57 -1.93 -23.81 0.23
CA PHE D 57 -2.81 -22.77 -0.31
C PHE D 57 -3.40 -21.89 0.79
N SER D 58 -4.02 -22.53 1.78
CA SER D 58 -4.69 -21.81 2.89
C SER D 58 -3.70 -20.90 3.63
N PHE D 59 -2.55 -21.42 4.00
CA PHE D 59 -1.60 -20.61 4.80
C PHE D 59 -0.98 -19.48 3.96
N GLU D 60 -0.52 -19.80 2.76
CA GLU D 60 0.17 -18.78 1.92
C GLU D 60 -0.75 -17.58 1.71
N LEU D 61 -2.00 -17.85 1.37
CA LEU D 61 -2.93 -16.75 1.09
C LEU D 61 -3.32 -16.06 2.40
N GLY D 62 -3.53 -16.85 3.46
CA GLY D 62 -3.88 -16.21 4.72
C GLY D 62 -2.79 -15.28 5.21
N ILE D 63 -1.53 -15.72 5.14
CA ILE D 63 -0.41 -14.86 5.53
C ILE D 63 -0.38 -13.58 4.70
N ALA D 64 -0.57 -13.72 3.38
CA ALA D 64 -0.57 -12.54 2.52
C ALA D 64 -1.68 -11.56 2.89
N GLN D 65 -2.86 -12.08 3.25
CA GLN D 65 -3.98 -11.22 3.62
C GLN D 65 -3.80 -10.57 4.97
N LEU D 66 -2.86 -11.06 5.80
CA LEU D 66 -2.44 -10.35 7.00
C LEU D 66 -1.33 -9.35 6.72
N GLY D 67 -0.98 -9.17 5.45
CA GLY D 67 0.05 -8.23 5.04
C GLY D 67 1.44 -8.81 4.93
N GLY D 68 1.63 -10.10 5.23
CA GLY D 68 2.96 -10.68 5.30
C GLY D 68 3.35 -11.42 4.03
N HIS D 69 4.56 -11.97 4.06
CA HIS D 69 5.07 -12.78 2.94
C HIS D 69 5.42 -14.18 3.44
N ALA D 70 4.73 -15.19 2.90
CA ALA D 70 5.04 -16.56 3.25
C ALA D 70 6.27 -17.03 2.48
N VAL D 71 7.26 -17.55 3.20
CA VAL D 71 8.39 -18.24 2.59
C VAL D 71 8.12 -19.72 2.71
N VAL D 72 7.87 -20.36 1.58
CA VAL D 72 7.40 -21.74 1.56
C VAL D 72 8.58 -22.67 1.28
N VAL D 73 8.69 -23.72 2.07
CA VAL D 73 9.74 -24.73 1.89
C VAL D 73 9.03 -26.07 1.75
N ASP D 74 9.18 -26.71 0.59
CA ASP D 74 8.57 -28.01 0.34
C ASP D 74 9.63 -29.12 0.48
N SER D 75 9.23 -30.37 0.24
CA SER D 75 10.09 -31.50 0.57
C SER D 75 11.28 -31.66 -0.37
N GLY D 76 11.34 -30.88 -1.46
CA GLY D 76 12.52 -30.89 -2.32
C GLY D 76 13.76 -30.31 -1.66
N SER D 77 13.60 -29.56 -0.58
CA SER D 77 14.73 -29.09 0.23
C SER D 77 15.17 -30.18 1.19
N THR D 78 16.44 -30.10 1.62
CA THR D 78 16.95 -31.00 2.64
C THR D 78 16.06 -30.96 3.86
N GLN D 79 15.67 -32.13 4.37
CA GLN D 79 14.74 -32.17 5.49
C GLN D 79 15.35 -31.51 6.72
N LEU D 80 14.55 -30.69 7.42
CA LEU D 80 15.05 -30.08 8.65
C LEU D 80 15.53 -31.10 9.66
N GLY D 81 16.62 -30.74 10.34
CA GLY D 81 17.27 -31.61 11.29
C GLY D 81 18.42 -32.43 10.73
N ARG D 82 18.56 -32.50 9.40
CA ARG D 82 19.61 -33.34 8.83
C ARG D 82 20.97 -32.62 8.81
N ASP D 83 20.98 -31.37 8.36
CA ASP D 83 22.23 -30.63 8.16
C ASP D 83 22.53 -29.67 9.30
N GLU D 84 21.62 -29.53 10.24
CA GLU D 84 21.63 -28.53 11.30
C GLU D 84 20.67 -29.05 12.37
N THR D 85 20.99 -28.86 13.66
CA THR D 85 20.00 -29.25 14.68
C THR D 85 18.72 -28.44 14.53
N LEU D 86 17.60 -29.05 14.95
CA LEU D 86 16.33 -28.34 14.90
C LEU D 86 16.36 -27.04 15.69
N GLN D 87 17.07 -27.06 16.84
CA GLN D 87 17.12 -25.86 17.69
C GLN D 87 17.90 -24.74 17.00
N ASP D 88 19.03 -25.06 16.37
CA ASP D 88 19.76 -24.04 15.61
C ASP D 88 18.91 -23.50 14.48
N THR D 89 18.18 -24.36 13.77
CA THR D 89 17.32 -23.87 12.70
C THR D 89 16.24 -22.94 13.26
N ALA D 90 15.63 -23.31 14.38
CA ALA D 90 14.60 -22.47 14.96
C ALA D 90 15.13 -21.11 15.38
N LYS D 91 16.37 -21.06 15.86
CA LYS D 91 16.96 -19.77 16.26
C LYS D 91 17.24 -18.88 15.05
N VAL D 92 17.67 -19.46 13.94
CA VAL D 92 17.88 -18.63 12.75
C VAL D 92 16.56 -18.19 12.16
N LEU D 93 15.59 -19.10 12.08
CA LEU D 93 14.29 -18.73 11.54
C LEU D 93 13.68 -17.58 12.34
N SER D 94 13.88 -17.59 13.67
CA SER D 94 13.32 -16.54 14.51
C SER D 94 13.90 -15.16 14.19
N ARG D 95 15.04 -15.09 13.51
CA ARG D 95 15.59 -13.81 13.08
C ARG D 95 15.01 -13.34 11.74
N TYR D 96 14.42 -14.24 10.96
CA TYR D 96 13.91 -13.87 9.65
C TYR D 96 12.40 -13.71 9.60
N VAL D 97 11.66 -14.47 10.42
CA VAL D 97 10.21 -14.51 10.30
C VAL D 97 9.59 -14.23 11.67
N ASP D 98 8.29 -13.90 11.65
CA ASP D 98 7.54 -13.58 12.85
C ASP D 98 6.73 -14.75 13.38
N ALA D 99 6.69 -15.86 12.63
CA ALA D 99 6.02 -17.09 13.05
C ALA D 99 6.51 -18.21 12.14
N ILE D 100 6.42 -19.44 12.65
CA ILE D 100 6.86 -20.63 11.93
C ILE D 100 5.68 -21.59 11.84
N VAL D 101 5.25 -21.89 10.62
CA VAL D 101 4.21 -22.88 10.35
C VAL D 101 4.88 -24.12 9.81
N TRP D 102 4.63 -25.28 10.44
CA TRP D 102 5.42 -26.46 10.11
C TRP D 102 4.54 -27.70 10.04
N ARG D 103 4.62 -28.42 8.91
CA ARG D 103 3.99 -29.73 8.75
C ARG D 103 5.10 -30.75 8.91
N THR D 104 5.03 -31.57 9.97
CA THR D 104 6.08 -32.56 10.20
C THR D 104 5.44 -33.84 10.71
N PHE D 105 6.25 -34.67 11.36
CA PHE D 105 5.88 -36.05 11.61
C PHE D 105 5.66 -36.21 13.11
N GLY D 106 6.68 -36.60 13.88
CA GLY D 106 6.47 -36.85 15.29
C GLY D 106 6.41 -35.57 16.10
N GLN D 107 5.65 -35.62 17.20
CA GLN D 107 5.42 -34.43 18.03
C GLN D 107 6.72 -33.92 18.66
N GLU D 108 7.70 -34.80 18.88
CA GLU D 108 8.94 -34.35 19.52
C GLU D 108 9.68 -33.33 18.64
N ARG D 109 9.48 -33.38 17.32
CA ARG D 109 10.10 -32.39 16.43
C ARG D 109 9.51 -31.01 16.64
N LEU D 110 8.16 -30.93 16.69
CA LEU D 110 7.50 -29.67 16.98
C LEU D 110 7.94 -29.12 18.33
N ASP D 111 8.00 -29.98 19.35
CA ASP D 111 8.42 -29.54 20.68
C ASP D 111 9.84 -28.99 20.66
N ALA D 112 10.74 -29.62 19.88
CA ALA D 112 12.12 -29.15 19.82
C ALA D 112 12.20 -27.74 19.27
N MET D 113 11.52 -27.47 18.15
CA MET D 113 11.47 -26.14 17.57
C MET D 113 10.89 -25.12 18.56
N ALA D 114 9.75 -25.45 19.17
CA ALA D 114 9.10 -24.49 20.06
C ALA D 114 9.88 -24.27 21.35
N SER D 115 10.79 -25.18 21.70
CA SER D 115 11.53 -25.04 22.94
C SER D 115 12.46 -23.83 22.90
N VAL D 116 12.93 -23.43 21.72
CA VAL D 116 13.89 -22.32 21.61
C VAL D 116 13.41 -21.19 20.71
N ALA D 117 12.37 -21.38 19.90
CA ALA D 117 11.95 -20.32 18.98
C ALA D 117 11.47 -19.11 19.77
N THR D 118 11.80 -17.91 19.29
CA THR D 118 11.33 -16.70 19.93
C THR D 118 10.11 -16.14 19.19
N VAL D 119 9.47 -16.97 18.38
CA VAL D 119 8.27 -16.63 17.63
C VAL D 119 7.33 -17.81 17.72
N PRO D 120 6.03 -17.59 17.52
CA PRO D 120 5.07 -18.71 17.57
C PRO D 120 5.37 -19.78 16.53
N VAL D 121 5.25 -21.03 16.98
CA VAL D 121 5.31 -22.24 16.15
C VAL D 121 3.90 -22.81 16.06
N ILE D 122 3.46 -23.09 14.82
CA ILE D 122 2.13 -23.62 14.54
C ILE D 122 2.26 -24.97 13.84
N ASN D 123 1.58 -25.97 14.38
CA ASN D 123 1.45 -27.31 13.76
C ASN D 123 0.44 -27.25 12.62
N ALA D 124 0.95 -27.27 11.39
CA ALA D 124 0.11 -27.20 10.18
C ALA D 124 -0.63 -28.50 9.93
N LEU D 125 -0.12 -29.61 10.45
CA LEU D 125 -0.58 -30.98 10.25
C LEU D 125 0.58 -31.87 10.69
N SER D 126 0.35 -32.88 11.54
CA SER D 126 1.40 -33.76 12.00
C SER D 126 0.85 -35.17 12.12
N ASP D 127 1.72 -36.11 12.51
CA ASP D 127 1.26 -37.50 12.68
C ASP D 127 0.23 -37.61 13.79
N GLU D 128 0.44 -36.91 14.90
CA GLU D 128 -0.46 -37.09 16.08
C GLU D 128 -1.65 -36.13 16.11
N PHE D 129 -1.48 -34.92 15.57
CA PHE D 129 -2.56 -33.93 15.67
C PHE D 129 -2.79 -33.17 14.36
N HIS D 130 -3.97 -32.60 14.21
CA HIS D 130 -4.28 -31.73 13.05
C HIS D 130 -5.11 -30.56 13.61
N PRO D 131 -4.51 -29.73 14.50
CA PRO D 131 -5.30 -28.74 15.22
C PRO D 131 -5.89 -27.56 14.45
N CYS D 132 -5.20 -27.16 13.37
CA CYS D 132 -5.75 -26.06 12.54
C CYS D 132 -7.00 -26.55 11.82
N GLN D 133 -6.97 -27.82 11.37
CA GLN D 133 -8.19 -28.32 10.74
C GLN D 133 -9.36 -28.27 11.71
N VAL D 134 -9.12 -28.63 12.97
CA VAL D 134 -10.25 -28.68 13.90
C VAL D 134 -10.73 -27.27 14.24
N LEU D 135 -9.84 -26.26 14.24
CA LEU D 135 -10.35 -24.89 14.37
C LEU D 135 -11.30 -24.56 13.22
N ALA D 136 -10.94 -24.96 11.99
CA ALA D 136 -11.82 -24.72 10.85
C ALA D 136 -13.14 -25.47 11.01
N ASP D 137 -13.08 -26.72 11.49
CA ASP D 137 -14.30 -27.48 11.80
C ASP D 137 -15.16 -26.77 12.82
N LEU D 138 -14.57 -26.27 13.92
CA LEU D 138 -15.37 -25.60 14.94
C LEU D 138 -16.00 -24.32 14.42
N GLN D 139 -15.26 -23.56 13.59
CA GLN D 139 -15.84 -22.36 12.98
C GLN D 139 -17.03 -22.71 12.12
N THR D 140 -16.94 -23.82 11.39
CA THR D 140 -18.01 -24.26 10.51
C THR D 140 -19.23 -24.68 11.31
N ILE D 141 -19.02 -25.45 12.37
CA ILE D 141 -20.12 -25.84 13.24
C ILE D 141 -20.80 -24.60 13.82
N ALA D 142 -20.00 -23.64 14.28
CA ALA D 142 -20.60 -22.46 14.93
C ALA D 142 -21.45 -21.65 13.96
N GLU D 143 -20.99 -21.53 12.72
CA GLU D 143 -21.70 -20.75 11.69
C GLU D 143 -23.07 -21.36 11.45
N ARG D 144 -23.15 -22.67 11.54
CA ARG D 144 -24.43 -23.33 11.21
C ARG D 144 -25.30 -23.52 12.46
N LYS D 145 -24.72 -23.68 13.64
CA LYS D 145 -25.47 -24.11 14.79
C LYS D 145 -25.38 -23.19 16.00
N GLY D 146 -24.53 -22.18 15.98
CA GLY D 146 -24.46 -21.22 17.08
C GLY D 146 -23.51 -21.70 18.16
N ALA D 147 -23.94 -21.63 19.41
CA ALA D 147 -23.07 -22.03 20.55
C ALA D 147 -22.62 -23.48 20.41
N LEU D 148 -21.35 -23.74 20.67
CA LEU D 148 -20.79 -25.10 20.55
C LEU D 148 -21.02 -25.92 21.84
N ARG D 149 -21.07 -25.24 22.98
CA ARG D 149 -21.18 -25.98 24.25
C ARG D 149 -22.43 -26.85 24.26
N GLY D 150 -22.25 -28.13 24.57
CA GLY D 150 -23.39 -29.06 24.68
C GLY D 150 -23.73 -29.76 23.37
N LEU D 151 -23.12 -29.33 22.28
CA LEU D 151 -23.38 -30.06 21.02
C LEU D 151 -22.78 -31.46 21.10
N ARG D 152 -23.27 -32.33 20.23
CA ARG D 152 -22.81 -33.71 20.15
C ARG D 152 -22.15 -33.96 18.80
N LEU D 153 -20.89 -34.36 18.82
CA LEU D 153 -20.13 -34.67 17.61
C LEU D 153 -19.62 -36.10 17.68
N SER D 154 -19.77 -36.83 16.56
CA SER D 154 -19.26 -38.19 16.45
C SER D 154 -18.32 -38.27 15.26
N TYR D 155 -17.15 -38.84 15.50
CA TYR D 155 -16.14 -39.14 14.48
C TYR D 155 -16.12 -40.65 14.23
N PHE D 156 -15.98 -41.02 12.96
CA PHE D 156 -16.10 -42.41 12.52
C PHE D 156 -14.86 -42.84 11.76
N GLY D 157 -14.36 -44.04 12.09
CA GLY D 157 -13.29 -44.61 11.29
C GLY D 157 -12.03 -44.93 12.04
N ASP D 158 -10.89 -44.40 11.56
CA ASP D 158 -9.61 -44.65 12.21
C ASP D 158 -9.51 -43.74 13.44
N GLY D 159 -9.77 -44.29 14.62
CA GLY D 159 -9.75 -43.54 15.85
C GLY D 159 -8.39 -43.25 16.45
N ALA D 160 -7.31 -43.68 15.79
CA ALA D 160 -5.96 -43.49 16.26
C ALA D 160 -5.22 -42.40 15.48
N ASN D 161 -5.88 -41.76 14.52
CA ASN D 161 -5.19 -40.82 13.66
C ASN D 161 -5.28 -39.39 14.19
N ASN D 162 -4.60 -38.50 13.48
CA ASN D 162 -4.48 -37.11 13.92
C ASN D 162 -5.84 -36.42 14.03
N MET D 163 -6.79 -36.72 13.13
CA MET D 163 -8.09 -36.05 13.25
C MET D 163 -8.88 -36.54 14.46
N ALA D 164 -8.82 -37.82 14.79
CA ALA D 164 -9.51 -38.30 15.98
C ALA D 164 -8.96 -37.62 17.23
N HIS D 165 -7.63 -37.52 17.33
CA HIS D 165 -7.01 -36.89 18.49
C HIS D 165 -7.39 -35.42 18.59
N SER D 166 -7.36 -34.69 17.47
CA SER D 166 -7.68 -33.27 17.54
C SER D 166 -9.17 -33.03 17.71
N LEU D 167 -10.04 -33.87 17.14
CA LEU D 167 -11.46 -33.68 17.43
C LEU D 167 -11.74 -33.92 18.91
N LEU D 168 -11.02 -34.85 19.54
CA LEU D 168 -11.19 -35.05 20.97
C LEU D 168 -10.72 -33.83 21.74
N LEU D 169 -9.49 -33.36 21.49
CA LEU D 169 -8.95 -32.27 22.31
C LEU D 169 -9.62 -30.95 21.98
N GLY D 170 -9.72 -30.64 20.69
CA GLY D 170 -10.36 -29.38 20.29
C GLY D 170 -11.83 -29.38 20.59
N GLY D 171 -12.50 -30.52 20.37
CA GLY D 171 -13.93 -30.61 20.65
C GLY D 171 -14.25 -30.38 22.12
N VAL D 172 -13.55 -31.07 23.02
CA VAL D 172 -13.88 -30.90 24.43
C VAL D 172 -13.47 -29.52 24.91
N THR D 173 -12.46 -28.90 24.29
CA THR D 173 -12.10 -27.54 24.67
C THR D 173 -13.24 -26.55 24.39
N ALA D 174 -14.06 -26.87 23.39
CA ALA D 174 -15.21 -26.07 22.98
C ALA D 174 -16.48 -26.45 23.73
N GLY D 175 -16.43 -27.41 24.63
CA GLY D 175 -17.61 -27.83 25.35
C GLY D 175 -18.45 -28.88 24.64
N ILE D 176 -17.92 -29.49 23.58
CA ILE D 176 -18.66 -30.45 22.76
C ILE D 176 -18.52 -31.86 23.35
N HIS D 177 -19.62 -32.60 23.39
CA HIS D 177 -19.58 -34.02 23.72
C HIS D 177 -19.06 -34.78 22.51
N VAL D 178 -17.84 -35.32 22.61
CA VAL D 178 -17.19 -35.98 21.47
C VAL D 178 -17.28 -37.49 21.63
N THR D 179 -17.72 -38.15 20.56
CA THR D 179 -17.69 -39.62 20.48
C THR D 179 -16.78 -40.01 19.33
N VAL D 180 -15.92 -41.00 19.59
CA VAL D 180 -15.11 -41.62 18.55
C VAL D 180 -15.64 -43.03 18.34
N ALA D 181 -16.09 -43.33 17.12
CA ALA D 181 -16.55 -44.66 16.75
C ALA D 181 -15.46 -45.31 15.89
N ALA D 182 -14.80 -46.32 16.44
CA ALA D 182 -13.64 -46.91 15.80
C ALA D 182 -13.51 -48.38 16.17
N PRO D 183 -12.88 -49.19 15.33
CA PRO D 183 -12.65 -50.60 15.66
C PRO D 183 -11.45 -50.79 16.58
N GLU D 184 -11.46 -51.94 17.27
CA GLU D 184 -10.34 -52.35 18.11
C GLU D 184 -9.03 -52.34 17.31
N GLY D 185 -7.96 -51.87 17.95
CA GLY D 185 -6.69 -51.69 17.27
C GLY D 185 -6.49 -50.34 16.62
N PHE D 186 -7.54 -49.51 16.55
CA PHE D 186 -7.46 -48.18 15.96
C PHE D 186 -8.17 -47.17 16.84
N LEU D 187 -7.88 -47.21 18.12
CA LEU D 187 -8.49 -46.36 19.13
C LEU D 187 -7.56 -45.20 19.48
N PRO D 188 -8.07 -44.16 20.13
CA PRO D 188 -7.19 -43.03 20.48
C PRO D 188 -6.01 -43.40 21.36
N ASP D 189 -4.91 -42.70 21.15
CA ASP D 189 -3.76 -42.82 22.04
C ASP D 189 -4.21 -42.58 23.48
N PRO D 190 -3.85 -43.46 24.43
CA PRO D 190 -4.38 -43.32 25.79
C PRO D 190 -3.97 -42.01 26.47
N SER D 191 -2.78 -41.49 26.15
CA SER D 191 -2.39 -40.21 26.74
C SER D 191 -3.26 -39.07 26.21
N VAL D 192 -3.58 -39.10 24.91
CA VAL D 192 -4.47 -38.08 24.35
C VAL D 192 -5.87 -38.22 24.94
N ARG D 193 -6.36 -39.45 25.04
CA ARG D 193 -7.69 -39.66 25.60
C ARG D 193 -7.78 -39.11 27.01
N ALA D 194 -6.76 -39.41 27.84
CA ALA D 194 -6.76 -38.92 29.21
C ALA D 194 -6.70 -37.38 29.26
N ALA D 195 -5.93 -36.78 28.35
CA ALA D 195 -5.88 -35.32 28.32
C ALA D 195 -7.23 -34.75 27.92
N ALA D 196 -7.92 -35.39 26.98
CA ALA D 196 -9.25 -34.95 26.58
C ALA D 196 -10.24 -35.09 27.74
N GLU D 197 -10.16 -36.21 28.47
CA GLU D 197 -11.06 -36.40 29.60
C GLU D 197 -10.85 -35.33 30.66
N ARG D 198 -9.59 -34.96 30.92
CA ARG D 198 -9.31 -33.92 31.92
C ARG D 198 -9.82 -32.56 31.47
N ARG D 199 -9.57 -32.20 30.20
CA ARG D 199 -10.05 -30.91 29.72
C ARG D 199 -11.57 -30.85 29.71
N ALA D 200 -12.22 -31.99 29.44
CA ALA D 200 -13.69 -32.00 29.40
C ALA D 200 -14.30 -31.66 30.76
N GLN D 201 -13.59 -31.98 31.84
CA GLN D 201 -14.10 -31.61 33.16
C GLN D 201 -14.22 -30.10 33.33
N ASP D 202 -13.38 -29.33 32.64
CA ASP D 202 -13.43 -27.86 32.74
C ASP D 202 -14.51 -27.23 31.88
N THR D 203 -15.10 -27.96 30.94
CA THR D 203 -15.98 -27.35 29.95
C THR D 203 -17.38 -27.94 29.91
N GLY D 204 -17.67 -28.94 30.74
CA GLY D 204 -18.93 -29.65 30.66
C GLY D 204 -19.02 -30.65 29.53
N ALA D 205 -17.91 -30.89 28.83
CA ALA D 205 -17.89 -31.83 27.71
C ALA D 205 -17.75 -33.26 28.22
N SER D 206 -17.64 -34.21 27.30
CA SER D 206 -17.43 -35.61 27.64
C SER D 206 -16.72 -36.29 26.49
N VAL D 207 -16.18 -37.47 26.78
CA VAL D 207 -15.45 -38.30 25.84
C VAL D 207 -16.07 -39.69 25.86
N THR D 208 -16.43 -40.19 24.67
CA THR D 208 -16.97 -41.54 24.51
C THR D 208 -16.21 -42.22 23.38
N VAL D 209 -15.79 -43.48 23.61
CA VAL D 209 -15.17 -44.28 22.57
C VAL D 209 -15.92 -45.59 22.46
N THR D 210 -16.35 -45.92 21.24
CA THR D 210 -17.24 -47.06 21.03
C THR D 210 -16.93 -47.73 19.69
N ALA D 211 -17.18 -49.03 19.61
CA ALA D 211 -17.17 -49.73 18.32
C ALA D 211 -18.54 -49.76 17.66
N ASP D 212 -19.56 -49.15 18.27
CA ASP D 212 -20.93 -49.25 17.78
C ASP D 212 -21.26 -48.00 16.98
N ALA D 213 -21.10 -48.07 15.66
CA ALA D 213 -21.26 -46.86 14.84
C ALA D 213 -22.69 -46.35 14.85
N HIS D 214 -23.68 -47.24 14.79
CA HIS D 214 -25.06 -46.76 14.83
C HIS D 214 -25.39 -46.09 16.15
N ALA D 215 -24.90 -46.62 17.28
CA ALA D 215 -25.11 -45.96 18.56
C ALA D 215 -24.46 -44.58 18.58
N ALA D 216 -23.29 -44.45 17.95
CA ALA D 216 -22.57 -43.19 17.96
C ALA D 216 -23.29 -42.12 17.14
N ALA D 217 -24.06 -42.52 16.14
CA ALA D 217 -24.80 -41.55 15.35
C ALA D 217 -26.04 -41.00 16.05
N ALA D 218 -26.60 -41.74 17.01
CA ALA D 218 -27.83 -41.32 17.67
C ALA D 218 -27.64 -40.01 18.41
N GLY D 219 -28.54 -39.06 18.16
CA GLY D 219 -28.45 -37.75 18.77
C GLY D 219 -27.33 -36.84 18.26
N ALA D 220 -26.56 -37.25 17.26
CA ALA D 220 -25.42 -36.42 16.86
C ALA D 220 -25.86 -35.18 16.10
N ASP D 221 -25.24 -34.03 16.46
CA ASP D 221 -25.39 -32.80 15.69
C ASP D 221 -24.44 -32.75 14.51
N VAL D 222 -23.31 -33.44 14.62
CA VAL D 222 -22.22 -33.39 13.64
C VAL D 222 -21.63 -34.78 13.50
N LEU D 223 -21.50 -35.25 12.25
CA LEU D 223 -20.81 -36.50 11.95
C LEU D 223 -19.57 -36.15 11.14
N VAL D 224 -18.45 -36.76 11.51
CA VAL D 224 -17.16 -36.51 10.89
C VAL D 224 -16.50 -37.83 10.51
N THR D 225 -15.79 -37.83 9.38
CA THR D 225 -14.90 -38.94 9.06
C THR D 225 -13.67 -38.38 8.33
N ASP D 226 -12.81 -39.29 7.90
CA ASP D 226 -11.49 -38.97 7.37
C ASP D 226 -11.05 -40.22 6.61
N THR D 227 -10.04 -40.09 5.76
CA THR D 227 -9.61 -41.29 5.04
C THR D 227 -9.13 -42.37 6.02
N TRP D 228 -9.35 -43.62 5.63
CA TRP D 228 -8.99 -44.76 6.47
C TRP D 228 -7.49 -45.02 6.51
N THR D 229 -6.72 -44.41 5.63
CA THR D 229 -5.26 -44.44 5.73
C THR D 229 -4.70 -43.03 5.90
N ARG D 240 -5.96 -52.56 6.27
CA ARG D 240 -6.40 -51.30 6.84
C ARG D 240 -7.60 -50.72 6.08
N VAL D 241 -8.48 -51.59 5.58
CA VAL D 241 -9.83 -51.16 5.22
C VAL D 241 -10.89 -52.09 5.79
N LYS D 242 -10.65 -53.42 5.82
CA LYS D 242 -11.64 -54.32 6.40
C LYS D 242 -12.15 -53.84 7.76
N PRO D 243 -11.31 -53.43 8.72
CA PRO D 243 -11.85 -52.99 10.03
C PRO D 243 -12.77 -51.78 9.95
N PHE D 244 -12.62 -50.93 8.94
CA PHE D 244 -13.31 -49.65 8.94
C PHE D 244 -14.59 -49.65 8.13
N ARG D 245 -14.84 -50.69 7.33
CA ARG D 245 -16.06 -50.71 6.52
C ARG D 245 -17.35 -50.49 7.32
N PRO D 246 -17.54 -51.06 8.52
CA PRO D 246 -18.78 -50.80 9.25
C PRO D 246 -18.93 -49.35 9.71
N PHE D 247 -17.88 -48.54 9.58
CA PHE D 247 -17.90 -47.17 10.04
C PHE D 247 -18.07 -46.17 8.91
N GLN D 248 -18.41 -46.64 7.71
CA GLN D 248 -18.64 -45.75 6.60
C GLN D 248 -19.73 -44.73 6.91
N LEU D 249 -19.47 -43.46 6.58
CA LEU D 249 -20.46 -42.42 6.72
C LEU D 249 -21.31 -42.40 5.44
N ASN D 250 -22.43 -43.13 5.49
CA ASN D 250 -23.38 -43.32 4.40
C ASN D 250 -24.75 -42.78 4.81
N SER D 251 -25.70 -42.84 3.87
CA SER D 251 -27.01 -42.23 4.10
C SER D 251 -27.75 -42.88 5.27
N ARG D 252 -27.57 -44.19 5.46
CA ARG D 252 -28.25 -44.87 6.55
C ARG D 252 -27.75 -44.37 7.90
N LEU D 253 -26.44 -44.22 8.03
CA LEU D 253 -25.86 -43.69 9.27
C LEU D 253 -26.30 -42.27 9.52
N LEU D 254 -26.27 -41.43 8.48
CA LEU D 254 -26.69 -40.04 8.65
C LEU D 254 -28.15 -39.95 9.11
N ALA D 255 -29.00 -40.86 8.63
CA ALA D 255 -30.42 -40.81 8.98
C ALA D 255 -30.66 -41.08 10.45
N LEU D 256 -29.71 -41.74 11.14
CA LEU D 256 -29.84 -42.04 12.55
C LEU D 256 -29.54 -40.83 13.43
N ALA D 257 -28.90 -39.79 12.88
CA ALA D 257 -28.47 -38.64 13.66
C ALA D 257 -29.62 -37.63 13.75
N ASP D 258 -29.35 -36.46 14.33
CA ASP D 258 -30.33 -35.36 14.30
C ASP D 258 -30.77 -35.08 12.87
N SER D 259 -32.05 -34.71 12.73
CA SER D 259 -32.58 -34.45 11.40
C SER D 259 -31.86 -33.30 10.72
N ASP D 260 -31.25 -32.41 11.50
CA ASP D 260 -30.50 -31.28 10.97
C ASP D 260 -28.99 -31.43 11.20
N ALA D 261 -28.50 -32.66 11.35
CA ALA D 261 -27.08 -32.91 11.50
C ALA D 261 -26.31 -32.46 10.26
N ILE D 262 -25.06 -32.05 10.47
CA ILE D 262 -24.16 -31.72 9.39
C ILE D 262 -23.00 -32.71 9.37
N VAL D 263 -22.34 -32.78 8.22
CA VAL D 263 -21.28 -33.73 7.95
C VAL D 263 -20.00 -32.97 7.62
N LEU D 264 -18.89 -33.38 8.24
CA LEU D 264 -17.58 -32.81 7.99
C LEU D 264 -16.61 -33.89 7.53
N HIS D 265 -15.59 -33.47 6.78
CA HIS D 265 -14.53 -34.34 6.28
C HIS D 265 -13.40 -33.42 5.86
N CYS D 266 -12.19 -33.63 6.40
CA CYS D 266 -11.13 -32.64 6.20
C CYS D 266 -10.61 -32.60 4.76
N LEU D 267 -10.86 -33.66 3.99
CA LEU D 267 -10.53 -33.80 2.57
C LEU D 267 -9.04 -34.04 2.38
N PRO D 268 -8.64 -34.71 1.30
CA PRO D 268 -9.51 -35.26 0.25
C PRO D 268 -10.32 -36.48 0.70
N ALA D 269 -11.49 -36.66 0.11
CA ALA D 269 -12.34 -37.81 0.40
C ALA D 269 -12.11 -38.87 -0.66
N HIS D 270 -12.11 -40.14 -0.23
CA HIS D 270 -12.19 -41.27 -1.17
C HIS D 270 -13.65 -41.70 -1.23
N ARG D 271 -14.36 -41.18 -2.22
CA ARG D 271 -15.79 -41.39 -2.30
C ARG D 271 -16.09 -42.86 -2.49
N GLY D 272 -17.04 -43.38 -1.71
CA GLY D 272 -17.35 -44.78 -1.71
C GLY D 272 -16.61 -45.58 -0.66
N ASP D 273 -15.54 -45.05 -0.08
CA ASP D 273 -14.93 -45.68 1.08
C ASP D 273 -15.47 -45.10 2.38
N GLU D 274 -14.78 -44.13 2.99
CA GLU D 274 -15.22 -43.62 4.29
C GLU D 274 -16.49 -42.81 4.20
N ILE D 275 -16.86 -42.32 3.00
CA ILE D 275 -18.03 -41.45 2.84
C ILE D 275 -18.62 -41.73 1.47
N THR D 276 -19.94 -41.61 1.35
CA THR D 276 -20.59 -41.87 0.07
C THR D 276 -20.90 -40.58 -0.68
N ASP D 277 -21.06 -40.69 -2.02
CA ASP D 277 -21.44 -39.54 -2.84
C ASP D 277 -22.73 -38.91 -2.34
N ALA D 278 -23.69 -39.70 -1.91
CA ALA D 278 -24.98 -39.11 -1.53
C ALA D 278 -24.84 -38.17 -0.32
N VAL D 279 -23.99 -38.56 0.60
CA VAL D 279 -23.79 -37.74 1.82
C VAL D 279 -22.89 -36.55 1.45
N MET D 280 -21.82 -36.84 0.74
CA MET D 280 -20.84 -35.77 0.41
C MET D 280 -21.47 -34.67 -0.43
N ASP D 281 -22.43 -35.02 -1.29
CA ASP D 281 -22.99 -34.02 -2.23
C ASP D 281 -24.39 -33.65 -1.78
N GLY D 282 -24.76 -34.17 -0.63
CA GLY D 282 -26.12 -33.94 -0.16
C GLY D 282 -26.33 -32.70 0.72
N PRO D 283 -27.56 -32.42 1.21
CA PRO D 283 -27.81 -31.17 1.95
C PRO D 283 -27.20 -31.10 3.35
N ALA D 284 -26.71 -32.21 3.92
CA ALA D 284 -26.08 -32.16 5.24
C ALA D 284 -24.59 -31.85 5.15
N SER D 285 -24.01 -32.01 3.97
CA SER D 285 -22.58 -31.81 3.78
C SER D 285 -22.18 -30.36 3.99
N ALA D 286 -21.24 -30.13 4.92
CA ALA D 286 -20.62 -28.83 5.13
C ALA D 286 -19.15 -28.82 4.70
N VAL D 287 -18.74 -29.77 3.86
CA VAL D 287 -17.31 -29.96 3.63
C VAL D 287 -16.70 -28.79 2.85
N TRP D 288 -17.48 -28.11 2.00
CA TRP D 288 -16.89 -27.05 1.19
C TRP D 288 -16.68 -25.79 2.03
N ASP D 289 -17.66 -25.47 2.88
CA ASP D 289 -17.46 -24.34 3.80
C ASP D 289 -16.33 -24.64 4.78
N GLU D 290 -16.25 -25.88 5.25
CA GLU D 290 -15.16 -26.33 6.10
C GLU D 290 -13.80 -26.10 5.45
N ALA D 291 -13.67 -26.46 4.17
CA ALA D 291 -12.41 -26.25 3.48
C ALA D 291 -12.06 -24.78 3.40
N GLU D 292 -13.06 -23.96 3.06
CA GLU D 292 -12.83 -22.52 2.99
C GLU D 292 -12.37 -21.99 4.35
N ASN D 293 -12.98 -22.48 5.43
CA ASN D 293 -12.70 -21.91 6.75
C ASN D 293 -11.30 -22.23 7.25
N ARG D 294 -10.57 -23.14 6.61
CA ARG D 294 -9.15 -23.28 6.91
C ARG D 294 -8.46 -21.93 6.77
N LEU D 295 -8.80 -21.19 5.70
CA LEU D 295 -8.19 -19.88 5.47
C LEU D 295 -8.46 -18.94 6.65
N HIS D 296 -9.73 -18.82 7.05
CA HIS D 296 -10.10 -17.84 8.07
C HIS D 296 -9.61 -18.24 9.45
N ALA D 297 -9.78 -19.52 9.79
CA ALA D 297 -9.41 -19.98 11.12
C ALA D 297 -7.91 -19.86 11.36
N GLN D 298 -7.11 -20.18 10.33
CA GLN D 298 -5.66 -20.07 10.48
C GLN D 298 -5.20 -18.62 10.56
N LYS D 299 -5.85 -17.73 9.78
CA LYS D 299 -5.51 -16.31 9.90
C LYS D 299 -5.82 -15.80 11.31
N ALA D 300 -6.97 -16.21 11.86
CA ALA D 300 -7.33 -15.82 13.23
C ALA D 300 -6.31 -16.32 14.22
N LEU D 301 -5.91 -17.59 14.09
CA LEU D 301 -4.91 -18.17 14.99
C LEU D 301 -3.61 -17.37 14.94
N LEU D 302 -3.16 -17.01 13.72
CA LEU D 302 -1.92 -16.25 13.59
C LEU D 302 -2.05 -14.88 14.25
N VAL D 303 -3.16 -14.17 13.98
CA VAL D 303 -3.35 -12.85 14.59
C VAL D 303 -3.27 -12.97 16.10
N TRP D 304 -3.96 -13.99 16.64
CA TRP D 304 -4.06 -14.16 18.09
C TRP D 304 -2.71 -14.49 18.72
N LEU D 305 -1.95 -15.43 18.13
CA LEU D 305 -0.63 -15.77 18.66
C LEU D 305 0.32 -14.60 18.55
N LEU D 306 0.26 -13.87 17.44
CA LEU D 306 1.20 -12.76 17.25
C LEU D 306 0.99 -11.67 18.29
N GLU D 307 -0.26 -11.42 18.64
CA GLU D 307 -0.56 -10.32 19.60
C GLU D 307 -0.27 -10.76 21.03
N ARG D 308 -0.33 -12.05 21.30
CA ARG D 308 -0.16 -12.53 22.68
C ARG D 308 1.32 -12.79 22.93
N SER D 309 2.13 -12.85 21.89
CA SER D 309 3.56 -13.16 22.00
C SER D 309 4.45 -11.90 21.98
N VAL E 3 -22.08 -15.08 -16.61
CA VAL E 3 -21.56 -16.38 -16.99
C VAL E 3 -20.05 -16.27 -16.80
N ILE E 4 -19.42 -17.35 -16.43
CA ILE E 4 -17.98 -17.34 -16.19
C ILE E 4 -17.22 -17.63 -17.46
N ARG E 5 -16.32 -16.73 -17.81
CA ARG E 5 -15.57 -16.83 -19.06
C ARG E 5 -14.28 -17.57 -18.79
N HIS E 6 -13.93 -18.46 -19.72
CA HIS E 6 -12.69 -19.21 -19.68
CA HIS E 6 -12.65 -19.17 -19.65
C HIS E 6 -11.88 -18.92 -20.96
N PHE E 7 -10.60 -19.24 -20.91
CA PHE E 7 -9.71 -19.04 -22.07
C PHE E 7 -8.89 -20.32 -22.20
N LEU E 8 -9.45 -21.30 -22.91
CA LEU E 8 -8.82 -22.61 -23.06
C LEU E 8 -8.18 -22.81 -24.43
N ARG E 9 -8.69 -22.03 -25.40
CA ARG E 9 -8.25 -22.08 -26.80
C ARG E 9 -8.47 -20.66 -27.35
N ASP E 10 -7.78 -20.31 -28.42
CA ASP E 10 -7.75 -18.90 -28.88
C ASP E 10 -9.10 -18.37 -29.30
N ASP E 11 -9.88 -19.23 -29.92
CA ASP E 11 -11.20 -18.84 -30.45
C ASP E 11 -12.23 -18.71 -29.33
N ASP E 12 -11.84 -18.96 -28.09
CA ASP E 12 -12.76 -18.65 -26.99
C ASP E 12 -13.07 -17.16 -26.91
N LEU E 13 -12.20 -16.31 -27.46
CA LEU E 13 -12.49 -14.89 -27.65
C LEU E 13 -13.00 -14.68 -29.07
N SER E 14 -14.07 -13.90 -29.21
CA SER E 14 -14.51 -13.43 -30.51
C SER E 14 -13.49 -12.43 -31.05
N PRO E 15 -13.58 -12.06 -32.33
CA PRO E 15 -12.67 -11.02 -32.84
C PRO E 15 -12.76 -9.70 -32.07
N ALA E 16 -13.97 -9.25 -31.72
CA ALA E 16 -14.09 -8.01 -30.97
C ALA E 16 -13.52 -8.15 -29.55
N GLU E 17 -13.73 -9.31 -28.93
CA GLU E 17 -13.20 -9.53 -27.58
C GLU E 17 -11.69 -9.63 -27.61
N GLN E 18 -11.12 -10.28 -28.63
CA GLN E 18 -9.66 -10.37 -28.72
C GLN E 18 -9.05 -8.99 -28.88
N ALA E 19 -9.69 -8.13 -29.68
CA ALA E 19 -9.22 -6.76 -29.82
C ALA E 19 -9.20 -6.03 -28.49
N GLU E 20 -10.23 -6.23 -27.66
CA GLU E 20 -10.23 -5.61 -26.32
C GLU E 20 -9.07 -6.09 -25.47
N VAL E 21 -8.78 -7.40 -25.50
CA VAL E 21 -7.68 -7.92 -24.69
C VAL E 21 -6.35 -7.35 -25.19
N LEU E 22 -6.17 -7.25 -26.49
CA LEU E 22 -4.90 -6.75 -27.03
C LEU E 22 -4.73 -5.26 -26.78
N GLU E 23 -5.83 -4.50 -26.83
CA GLU E 23 -5.76 -3.09 -26.43
C GLU E 23 -5.37 -2.97 -24.95
N LEU E 24 -5.97 -3.80 -24.11
CA LEU E 24 -5.62 -3.79 -22.68
C LEU E 24 -4.16 -4.17 -22.46
N ALA E 25 -3.64 -5.11 -23.26
CA ALA E 25 -2.24 -5.49 -23.13
C ALA E 25 -1.32 -4.30 -23.43
N ALA E 26 -1.67 -3.50 -24.44
CA ALA E 26 -0.88 -2.30 -24.73
C ALA E 26 -0.98 -1.30 -23.59
N GLU E 27 -2.18 -1.11 -23.03
CA GLU E 27 -2.33 -0.17 -21.92
C GLU E 27 -1.52 -0.63 -20.70
N LEU E 28 -1.52 -1.93 -20.43
CA LEU E 28 -0.79 -2.43 -19.27
C LEU E 28 0.71 -2.38 -19.47
N LYS E 29 1.18 -2.50 -20.71
CA LYS E 29 2.61 -2.36 -20.96
C LYS E 29 3.06 -0.95 -20.62
N LYS E 30 2.20 0.04 -20.94
CA LYS E 30 2.49 1.43 -20.61
C LYS E 30 2.42 1.70 -19.10
N ASP E 31 1.42 1.13 -18.42
CA ASP E 31 1.15 1.41 -17.00
C ASP E 31 0.94 0.10 -16.25
N PRO E 32 2.04 -0.57 -15.87
CA PRO E 32 1.95 -1.98 -15.43
C PRO E 32 1.28 -2.19 -14.09
N VAL E 33 1.12 -1.18 -13.25
CA VAL E 33 0.47 -1.39 -11.96
C VAL E 33 -0.81 -0.56 -11.83
N SER E 34 -1.39 -0.15 -12.97
CA SER E 34 -2.60 0.66 -12.96
C SER E 34 -3.87 -0.14 -12.81
N ARG E 35 -3.82 -1.47 -12.96
CA ARG E 35 -5.00 -2.33 -12.85
C ARG E 35 -4.77 -3.25 -11.66
N ARG E 36 -5.62 -3.14 -10.63
CA ARG E 36 -5.45 -3.94 -9.41
C ARG E 36 -6.74 -4.69 -9.07
N PRO E 37 -7.23 -5.53 -9.99
CA PRO E 37 -8.44 -6.32 -9.69
C PRO E 37 -8.23 -7.37 -8.62
N LEU E 38 -6.98 -7.73 -8.30
CA LEU E 38 -6.71 -8.76 -7.31
C LEU E 38 -6.17 -8.17 -6.02
N GLN E 39 -6.31 -6.85 -5.83
CA GLN E 39 -5.86 -6.20 -4.61
C GLN E 39 -6.46 -6.88 -3.38
N GLY E 40 -5.65 -7.03 -2.34
CA GLY E 40 -6.08 -7.76 -1.16
C GLY E 40 -4.92 -8.20 -0.29
N PRO E 41 -4.13 -9.19 -0.75
CA PRO E 41 -4.29 -9.82 -2.09
C PRO E 41 -5.35 -10.90 -2.19
N ARG E 42 -5.94 -11.00 -3.38
CA ARG E 42 -6.72 -12.16 -3.76
C ARG E 42 -5.77 -13.19 -4.38
N GLY E 43 -6.17 -14.47 -4.33
CA GLY E 43 -5.33 -15.53 -4.89
C GLY E 43 -5.64 -15.90 -6.32
N VAL E 44 -4.61 -16.37 -7.03
CA VAL E 44 -4.77 -17.05 -8.32
C VAL E 44 -3.96 -18.34 -8.25
N ALA E 45 -4.58 -19.46 -8.60
CA ALA E 45 -3.81 -20.71 -8.65
C ALA E 45 -3.03 -20.79 -9.95
N VAL E 46 -1.79 -21.24 -9.86
CA VAL E 46 -0.98 -21.45 -11.06
C VAL E 46 -0.41 -22.86 -10.96
N ILE E 47 -0.95 -23.78 -11.76
CA ILE E 47 -0.76 -25.22 -11.53
C ILE E 47 -0.05 -25.81 -12.74
N PHE E 48 1.04 -26.56 -12.49
CA PHE E 48 1.79 -27.21 -13.57
C PHE E 48 1.77 -28.73 -13.41
N ASP E 49 1.05 -29.41 -14.30
CA ASP E 49 1.19 -30.87 -14.37
C ASP E 49 2.56 -31.27 -14.89
N LYS E 50 3.14 -30.41 -15.73
CA LYS E 50 4.52 -30.47 -16.22
C LYS E 50 5.13 -29.11 -16.04
N ASN E 51 6.33 -29.06 -15.47
CA ASN E 51 6.90 -27.77 -15.11
C ASN E 51 7.24 -26.95 -16.35
N SER E 52 7.13 -25.63 -16.20
CA SER E 52 7.56 -24.69 -17.24
C SER E 52 8.03 -23.44 -16.50
N THR E 53 9.35 -23.37 -16.27
CA THR E 53 9.88 -22.30 -15.44
C THR E 53 9.59 -20.93 -16.05
N ARG E 54 9.79 -20.77 -17.36
CA ARG E 54 9.57 -19.46 -17.97
C ARG E 54 8.09 -19.08 -17.98
N THR E 55 7.17 -20.05 -18.07
CA THR E 55 5.74 -19.77 -17.93
C THR E 55 5.41 -19.31 -16.53
N ARG E 56 5.96 -19.99 -15.53
CA ARG E 56 5.63 -19.66 -14.12
C ARG E 56 6.11 -18.26 -13.82
N PHE E 57 7.28 -17.89 -14.33
CA PHE E 57 7.87 -16.56 -14.12
C PHE E 57 6.92 -15.45 -14.56
N SER E 58 6.42 -15.52 -15.79
CA SER E 58 5.54 -14.47 -16.35
C SER E 58 4.25 -14.36 -15.53
N PHE E 59 3.66 -15.51 -15.20
CA PHE E 59 2.36 -15.45 -14.49
C PHE E 59 2.56 -14.98 -13.04
N GLU E 60 3.59 -15.51 -12.39
CA GLU E 60 3.76 -15.15 -10.98
C GLU E 60 3.95 -13.64 -10.85
N LEU E 61 4.78 -13.06 -11.72
CA LEU E 61 5.02 -11.63 -11.64
C LEU E 61 3.81 -10.85 -12.08
N GLY E 62 3.13 -11.34 -13.11
CA GLY E 62 1.96 -10.64 -13.61
C GLY E 62 0.85 -10.55 -12.59
N ILE E 63 0.57 -11.68 -11.92
CA ILE E 63 -0.47 -11.71 -10.89
C ILE E 63 -0.11 -10.75 -9.76
N ALA E 64 1.16 -10.73 -9.36
CA ALA E 64 1.57 -9.80 -8.30
C ALA E 64 1.34 -8.34 -8.71
N GLN E 65 1.60 -7.99 -9.97
CA GLN E 65 1.40 -6.63 -10.45
C GLN E 65 -0.07 -6.26 -10.61
N LEU E 66 -0.98 -7.24 -10.59
CA LEU E 66 -2.42 -6.99 -10.49
C LEU E 66 -2.87 -6.92 -9.04
N GLY E 67 -1.95 -6.99 -8.08
CA GLY E 67 -2.27 -6.92 -6.68
C GLY E 67 -2.48 -8.27 -6.02
N GLY E 68 -2.43 -9.35 -6.79
CA GLY E 68 -2.78 -10.66 -6.28
C GLY E 68 -1.58 -11.43 -5.73
N HIS E 69 -1.86 -12.65 -5.30
CA HIS E 69 -0.81 -13.56 -4.88
C HIS E 69 -0.99 -14.88 -5.63
N ALA E 70 0.02 -15.27 -6.39
CA ALA E 70 -0.03 -16.53 -7.12
C ALA E 70 0.35 -17.67 -6.20
N VAL E 71 -0.51 -18.68 -6.08
CA VAL E 71 -0.14 -19.92 -5.40
C VAL E 71 0.27 -20.92 -6.47
N VAL E 72 1.54 -21.28 -6.48
CA VAL E 72 2.15 -22.08 -7.54
C VAL E 72 2.26 -23.52 -7.10
N VAL E 73 1.84 -24.45 -7.96
CA VAL E 73 1.93 -25.88 -7.69
C VAL E 73 2.64 -26.49 -8.88
N ASP E 74 3.73 -27.18 -8.62
CA ASP E 74 4.42 -27.81 -9.75
C ASP E 74 4.35 -29.33 -9.62
N SER E 75 5.04 -30.02 -10.54
CA SER E 75 4.92 -31.46 -10.70
C SER E 75 5.48 -32.24 -9.51
N GLY E 76 6.15 -31.57 -8.57
CA GLY E 76 6.62 -32.21 -7.36
C GLY E 76 5.51 -32.64 -6.41
N SER E 77 4.29 -32.19 -6.63
CA SER E 77 3.13 -32.60 -5.87
C SER E 77 2.29 -33.60 -6.68
N THR E 78 1.48 -34.37 -5.97
CA THR E 78 0.54 -35.30 -6.60
C THR E 78 -0.23 -34.62 -7.71
N GLN E 79 -0.24 -35.26 -8.89
CA GLN E 79 -0.91 -34.67 -10.04
C GLN E 79 -2.38 -34.44 -9.74
N LEU E 80 -2.88 -33.29 -10.16
CA LEU E 80 -4.30 -32.94 -9.99
C LEU E 80 -5.18 -34.06 -10.52
N GLY E 81 -6.05 -34.60 -9.67
CA GLY E 81 -7.01 -35.60 -10.14
C GLY E 81 -6.66 -37.01 -9.76
N ARG E 82 -5.49 -37.22 -9.19
CA ARG E 82 -5.04 -38.58 -8.87
C ARG E 82 -5.61 -39.08 -7.54
N ASP E 83 -5.63 -38.26 -6.51
CA ASP E 83 -6.06 -38.72 -5.15
C ASP E 83 -7.31 -37.97 -4.69
N GLU E 84 -7.84 -37.12 -5.53
CA GLU E 84 -9.09 -36.41 -5.24
C GLU E 84 -9.67 -36.26 -6.63
N THR E 85 -10.97 -36.35 -6.75
CA THR E 85 -11.55 -36.10 -8.06
C THR E 85 -11.23 -34.68 -8.50
N LEU E 86 -11.10 -34.50 -9.82
CA LEU E 86 -10.89 -33.17 -10.37
C LEU E 86 -12.00 -32.22 -9.94
N GLN E 87 -13.23 -32.71 -9.89
CA GLN E 87 -14.37 -31.89 -9.52
C GLN E 87 -14.28 -31.43 -8.07
N ASP E 88 -13.86 -32.33 -7.17
CA ASP E 88 -13.68 -31.95 -5.78
C ASP E 88 -12.60 -30.88 -5.64
N THR E 89 -11.49 -31.06 -6.36
CA THR E 89 -10.39 -30.09 -6.28
C THR E 89 -10.82 -28.72 -6.79
N ALA E 90 -11.59 -28.68 -7.89
CA ALA E 90 -12.07 -27.40 -8.43
C ALA E 90 -12.93 -26.66 -7.42
N LYS E 91 -13.77 -27.39 -6.69
CA LYS E 91 -14.68 -26.78 -5.74
C LYS E 91 -13.91 -26.13 -4.61
N VAL E 92 -12.86 -26.80 -4.14
CA VAL E 92 -12.07 -26.27 -3.05
C VAL E 92 -11.25 -25.07 -3.54
N LEU E 93 -10.62 -25.22 -4.71
CA LEU E 93 -9.87 -24.13 -5.32
C LEU E 93 -10.73 -22.89 -5.45
N SER E 94 -11.98 -23.06 -5.88
CA SER E 94 -12.87 -21.93 -6.07
C SER E 94 -13.16 -21.19 -4.78
N ARG E 95 -12.90 -21.81 -3.61
CA ARG E 95 -13.07 -21.11 -2.34
C ARG E 95 -11.84 -20.30 -1.97
N TYR E 96 -10.69 -20.57 -2.60
CA TYR E 96 -9.44 -19.93 -2.24
C TYR E 96 -8.97 -18.89 -3.25
N VAL E 97 -9.29 -19.05 -4.54
CA VAL E 97 -8.67 -18.21 -5.56
C VAL E 97 -9.75 -17.62 -6.46
N ASP E 98 -9.39 -16.54 -7.17
CA ASP E 98 -10.30 -15.88 -8.11
C ASP E 98 -10.14 -16.34 -9.55
N ALA E 99 -9.13 -17.16 -9.84
CA ALA E 99 -8.91 -17.68 -11.17
C ALA E 99 -7.95 -18.85 -11.05
N ILE E 100 -7.99 -19.73 -12.04
CA ILE E 100 -7.16 -20.93 -12.06
C ILE E 100 -6.39 -20.94 -13.37
N VAL E 101 -5.06 -20.91 -13.28
CA VAL E 101 -4.15 -20.96 -14.43
C VAL E 101 -3.51 -22.35 -14.41
N TRP E 102 -3.67 -23.10 -15.50
CA TRP E 102 -3.33 -24.52 -15.50
C TRP E 102 -2.55 -24.89 -16.76
N ARG E 103 -1.40 -25.52 -16.54
CA ARG E 103 -0.61 -26.13 -17.64
C ARG E 103 -0.89 -27.64 -17.53
N THR E 104 -1.57 -28.17 -18.52
CA THR E 104 -1.89 -29.61 -18.50
C THR E 104 -1.68 -30.22 -19.88
N PHE E 105 -2.19 -31.42 -20.07
CA PHE E 105 -1.90 -32.17 -21.31
C PHE E 105 -3.09 -32.10 -22.24
N GLY E 106 -4.00 -33.04 -22.08
CA GLY E 106 -5.16 -33.10 -22.97
C GLY E 106 -6.21 -32.04 -22.71
N GLN E 107 -6.87 -31.63 -23.77
CA GLN E 107 -7.86 -30.53 -23.68
C GLN E 107 -9.06 -30.97 -22.84
N GLU E 108 -9.34 -32.27 -22.82
CA GLU E 108 -10.49 -32.71 -22.04
C GLU E 108 -10.33 -32.40 -20.56
N ARG E 109 -9.10 -32.37 -20.05
CA ARG E 109 -8.89 -31.98 -18.65
C ARG E 109 -9.25 -30.51 -18.42
N LEU E 110 -8.81 -29.64 -19.33
CA LEU E 110 -9.17 -28.22 -19.23
C LEU E 110 -10.68 -28.05 -19.34
N ASP E 111 -11.32 -28.70 -20.31
CA ASP E 111 -12.77 -28.64 -20.43
C ASP E 111 -13.45 -29.10 -19.15
N ALA E 112 -12.95 -30.18 -18.56
CA ALA E 112 -13.55 -30.69 -17.32
C ALA E 112 -13.44 -29.66 -16.20
N MET E 113 -12.27 -29.05 -16.05
CA MET E 113 -12.08 -28.06 -14.99
C MET E 113 -12.98 -26.85 -15.21
N ALA E 114 -13.15 -26.44 -16.48
CA ALA E 114 -13.94 -25.26 -16.79
C ALA E 114 -15.43 -25.51 -16.63
N SER E 115 -15.89 -26.73 -16.84
CA SER E 115 -17.32 -27.01 -16.68
C SER E 115 -17.75 -26.95 -15.21
N VAL E 116 -16.83 -27.08 -14.27
CA VAL E 116 -17.25 -27.19 -12.87
C VAL E 116 -16.73 -26.03 -12.02
N ALA E 117 -15.56 -25.48 -12.34
CA ALA E 117 -15.05 -24.36 -11.54
C ALA E 117 -15.96 -23.14 -11.70
N THR E 118 -16.10 -22.37 -10.61
CA THR E 118 -16.89 -21.16 -10.62
C THR E 118 -16.03 -19.90 -10.71
N VAL E 119 -14.77 -20.05 -11.11
CA VAL E 119 -13.87 -18.93 -11.42
C VAL E 119 -13.28 -19.18 -12.81
N PRO E 120 -12.72 -18.14 -13.46
CA PRO E 120 -12.17 -18.34 -14.81
C PRO E 120 -10.99 -19.31 -14.81
N VAL E 121 -10.95 -20.15 -15.85
CA VAL E 121 -9.88 -21.09 -16.07
C VAL E 121 -9.10 -20.65 -17.30
N ILE E 122 -7.77 -20.62 -17.20
CA ILE E 122 -6.87 -20.19 -18.25
C ILE E 122 -5.92 -21.32 -18.59
N ASN E 123 -5.84 -21.67 -19.88
CA ASN E 123 -4.84 -22.61 -20.39
C ASN E 123 -3.48 -21.92 -20.48
N ALA E 124 -2.57 -22.26 -19.56
CA ALA E 124 -1.24 -21.66 -19.56
C ALA E 124 -0.37 -22.18 -20.70
N LEU E 125 -0.66 -23.38 -21.20
CA LEU E 125 0.12 -24.14 -22.16
C LEU E 125 -0.47 -25.55 -22.10
N SER E 126 -0.85 -26.14 -23.24
CA SER E 126 -1.37 -27.50 -23.24
C SER E 126 -0.83 -28.24 -24.47
N ASP E 127 -1.16 -29.53 -24.57
CA ASP E 127 -0.68 -30.28 -25.73
C ASP E 127 -1.26 -29.72 -27.03
N GLU E 128 -2.52 -29.29 -27.02
CA GLU E 128 -3.20 -28.89 -28.24
C GLU E 128 -3.11 -27.40 -28.57
N PHE E 129 -3.01 -26.57 -27.53
CA PHE E 129 -3.03 -25.11 -27.75
C PHE E 129 -2.07 -24.36 -26.82
N HIS E 130 -1.69 -23.17 -27.26
CA HIS E 130 -0.82 -22.27 -26.44
C HIS E 130 -1.37 -20.86 -26.64
N PRO E 131 -2.62 -20.60 -26.22
CA PRO E 131 -3.28 -19.34 -26.55
C PRO E 131 -2.72 -18.06 -25.91
N CYS E 132 -2.08 -18.22 -24.77
CA CYS E 132 -1.50 -17.03 -24.11
C CYS E 132 -0.28 -16.59 -24.91
N GLN E 133 0.49 -17.56 -25.41
CA GLN E 133 1.64 -17.17 -26.21
C GLN E 133 1.20 -16.43 -27.46
N VAL E 134 0.10 -16.87 -28.09
CA VAL E 134 -0.30 -16.21 -29.31
C VAL E 134 -0.83 -14.80 -29.03
N LEU E 135 -1.47 -14.57 -27.87
CA LEU E 135 -1.80 -13.19 -27.51
C LEU E 135 -0.54 -12.34 -27.44
N ALA E 136 0.55 -12.89 -26.87
CA ALA E 136 1.79 -12.12 -26.81
C ALA E 136 2.36 -11.89 -28.20
N ASP E 137 2.23 -12.89 -29.08
CA ASP E 137 2.69 -12.71 -30.47
C ASP E 137 1.89 -11.61 -31.17
N LEU E 138 0.57 -11.62 -31.03
CA LEU E 138 -0.27 -10.59 -31.64
C LEU E 138 0.05 -9.18 -31.11
N GLN E 139 0.28 -9.06 -29.80
CA GLN E 139 0.70 -7.76 -29.27
C GLN E 139 2.01 -7.29 -29.89
N THR E 140 2.96 -8.21 -30.05
CA THR E 140 4.24 -7.90 -30.65
C THR E 140 4.10 -7.48 -32.12
N ILE E 141 3.30 -8.22 -32.89
CA ILE E 141 3.09 -7.86 -34.28
C ILE E 141 2.45 -6.47 -34.39
N ALA E 142 1.44 -6.21 -33.56
CA ALA E 142 0.79 -4.90 -33.63
C ALA E 142 1.75 -3.78 -33.29
N GLU E 143 2.64 -4.01 -32.32
CA GLU E 143 3.67 -3.01 -32.00
C GLU E 143 4.54 -2.68 -33.19
N ARG E 144 4.94 -3.70 -33.93
CA ARG E 144 5.91 -3.44 -35.02
C ARG E 144 5.23 -3.07 -36.33
N LYS E 145 3.96 -3.39 -36.53
CA LYS E 145 3.35 -3.22 -37.87
C LYS E 145 2.01 -2.50 -37.85
N GLY E 146 1.44 -2.27 -36.70
CA GLY E 146 0.13 -1.63 -36.60
C GLY E 146 -1.03 -2.57 -36.81
N ALA E 147 -1.92 -2.22 -37.74
CA ALA E 147 -3.15 -3.01 -37.95
C ALA E 147 -2.81 -4.46 -38.26
N LEU E 148 -3.51 -5.35 -37.60
CA LEU E 148 -3.25 -6.77 -37.86
C LEU E 148 -3.99 -7.26 -39.09
N ARG E 149 -5.14 -6.67 -39.36
CA ARG E 149 -6.01 -7.13 -40.48
C ARG E 149 -5.25 -7.14 -41.80
N GLY E 150 -5.29 -8.30 -42.45
CA GLY E 150 -4.66 -8.38 -43.75
C GLY E 150 -3.19 -8.70 -43.76
N LEU E 151 -2.51 -8.76 -42.61
CA LEU E 151 -1.14 -9.23 -42.61
C LEU E 151 -1.10 -10.71 -43.01
N ARG E 152 0.05 -11.15 -43.50
CA ARG E 152 0.29 -12.55 -43.85
C ARG E 152 1.31 -13.13 -42.88
N LEU E 153 0.94 -14.21 -42.19
CA LEU E 153 1.79 -14.85 -41.20
C LEU E 153 2.01 -16.29 -41.63
N SER E 154 3.27 -16.72 -41.61
CA SER E 154 3.62 -18.11 -41.91
C SER E 154 4.35 -18.72 -40.72
N TYR E 155 3.90 -19.92 -40.35
CA TYR E 155 4.54 -20.71 -39.28
C TYR E 155 5.23 -21.90 -39.93
N PHE E 156 6.41 -22.23 -39.45
CA PHE E 156 7.21 -23.31 -40.06
C PHE E 156 7.62 -24.39 -39.05
N GLY E 157 7.62 -25.64 -39.49
CA GLY E 157 8.18 -26.73 -38.68
C GLY E 157 7.17 -27.81 -38.35
N ASP E 158 6.91 -28.00 -37.06
CA ASP E 158 5.92 -28.97 -36.60
C ASP E 158 4.53 -28.34 -36.62
N GLY E 159 3.77 -28.64 -37.65
CA GLY E 159 2.47 -28.02 -37.82
C GLY E 159 1.36 -28.71 -37.05
N ALA E 160 1.71 -29.76 -36.32
CA ALA E 160 0.72 -30.46 -35.53
C ALA E 160 0.75 -30.05 -34.07
N ASN E 161 1.61 -29.10 -33.69
CA ASN E 161 1.79 -28.76 -32.29
C ASN E 161 0.89 -27.62 -31.82
N ASN E 162 1.04 -27.30 -30.53
CA ASN E 162 0.16 -26.31 -29.91
C ASN E 162 0.34 -24.93 -30.51
N MET E 163 1.56 -24.56 -30.92
CA MET E 163 1.75 -23.24 -31.50
C MET E 163 1.13 -23.16 -32.88
N ALA E 164 1.22 -24.23 -33.68
CA ALA E 164 0.58 -24.19 -35.00
C ALA E 164 -0.93 -24.02 -34.86
N HIS E 165 -1.54 -24.74 -33.92
CA HIS E 165 -2.97 -24.66 -33.74
C HIS E 165 -3.40 -23.28 -33.25
N SER E 166 -2.66 -22.73 -32.30
CA SER E 166 -3.05 -21.43 -31.77
C SER E 166 -2.76 -20.29 -32.74
N LEU E 167 -1.69 -20.37 -33.54
CA LEU E 167 -1.48 -19.34 -34.54
C LEU E 167 -2.59 -19.37 -35.60
N LEU E 168 -3.08 -20.57 -35.95
CA LEU E 168 -4.24 -20.64 -36.82
C LEU E 168 -5.44 -19.93 -36.20
N LEU E 169 -5.85 -20.36 -35.00
CA LEU E 169 -7.09 -19.84 -34.41
C LEU E 169 -6.94 -18.38 -34.01
N GLY E 170 -5.87 -18.04 -33.30
CA GLY E 170 -5.73 -16.67 -32.86
C GLY E 170 -5.41 -15.72 -33.99
N GLY E 171 -4.65 -16.19 -34.98
CA GLY E 171 -4.33 -15.38 -36.13
C GLY E 171 -5.55 -15.01 -36.95
N VAL E 172 -6.36 -16.01 -37.32
CA VAL E 172 -7.53 -15.66 -38.14
C VAL E 172 -8.51 -14.82 -37.34
N THR E 173 -8.59 -15.02 -36.01
CA THR E 173 -9.45 -14.18 -35.18
C THR E 173 -9.04 -12.71 -35.28
N ALA E 174 -7.75 -12.42 -35.45
CA ALA E 174 -7.23 -11.08 -35.64
C ALA E 174 -7.30 -10.59 -37.08
N GLY E 175 -7.80 -11.42 -38.01
CA GLY E 175 -7.87 -11.06 -39.42
C GLY E 175 -6.58 -11.32 -40.19
N ILE E 176 -5.69 -12.12 -39.65
CA ILE E 176 -4.41 -12.39 -40.28
C ILE E 176 -4.57 -13.61 -41.18
N HIS E 177 -3.98 -13.54 -42.37
CA HIS E 177 -3.91 -14.68 -43.28
C HIS E 177 -2.80 -15.62 -42.80
N VAL E 178 -3.16 -16.82 -42.37
CA VAL E 178 -2.22 -17.74 -41.70
C VAL E 178 -1.88 -18.90 -42.63
N THR E 179 -0.58 -19.15 -42.79
CA THR E 179 -0.08 -20.33 -43.50
C THR E 179 0.73 -21.17 -42.53
N VAL E 180 0.51 -22.48 -42.56
CA VAL E 180 1.33 -23.42 -41.81
C VAL E 180 2.11 -24.24 -42.83
N ALA E 181 3.43 -24.23 -42.71
CA ALA E 181 4.32 -25.00 -43.58
C ALA E 181 4.97 -26.11 -42.78
N ALA E 182 4.69 -27.36 -43.13
CA ALA E 182 5.09 -28.50 -42.31
C ALA E 182 5.18 -29.74 -43.19
N PRO E 183 5.95 -30.74 -42.79
CA PRO E 183 5.97 -32.01 -43.56
C PRO E 183 4.67 -32.75 -43.33
N GLU E 184 4.37 -33.67 -44.25
CA GLU E 184 2.99 -34.17 -44.30
C GLU E 184 2.58 -34.99 -43.06
N GLY E 185 3.52 -35.57 -42.30
CA GLY E 185 3.06 -36.24 -41.10
C GLY E 185 2.87 -35.37 -39.87
N PHE E 186 2.98 -34.06 -40.00
CA PHE E 186 2.96 -33.12 -38.87
C PHE E 186 2.16 -31.89 -39.26
N LEU E 187 0.92 -32.11 -39.71
CA LEU E 187 0.04 -31.04 -40.15
C LEU E 187 -0.99 -30.72 -39.08
N PRO E 188 -1.62 -29.54 -39.15
CA PRO E 188 -2.65 -29.19 -38.16
C PRO E 188 -3.77 -30.24 -38.09
N ASP E 189 -4.26 -30.45 -36.88
CA ASP E 189 -5.41 -31.31 -36.68
C ASP E 189 -6.56 -30.82 -37.54
N PRO E 190 -7.23 -31.70 -38.33
CA PRO E 190 -8.25 -31.20 -39.25
C PRO E 190 -9.40 -30.50 -38.56
N SER E 191 -9.73 -30.88 -37.34
CA SER E 191 -10.83 -30.22 -36.66
C SER E 191 -10.45 -28.81 -36.23
N VAL E 192 -9.19 -28.60 -35.86
CA VAL E 192 -8.72 -27.25 -35.57
C VAL E 192 -8.66 -26.42 -36.84
N ARG E 193 -8.15 -27.02 -37.92
CA ARG E 193 -8.09 -26.29 -39.19
C ARG E 193 -9.47 -25.85 -39.62
N ALA E 194 -10.48 -26.72 -39.46
CA ALA E 194 -11.84 -26.37 -39.86
C ALA E 194 -12.39 -25.23 -39.01
N ALA E 195 -12.11 -25.27 -37.70
CA ALA E 195 -12.55 -24.17 -36.84
C ALA E 195 -11.90 -22.86 -37.24
N ALA E 196 -10.63 -22.89 -37.63
CA ALA E 196 -9.95 -21.68 -38.08
C ALA E 196 -10.53 -21.21 -39.40
N GLU E 197 -10.84 -22.14 -40.33
CA GLU E 197 -11.42 -21.74 -41.59
C GLU E 197 -12.78 -21.06 -41.39
N ARG E 198 -13.57 -21.56 -40.44
CA ARG E 198 -14.87 -20.96 -40.17
C ARG E 198 -14.72 -19.56 -39.59
N ARG E 199 -13.84 -19.41 -38.59
CA ARG E 199 -13.64 -18.10 -37.98
C ARG E 199 -13.12 -17.09 -39.00
N ALA E 200 -12.26 -17.56 -39.94
CA ALA E 200 -11.68 -16.68 -40.92
C ALA E 200 -12.74 -16.10 -41.86
N GLN E 201 -13.86 -16.79 -42.00
CA GLN E 201 -14.94 -16.29 -42.84
C GLN E 201 -15.52 -14.99 -42.27
N ASP E 202 -15.50 -14.84 -40.94
CA ASP E 202 -16.02 -13.66 -40.26
C ASP E 202 -15.05 -12.48 -40.26
N THR E 203 -13.75 -12.72 -40.44
CA THR E 203 -12.76 -11.67 -40.31
C THR E 203 -12.08 -11.32 -41.63
N GLY E 204 -12.43 -12.01 -42.72
CA GLY E 204 -11.75 -11.83 -43.98
C GLY E 204 -10.40 -12.48 -44.07
N ALA E 205 -10.03 -13.31 -43.10
CA ALA E 205 -8.72 -13.96 -43.09
C ALA E 205 -8.77 -15.22 -43.95
N SER E 206 -7.72 -16.02 -43.92
CA SER E 206 -7.65 -17.27 -44.67
C SER E 206 -6.72 -18.22 -43.93
N VAL E 207 -6.82 -19.51 -44.32
CA VAL E 207 -6.01 -20.59 -43.76
C VAL E 207 -5.38 -21.32 -44.94
N THR E 208 -4.05 -21.52 -44.88
CA THR E 208 -3.32 -22.29 -45.89
C THR E 208 -2.40 -23.28 -45.19
N VAL E 209 -2.39 -24.53 -45.67
CA VAL E 209 -1.48 -25.55 -45.17
C VAL E 209 -0.65 -26.05 -46.36
N THR E 210 0.66 -26.09 -46.20
CA THR E 210 1.55 -26.44 -47.30
C THR E 210 2.77 -27.18 -46.78
N ALA E 211 3.40 -27.97 -47.67
CA ALA E 211 4.67 -28.63 -47.37
C ALA E 211 5.84 -27.98 -48.09
N ASP E 212 5.64 -26.78 -48.66
CA ASP E 212 6.63 -26.03 -49.44
C ASP E 212 7.04 -24.77 -48.65
N ALA E 213 8.20 -24.82 -47.98
CA ALA E 213 8.62 -23.71 -47.12
C ALA E 213 8.83 -22.42 -47.92
N HIS E 214 9.56 -22.50 -49.03
CA HIS E 214 9.69 -21.34 -49.92
C HIS E 214 8.39 -20.68 -50.35
N ALA E 215 7.38 -21.47 -50.73
CA ALA E 215 6.10 -20.88 -51.08
C ALA E 215 5.45 -20.20 -49.88
N ALA E 216 5.57 -20.80 -48.69
CA ALA E 216 4.97 -20.20 -47.50
C ALA E 216 5.69 -18.92 -47.08
N ALA E 217 7.01 -18.83 -47.31
CA ALA E 217 7.76 -17.64 -46.94
C ALA E 217 7.50 -16.48 -47.89
N ALA E 218 7.08 -16.76 -49.11
CA ALA E 218 6.93 -15.75 -50.16
C ALA E 218 5.99 -14.62 -49.76
N GLY E 219 6.54 -13.41 -49.60
CA GLY E 219 5.72 -12.25 -49.27
C GLY E 219 5.14 -12.23 -47.87
N ALA E 220 5.59 -13.10 -46.97
CA ALA E 220 5.07 -13.09 -45.61
C ALA E 220 5.47 -11.81 -44.88
N ASP E 221 4.56 -11.33 -44.02
CA ASP E 221 4.86 -10.22 -43.12
C ASP E 221 5.43 -10.68 -41.79
N VAL E 222 5.12 -11.90 -41.36
CA VAL E 222 5.56 -12.46 -40.09
C VAL E 222 5.94 -13.91 -40.33
N LEU E 223 7.13 -14.31 -39.89
CA LEU E 223 7.59 -15.70 -39.99
C LEU E 223 7.78 -16.20 -38.57
N VAL E 224 7.21 -17.37 -38.27
CA VAL E 224 7.23 -17.90 -36.91
C VAL E 224 7.73 -19.33 -36.93
N THR E 225 8.49 -19.74 -35.92
CA THR E 225 8.77 -21.16 -35.73
C THR E 225 8.85 -21.45 -34.23
N ASP E 226 9.19 -22.69 -33.91
CA ASP E 226 9.14 -23.21 -32.55
C ASP E 226 10.05 -24.42 -32.54
N THR E 227 10.54 -24.82 -31.37
CA THR E 227 11.32 -26.05 -31.39
C THR E 227 10.50 -27.20 -31.94
N TRP E 228 11.19 -28.10 -32.62
CA TRP E 228 10.54 -29.14 -33.40
C TRP E 228 10.04 -30.31 -32.55
N THR E 229 10.60 -30.47 -31.35
CA THR E 229 10.29 -31.61 -30.53
C THR E 229 10.34 -31.26 -29.05
N GLY E 237 21.37 -42.01 -32.00
CA GLY E 237 21.88 -41.11 -33.02
C GLY E 237 20.92 -40.92 -34.19
N LEU E 238 19.73 -41.50 -34.10
CA LEU E 238 18.73 -41.34 -35.15
C LEU E 238 18.27 -39.88 -35.20
N ASP E 239 18.25 -39.30 -36.40
CA ASP E 239 17.86 -37.89 -36.55
C ASP E 239 16.35 -37.82 -36.68
N ARG E 240 15.68 -37.86 -35.53
CA ARG E 240 14.23 -37.90 -35.51
C ARG E 240 13.61 -36.61 -36.07
N VAL E 241 14.33 -35.48 -36.02
CA VAL E 241 13.78 -34.20 -36.46
C VAL E 241 14.13 -33.91 -37.93
N LYS E 242 14.72 -34.89 -38.61
CA LYS E 242 15.04 -34.72 -40.03
C LYS E 242 13.87 -34.24 -40.89
N PRO E 243 12.60 -34.66 -40.69
CA PRO E 243 11.52 -34.15 -41.56
C PRO E 243 11.39 -32.64 -41.53
N PHE E 244 11.81 -32.02 -40.42
CA PHE E 244 11.61 -30.59 -40.22
C PHE E 244 12.75 -29.75 -40.75
N ARG E 245 13.93 -30.34 -40.99
CA ARG E 245 15.07 -29.51 -41.35
C ARG E 245 14.86 -28.66 -42.60
N PRO E 246 14.15 -29.10 -43.65
CA PRO E 246 13.87 -28.19 -44.78
C PRO E 246 13.03 -26.98 -44.43
N PHE E 247 12.45 -26.95 -43.23
CA PHE E 247 11.54 -25.86 -42.80
C PHE E 247 12.25 -24.87 -41.85
N GLN E 248 13.55 -25.00 -41.76
CA GLN E 248 14.35 -24.12 -40.88
C GLN E 248 14.13 -22.66 -41.26
N LEU E 249 13.93 -21.82 -40.26
CA LEU E 249 13.83 -20.37 -40.50
C LEU E 249 15.26 -19.85 -40.58
N ASN E 250 15.75 -19.76 -41.80
CA ASN E 250 17.13 -19.27 -42.04
C ASN E 250 17.10 -18.03 -42.93
N SER E 251 18.28 -17.50 -43.23
CA SER E 251 18.39 -16.25 -44.00
C SER E 251 17.77 -16.38 -45.39
N ARG E 252 17.95 -17.55 -46.01
CA ARG E 252 17.37 -17.75 -47.34
C ARG E 252 15.85 -17.70 -47.28
N LEU E 253 15.25 -18.33 -46.27
CA LEU E 253 13.81 -18.24 -46.11
C LEU E 253 13.37 -16.81 -45.84
N LEU E 254 14.09 -16.12 -44.93
CA LEU E 254 13.71 -14.76 -44.59
C LEU E 254 13.82 -13.83 -45.79
N ALA E 255 14.80 -14.08 -46.67
CA ALA E 255 14.98 -13.26 -47.87
C ALA E 255 13.77 -13.30 -48.81
N LEU E 256 12.94 -14.33 -48.72
CA LEU E 256 11.75 -14.47 -49.57
C LEU E 256 10.53 -13.72 -49.03
N ALA E 257 10.58 -13.27 -47.78
CA ALA E 257 9.42 -12.63 -47.17
C ALA E 257 9.33 -11.16 -47.61
N ASP E 258 8.24 -10.50 -47.22
CA ASP E 258 8.14 -9.07 -47.45
C ASP E 258 9.32 -8.35 -46.82
N SER E 259 9.69 -7.20 -47.39
CA SER E 259 10.92 -6.53 -47.00
C SER E 259 10.94 -6.14 -45.53
N ASP E 260 9.79 -5.84 -44.93
CA ASP E 260 9.77 -5.40 -43.54
C ASP E 260 9.29 -6.50 -42.59
N ALA E 261 9.45 -7.76 -43.00
CA ALA E 261 8.94 -8.87 -42.23
C ALA E 261 9.63 -8.95 -40.86
N ILE E 262 8.93 -9.55 -39.90
CA ILE E 262 9.51 -9.79 -38.59
C ILE E 262 9.47 -11.29 -38.30
N VAL E 263 10.32 -11.70 -37.36
CA VAL E 263 10.49 -13.11 -37.00
C VAL E 263 10.09 -13.30 -35.54
N LEU E 264 9.28 -14.33 -35.26
CA LEU E 264 8.85 -14.68 -33.91
C LEU E 264 9.22 -16.12 -33.58
N HIS E 265 9.42 -16.38 -32.29
CA HIS E 265 9.80 -17.71 -31.76
C HIS E 265 9.48 -17.68 -30.27
N CYS E 266 8.66 -18.62 -29.79
CA CYS E 266 8.19 -18.50 -28.42
C CYS E 266 9.27 -18.82 -27.39
N LEU E 267 10.39 -19.42 -27.82
CA LEU E 267 11.56 -19.70 -27.00
C LEU E 267 11.27 -20.84 -26.02
N PRO E 268 12.30 -21.55 -25.53
CA PRO E 268 13.72 -21.41 -25.89
C PRO E 268 13.97 -21.81 -27.34
N ALA E 269 14.97 -21.19 -27.96
CA ALA E 269 15.35 -21.56 -29.32
C ALA E 269 16.52 -22.53 -29.28
N HIS E 270 16.54 -23.47 -30.21
CA HIS E 270 17.69 -24.35 -30.41
C HIS E 270 18.39 -23.83 -31.66
N ARG E 271 19.36 -22.93 -31.45
CA ARG E 271 19.98 -22.24 -32.57
C ARG E 271 20.69 -23.25 -33.48
N GLY E 272 20.44 -23.14 -34.78
CA GLY E 272 20.95 -24.10 -35.74
C GLY E 272 19.99 -25.21 -36.09
N ASP E 273 18.94 -25.41 -35.29
CA ASP E 273 17.87 -26.31 -35.69
C ASP E 273 16.77 -25.50 -36.36
N GLU E 274 15.73 -25.12 -35.60
CA GLU E 274 14.56 -24.53 -36.25
C GLU E 274 14.82 -23.09 -36.71
N ILE E 275 15.89 -22.46 -36.22
CA ILE E 275 16.19 -21.06 -36.51
C ILE E 275 17.71 -20.89 -36.46
N THR E 276 18.24 -19.97 -37.26
CA THR E 276 19.68 -19.75 -37.26
C THR E 276 20.04 -18.52 -36.44
N ASP E 277 21.32 -18.45 -36.07
CA ASP E 277 21.84 -17.29 -35.35
C ASP E 277 21.58 -15.99 -36.11
N ALA E 278 21.87 -16.00 -37.42
CA ALA E 278 21.75 -14.78 -38.23
C ALA E 278 20.33 -14.25 -38.21
N VAL E 279 19.35 -15.14 -38.23
CA VAL E 279 17.96 -14.67 -38.18
C VAL E 279 17.60 -14.21 -36.78
N MET E 280 17.98 -14.98 -35.77
CA MET E 280 17.46 -14.68 -34.44
C MET E 280 18.12 -13.44 -33.88
N ASP E 281 19.34 -13.14 -34.32
CA ASP E 281 20.06 -11.96 -33.84
C ASP E 281 20.02 -10.79 -34.81
N GLY E 282 19.31 -10.92 -35.93
CA GLY E 282 19.26 -9.88 -36.94
C GLY E 282 18.12 -8.91 -36.76
N PRO E 283 18.02 -7.93 -37.68
CA PRO E 283 17.06 -6.82 -37.49
C PRO E 283 15.60 -7.25 -37.62
N ALA E 284 15.30 -8.38 -38.25
CA ALA E 284 13.92 -8.83 -38.36
C ALA E 284 13.42 -9.52 -37.10
N SER E 285 14.32 -9.95 -36.22
CA SER E 285 13.93 -10.68 -35.02
C SER E 285 13.17 -9.80 -34.05
N ALA E 286 12.02 -10.30 -33.58
CA ALA E 286 11.26 -9.64 -32.52
C ALA E 286 11.14 -10.53 -31.29
N VAL E 287 12.02 -11.51 -31.13
CA VAL E 287 11.79 -12.54 -30.12
C VAL E 287 11.94 -12.00 -28.71
N TRP E 288 12.71 -10.92 -28.50
CA TRP E 288 12.90 -10.48 -27.12
C TRP E 288 11.72 -9.64 -26.64
N ASP E 289 11.21 -8.75 -27.50
CA ASP E 289 9.96 -8.05 -27.20
C ASP E 289 8.82 -9.03 -27.03
N GLU E 290 8.78 -10.06 -27.89
CA GLU E 290 7.77 -11.08 -27.78
C GLU E 290 7.83 -11.78 -26.42
N ALA E 291 9.05 -12.10 -25.96
CA ALA E 291 9.22 -12.70 -24.64
C ALA E 291 8.67 -11.79 -23.55
N GLU E 292 9.01 -10.51 -23.61
CA GLU E 292 8.50 -9.57 -22.61
C GLU E 292 6.98 -9.49 -22.64
N ASN E 293 6.39 -9.52 -23.85
CA ASN E 293 4.95 -9.29 -23.96
C ASN E 293 4.11 -10.43 -23.40
N ARG E 294 4.70 -11.59 -23.12
CA ARG E 294 3.95 -12.61 -22.38
C ARG E 294 3.47 -12.06 -21.05
N LEU E 295 4.32 -11.28 -20.37
CA LEU E 295 3.92 -10.64 -19.12
C LEU E 295 2.67 -9.80 -19.31
N HIS E 296 2.69 -8.90 -20.29
CA HIS E 296 1.63 -7.92 -20.47
C HIS E 296 0.36 -8.57 -21.00
N ALA E 297 0.50 -9.50 -21.96
CA ALA E 297 -0.69 -10.10 -22.57
C ALA E 297 -1.42 -10.99 -21.57
N GLN E 298 -0.69 -11.73 -20.73
CA GLN E 298 -1.34 -12.56 -19.71
C GLN E 298 -2.03 -11.71 -18.64
N LYS E 299 -1.44 -10.57 -18.28
CA LYS E 299 -2.15 -9.69 -17.30
C LYS E 299 -3.44 -9.18 -17.91
N ALA E 300 -3.39 -8.80 -19.16
CA ALA E 300 -4.59 -8.24 -19.84
C ALA E 300 -5.70 -9.27 -19.85
N LEU E 301 -5.32 -10.49 -20.17
CA LEU E 301 -6.33 -11.57 -20.25
C LEU E 301 -6.99 -11.78 -18.89
N LEU E 302 -6.18 -11.84 -17.84
CA LEU E 302 -6.73 -12.05 -16.48
C LEU E 302 -7.68 -10.89 -16.11
N VAL E 303 -7.23 -9.66 -16.34
CA VAL E 303 -8.09 -8.49 -16.02
C VAL E 303 -9.42 -8.62 -16.77
N TRP E 304 -9.34 -8.92 -18.05
CA TRP E 304 -10.56 -9.03 -18.89
C TRP E 304 -11.48 -10.15 -18.39
N LEU E 305 -10.90 -11.34 -18.15
CA LEU E 305 -11.75 -12.44 -17.69
C LEU E 305 -12.36 -12.14 -16.33
N LEU E 306 -11.56 -11.61 -15.41
CA LEU E 306 -12.07 -11.31 -14.09
C LEU E 306 -13.21 -10.31 -14.16
N GLU E 307 -13.14 -9.38 -15.08
CA GLU E 307 -14.12 -8.32 -14.95
C GLU E 307 -15.45 -8.77 -15.58
N ARG E 308 -15.36 -9.85 -16.37
CA ARG E 308 -16.56 -10.42 -17.05
C ARG E 308 -17.09 -11.63 -16.30
N SER E 309 -16.48 -12.04 -15.20
CA SER E 309 -16.88 -13.21 -14.45
C SER E 309 -17.29 -12.82 -13.02
N SER F 2 25.49 4.90 -16.88
CA SER F 2 24.85 3.71 -17.40
C SER F 2 25.77 2.47 -17.31
N VAL F 3 26.77 2.51 -16.42
CA VAL F 3 27.55 1.32 -16.07
C VAL F 3 26.70 0.43 -15.18
N ILE F 4 26.55 -0.83 -15.57
CA ILE F 4 25.80 -1.80 -14.76
C ILE F 4 26.77 -2.41 -13.76
N ARG F 5 26.46 -2.29 -12.47
CA ARG F 5 27.34 -2.83 -11.44
C ARG F 5 26.92 -4.24 -11.09
N HIS F 6 27.89 -5.10 -10.82
CA HIS F 6 27.64 -6.47 -10.39
CA HIS F 6 27.61 -6.46 -10.37
C HIS F 6 28.39 -6.72 -9.08
N PHE F 7 28.03 -7.78 -8.40
CA PHE F 7 28.69 -8.13 -7.14
C PHE F 7 28.94 -9.63 -7.17
N LEU F 8 30.07 -10.04 -7.73
CA LEU F 8 30.38 -11.48 -7.91
C LEU F 8 31.48 -11.92 -6.95
N ARG F 9 32.24 -10.98 -6.44
CA ARG F 9 33.34 -11.24 -5.49
C ARG F 9 33.48 -9.97 -4.65
N ASP F 10 34.08 -10.09 -3.48
CA ASP F 10 34.05 -8.99 -2.48
C ASP F 10 34.73 -7.72 -2.96
N ASP F 11 35.80 -7.90 -3.71
CA ASP F 11 36.59 -6.75 -4.18
C ASP F 11 35.92 -6.03 -5.36
N ASP F 12 34.73 -6.45 -5.76
CA ASP F 12 33.96 -5.70 -6.80
C ASP F 12 33.60 -4.33 -6.22
N LEU F 13 33.54 -4.22 -4.90
CA LEU F 13 33.35 -2.92 -4.25
C LEU F 13 34.72 -2.40 -3.83
N SER F 14 34.96 -1.12 -4.10
CA SER F 14 36.12 -0.43 -3.53
C SER F 14 35.94 -0.27 -2.02
N PRO F 15 36.99 0.06 -1.28
CA PRO F 15 36.81 0.34 0.16
C PRO F 15 35.71 1.37 0.43
N ALA F 16 35.68 2.46 -0.35
CA ALA F 16 34.67 3.49 -0.14
C ALA F 16 33.26 2.99 -0.45
N GLU F 17 33.14 2.18 -1.51
CA GLU F 17 31.84 1.63 -1.87
C GLU F 17 31.36 0.61 -0.85
N GLN F 18 32.27 -0.25 -0.37
CA GLN F 18 31.88 -1.21 0.68
C GLN F 18 31.40 -0.48 1.92
N ALA F 19 32.06 0.62 2.28
CA ALA F 19 31.61 1.39 3.45
C ALA F 19 30.20 1.95 3.23
N GLU F 20 29.88 2.39 2.01
CA GLU F 20 28.53 2.88 1.72
C GLU F 20 27.52 1.77 1.91
N VAL F 21 27.80 0.56 1.39
CA VAL F 21 26.86 -0.55 1.52
C VAL F 21 26.67 -0.92 2.98
N LEU F 22 27.76 -0.95 3.76
CA LEU F 22 27.63 -1.35 5.16
C LEU F 22 26.88 -0.32 5.99
N GLU F 23 27.03 0.97 5.67
CA GLU F 23 26.24 2.02 6.30
C GLU F 23 24.78 1.87 5.95
N LEU F 24 24.48 1.56 4.69
CA LEU F 24 23.11 1.34 4.29
C LEU F 24 22.52 0.14 5.02
N ALA F 25 23.33 -0.91 5.23
CA ALA F 25 22.83 -2.08 5.95
C ALA F 25 22.44 -1.73 7.39
N ALA F 26 23.22 -0.89 8.05
CA ALA F 26 22.84 -0.44 9.39
C ALA F 26 21.55 0.37 9.36
N GLU F 27 21.36 1.22 8.34
CA GLU F 27 20.14 2.03 8.25
C GLU F 27 18.92 1.15 8.00
N LEU F 28 19.07 0.14 7.14
CA LEU F 28 17.95 -0.74 6.83
C LEU F 28 17.60 -1.65 7.99
N LYS F 29 18.59 -2.02 8.81
CA LYS F 29 18.27 -2.79 10.01
C LYS F 29 17.37 -1.99 10.93
N LYS F 30 17.61 -0.68 11.03
CA LYS F 30 16.78 0.18 11.88
C LYS F 30 15.39 0.40 11.26
N ASP F 31 15.34 0.55 9.95
CA ASP F 31 14.11 0.96 9.24
C ASP F 31 13.92 0.06 8.03
N PRO F 32 13.42 -1.17 8.24
CA PRO F 32 13.50 -2.21 7.18
C PRO F 32 12.59 -2.02 5.98
N VAL F 33 11.57 -1.18 6.04
CA VAL F 33 10.74 -0.98 4.85
C VAL F 33 10.80 0.48 4.38
N SER F 34 11.87 1.19 4.75
CA SER F 34 12.04 2.59 4.38
C SER F 34 12.61 2.76 2.97
N ARG F 35 13.12 1.70 2.33
CA ARG F 35 13.66 1.79 0.97
C ARG F 35 12.81 0.89 0.08
N ARG F 36 12.19 1.46 -0.95
CA ARG F 36 11.28 0.71 -1.82
C ARG F 36 11.63 0.92 -3.29
N PRO F 37 12.86 0.60 -3.69
CA PRO F 37 13.24 0.74 -5.12
C PRO F 37 12.56 -0.28 -6.01
N LEU F 38 11.95 -1.31 -5.45
CA LEU F 38 11.30 -2.34 -6.26
C LEU F 38 9.78 -2.25 -6.14
N GLN F 39 9.26 -1.15 -5.60
CA GLN F 39 7.82 -0.99 -5.44
C GLN F 39 7.11 -1.24 -6.78
N GLY F 40 5.99 -1.95 -6.73
CA GLY F 40 5.28 -2.31 -7.94
C GLY F 40 4.27 -3.44 -7.71
N PRO F 41 4.77 -4.67 -7.52
CA PRO F 41 6.20 -5.01 -7.39
C PRO F 41 6.95 -5.14 -8.70
N ARG F 42 8.22 -4.76 -8.65
CA ARG F 42 9.15 -5.15 -9.68
C ARG F 42 9.74 -6.52 -9.32
N GLY F 43 10.18 -7.26 -10.32
CA GLY F 43 10.74 -8.58 -10.08
C GLY F 43 12.23 -8.62 -9.81
N VAL F 44 12.66 -9.61 -9.05
CA VAL F 44 14.08 -9.98 -8.92
C VAL F 44 14.15 -11.50 -9.07
N ALA F 45 15.04 -11.99 -9.93
CA ALA F 45 15.20 -13.44 -10.08
C ALA F 45 16.16 -13.96 -9.01
N VAL F 46 15.79 -15.08 -8.38
CA VAL F 46 16.65 -15.70 -7.38
C VAL F 46 16.81 -17.14 -7.81
N ILE F 47 17.98 -17.49 -8.31
CA ILE F 47 18.17 -18.74 -9.06
C ILE F 47 19.17 -19.61 -8.31
N PHE F 48 18.81 -20.88 -8.06
CA PHE F 48 19.67 -21.83 -7.36
C PHE F 48 20.00 -23.03 -8.26
N ASP F 49 21.28 -23.13 -8.69
CA ASP F 49 21.73 -24.34 -9.37
C ASP F 49 21.79 -25.52 -8.39
N LYS F 50 22.03 -25.23 -7.11
CA LYS F 50 21.91 -26.18 -6.02
C LYS F 50 21.13 -25.48 -4.92
N ASN F 51 20.15 -26.17 -4.34
CA ASN F 51 19.26 -25.48 -3.41
C ASN F 51 20.03 -25.05 -2.18
N SER F 52 19.65 -23.90 -1.64
CA SER F 52 20.14 -23.42 -0.35
C SER F 52 18.96 -22.70 0.30
N THR F 53 18.22 -23.45 1.11
CA THR F 53 16.98 -22.91 1.67
C THR F 53 17.25 -21.71 2.55
N ARG F 54 18.32 -21.74 3.35
CA ARG F 54 18.60 -20.62 4.26
C ARG F 54 18.94 -19.35 3.48
N THR F 55 19.58 -19.52 2.33
CA THR F 55 19.86 -18.37 1.46
C THR F 55 18.58 -17.84 0.84
N ARG F 56 17.66 -18.73 0.43
CA ARG F 56 16.43 -18.25 -0.16
C ARG F 56 15.59 -17.45 0.82
N PHE F 57 15.57 -17.85 2.11
CA PHE F 57 14.84 -17.08 3.11
C PHE F 57 15.28 -15.62 3.09
N SER F 58 16.59 -15.38 3.23
CA SER F 58 17.02 -13.99 3.42
C SER F 58 16.81 -13.18 2.14
N PHE F 59 17.06 -13.78 0.97
CA PHE F 59 16.89 -12.97 -0.25
C PHE F 59 15.41 -12.75 -0.55
N GLU F 60 14.59 -13.80 -0.41
CA GLU F 60 13.17 -13.68 -0.76
C GLU F 60 12.50 -12.61 0.09
N LEU F 61 12.75 -12.63 1.40
CA LEU F 61 12.13 -11.67 2.30
C LEU F 61 12.71 -10.28 2.11
N GLY F 62 14.03 -10.20 1.88
CA GLY F 62 14.65 -8.90 1.66
C GLY F 62 14.09 -8.19 0.44
N ILE F 63 13.95 -8.93 -0.66
CA ILE F 63 13.36 -8.40 -1.88
C ILE F 63 11.95 -7.92 -1.62
N ALA F 64 11.17 -8.71 -0.88
CA ALA F 64 9.79 -8.29 -0.58
C ALA F 64 9.77 -6.99 0.22
N GLN F 65 10.71 -6.82 1.15
CA GLN F 65 10.73 -5.62 1.98
C GLN F 65 11.25 -4.39 1.23
N LEU F 66 11.87 -4.59 0.07
CA LEU F 66 12.15 -3.51 -0.86
C LEU F 66 10.99 -3.22 -1.79
N GLY F 67 9.85 -3.88 -1.57
CA GLY F 67 8.69 -3.66 -2.41
C GLY F 67 8.57 -4.60 -3.59
N GLY F 68 9.53 -5.50 -3.80
CA GLY F 68 9.58 -6.31 -4.98
C GLY F 68 8.96 -7.69 -4.78
N HIS F 69 9.07 -8.50 -5.84
CA HIS F 69 8.63 -9.89 -5.82
C HIS F 69 9.77 -10.76 -6.31
N ALA F 70 10.30 -11.60 -5.43
CA ALA F 70 11.33 -12.55 -5.82
C ALA F 70 10.69 -13.69 -6.59
N VAL F 71 11.20 -13.97 -7.78
CA VAL F 71 10.80 -15.18 -8.50
C VAL F 71 11.94 -16.18 -8.29
N VAL F 72 11.63 -17.25 -7.58
CA VAL F 72 12.64 -18.20 -7.13
C VAL F 72 12.68 -19.38 -8.09
N VAL F 73 13.87 -19.76 -8.51
CA VAL F 73 14.08 -20.91 -9.38
C VAL F 73 15.05 -21.84 -8.68
N ASP F 74 14.62 -23.08 -8.43
CA ASP F 74 15.49 -24.01 -7.72
C ASP F 74 15.90 -25.16 -8.65
N SER F 75 16.62 -26.13 -8.08
CA SER F 75 17.28 -27.13 -8.91
C SER F 75 16.30 -28.15 -9.49
N GLY F 76 15.01 -28.06 -9.13
CA GLY F 76 14.01 -28.84 -9.85
C GLY F 76 13.80 -28.37 -11.28
N SER F 77 14.04 -27.08 -11.54
CA SER F 77 14.03 -26.59 -12.91
C SER F 77 15.26 -27.10 -13.65
N THR F 78 15.13 -27.25 -14.97
CA THR F 78 16.27 -27.52 -15.82
C THR F 78 17.38 -26.52 -15.55
N GLN F 79 18.60 -27.04 -15.40
CA GLN F 79 19.73 -26.18 -15.06
C GLN F 79 19.95 -25.12 -16.13
N LEU F 80 20.30 -23.92 -15.68
CA LEU F 80 20.36 -22.76 -16.56
C LEU F 80 21.52 -22.99 -17.54
N GLY F 81 21.27 -22.76 -18.83
CA GLY F 81 22.26 -23.03 -19.86
C GLY F 81 22.16 -24.38 -20.53
N ARG F 82 21.25 -25.27 -20.09
CA ARG F 82 21.11 -26.59 -20.71
C ARG F 82 20.16 -26.60 -21.91
N ASP F 83 18.96 -26.03 -21.77
CA ASP F 83 17.91 -26.08 -22.79
C ASP F 83 17.85 -24.80 -23.63
N GLU F 84 18.58 -23.77 -23.20
CA GLU F 84 18.68 -22.47 -23.83
C GLU F 84 20.09 -21.99 -23.51
N THR F 85 20.70 -21.19 -24.40
CA THR F 85 22.00 -20.65 -24.04
C THR F 85 21.88 -19.70 -22.85
N LEU F 86 22.94 -19.63 -22.04
CA LEU F 86 22.97 -18.69 -20.93
C LEU F 86 22.69 -17.26 -21.39
N GLN F 87 23.26 -16.88 -22.53
CA GLN F 87 23.05 -15.53 -23.07
C GLN F 87 21.60 -15.26 -23.45
N ASP F 88 20.92 -16.24 -24.08
CA ASP F 88 19.50 -16.06 -24.39
C ASP F 88 18.67 -15.93 -23.11
N THR F 89 18.94 -16.80 -22.13
CA THR F 89 18.20 -16.73 -20.87
C THR F 89 18.42 -15.37 -20.20
N ALA F 90 19.64 -14.85 -20.27
CA ALA F 90 19.95 -13.57 -19.63
C ALA F 90 19.16 -12.43 -20.27
N LYS F 91 19.03 -12.46 -21.60
CA LYS F 91 18.26 -11.43 -22.29
C LYS F 91 16.78 -11.50 -21.95
N VAL F 92 16.24 -12.71 -21.78
CA VAL F 92 14.82 -12.81 -21.44
C VAL F 92 14.62 -12.34 -19.99
N LEU F 93 15.50 -12.78 -19.07
CA LEU F 93 15.38 -12.37 -17.67
C LEU F 93 15.38 -10.86 -17.54
N SER F 94 16.23 -10.17 -18.30
CA SER F 94 16.34 -8.72 -18.18
C SER F 94 15.07 -7.98 -18.59
N ARG F 95 14.16 -8.63 -19.34
CA ARG F 95 12.85 -8.06 -19.64
C ARG F 95 11.87 -8.25 -18.49
N TYR F 96 12.15 -9.17 -17.56
CA TYR F 96 11.23 -9.49 -16.48
C TYR F 96 11.66 -8.98 -15.12
N VAL F 97 12.96 -8.87 -14.86
CA VAL F 97 13.42 -8.55 -13.51
C VAL F 97 14.41 -7.40 -13.54
N ASP F 98 14.60 -6.77 -12.37
CA ASP F 98 15.51 -5.64 -12.23
C ASP F 98 16.88 -6.06 -11.72
N ALA F 99 17.04 -7.32 -11.31
CA ALA F 99 18.32 -7.84 -10.84
C ALA F 99 18.25 -9.35 -10.84
N ILE F 100 19.42 -9.98 -10.92
CA ILE F 100 19.53 -11.44 -10.95
C ILE F 100 20.44 -11.87 -9.80
N VAL F 101 19.89 -12.67 -8.89
CA VAL F 101 20.63 -13.26 -7.77
C VAL F 101 20.84 -14.73 -8.11
N TRP F 102 22.08 -15.21 -8.07
CA TRP F 102 22.37 -16.53 -8.61
C TRP F 102 23.34 -17.27 -7.70
N ARG F 103 22.95 -18.47 -7.30
CA ARG F 103 23.83 -19.40 -6.59
C ARG F 103 24.28 -20.41 -7.64
N THR F 104 25.57 -20.42 -7.96
CA THR F 104 26.05 -21.37 -8.97
C THR F 104 27.42 -21.86 -8.54
N PHE F 105 28.17 -22.49 -9.46
CA PHE F 105 29.34 -23.27 -9.09
C PHE F 105 30.57 -22.51 -9.52
N GLY F 106 31.06 -22.70 -10.74
CA GLY F 106 32.28 -22.02 -11.14
C GLY F 106 32.05 -20.54 -11.38
N GLN F 107 33.12 -19.77 -11.12
CA GLN F 107 33.05 -18.33 -11.27
C GLN F 107 32.85 -17.92 -12.72
N GLU F 108 33.31 -18.74 -13.67
CA GLU F 108 33.18 -18.38 -15.07
C GLU F 108 31.71 -18.25 -15.48
N ARG F 109 30.82 -18.98 -14.81
CA ARG F 109 29.39 -18.84 -15.08
C ARG F 109 28.86 -17.47 -14.65
N LEU F 110 29.23 -17.03 -13.44
CA LEU F 110 28.83 -15.70 -12.99
C LEU F 110 29.38 -14.62 -13.91
N ASP F 111 30.65 -14.76 -14.32
CA ASP F 111 31.26 -13.78 -15.21
C ASP F 111 30.53 -13.73 -16.55
N ALA F 112 30.14 -14.90 -17.07
CA ALA F 112 29.40 -14.94 -18.33
C ALA F 112 28.06 -14.24 -18.21
N MET F 113 27.32 -14.50 -17.11
CA MET F 113 26.03 -13.83 -16.90
C MET F 113 26.21 -12.32 -16.81
N ALA F 114 27.19 -11.87 -16.03
CA ALA F 114 27.39 -10.44 -15.85
C ALA F 114 27.82 -9.74 -17.14
N SER F 115 28.41 -10.48 -18.07
CA SER F 115 28.83 -9.89 -19.33
C SER F 115 27.64 -9.54 -20.22
N VAL F 116 26.54 -10.26 -20.08
CA VAL F 116 25.42 -10.19 -21.01
C VAL F 116 24.22 -9.47 -20.41
N ALA F 117 23.94 -9.71 -19.13
CA ALA F 117 22.75 -9.14 -18.50
C ALA F 117 22.85 -7.62 -18.46
N THR F 118 21.70 -6.97 -18.67
CA THR F 118 21.62 -5.52 -18.56
C THR F 118 21.04 -5.09 -17.20
N VAL F 119 21.11 -5.97 -16.21
CA VAL F 119 20.71 -5.69 -14.83
C VAL F 119 21.78 -6.26 -13.92
N PRO F 120 21.85 -5.78 -12.68
CA PRO F 120 22.91 -6.26 -11.77
C PRO F 120 22.78 -7.75 -11.49
N VAL F 121 23.93 -8.41 -11.45
CA VAL F 121 24.04 -9.82 -11.10
C VAL F 121 24.76 -9.93 -9.76
N ILE F 122 24.17 -10.69 -8.83
CA ILE F 122 24.70 -10.89 -7.49
C ILE F 122 25.03 -12.37 -7.29
N ASN F 123 26.25 -12.64 -6.82
CA ASN F 123 26.65 -13.98 -6.41
C ASN F 123 26.07 -14.29 -5.04
N ALA F 124 25.04 -15.14 -5.00
CA ALA F 124 24.42 -15.52 -3.73
C ALA F 124 25.29 -16.44 -2.90
N LEU F 125 26.23 -17.16 -3.52
CA LEU F 125 27.05 -18.24 -2.98
C LEU F 125 27.64 -18.97 -4.18
N SER F 126 28.95 -19.15 -4.26
CA SER F 126 29.57 -19.90 -5.36
C SER F 126 30.71 -20.74 -4.79
N ASP F 127 31.33 -21.54 -5.66
CA ASP F 127 32.45 -22.36 -5.21
C ASP F 127 33.59 -21.51 -4.69
N GLU F 128 33.87 -20.38 -5.33
CA GLU F 128 35.08 -19.65 -5.03
C GLU F 128 34.89 -18.53 -4.01
N PHE F 129 33.68 -17.98 -3.96
CA PHE F 129 33.41 -16.82 -3.07
C PHE F 129 32.04 -16.90 -2.39
N HIS F 130 31.90 -16.17 -1.29
CA HIS F 130 30.61 -16.04 -0.57
C HIS F 130 30.54 -14.58 -0.12
N PRO F 131 30.52 -13.62 -1.06
CA PRO F 131 30.63 -12.22 -0.70
C PRO F 131 29.46 -11.61 0.09
N CYS F 132 28.25 -12.12 -0.13
CA CYS F 132 27.14 -11.60 0.68
C CYS F 132 27.24 -12.03 2.14
N GLN F 133 27.75 -13.23 2.39
CA GLN F 133 27.95 -13.64 3.78
C GLN F 133 28.97 -12.72 4.45
N VAL F 134 30.03 -12.34 3.72
CA VAL F 134 31.03 -11.49 4.37
C VAL F 134 30.49 -10.07 4.60
N LEU F 135 29.59 -9.56 3.77
CA LEU F 135 28.97 -8.26 4.10
C LEU F 135 28.20 -8.36 5.41
N ALA F 136 27.46 -9.46 5.60
CA ALA F 136 26.75 -9.66 6.86
C ALA F 136 27.73 -9.79 8.03
N ASP F 137 28.87 -10.47 7.82
CA ASP F 137 29.90 -10.59 8.84
C ASP F 137 30.45 -9.23 9.23
N LEU F 138 30.81 -8.42 8.23
CA LEU F 138 31.32 -7.08 8.49
C LEU F 138 30.28 -6.22 9.22
N GLN F 139 29.01 -6.31 8.81
CA GLN F 139 27.97 -5.58 9.53
C GLN F 139 27.94 -6.00 11.01
N THR F 140 28.07 -7.31 11.27
CA THR F 140 27.99 -7.81 12.64
C THR F 140 29.18 -7.32 13.46
N ILE F 141 30.38 -7.39 12.89
CA ILE F 141 31.57 -6.92 13.59
C ILE F 141 31.43 -5.44 13.93
N ALA F 142 30.94 -4.64 12.97
CA ALA F 142 30.83 -3.20 13.19
C ALA F 142 29.84 -2.89 14.29
N GLU F 143 28.73 -3.61 14.36
CA GLU F 143 27.77 -3.23 15.40
C GLU F 143 28.23 -3.66 16.80
N ARG F 144 29.17 -4.63 16.90
CA ARG F 144 29.77 -5.02 18.17
C ARG F 144 30.97 -4.18 18.54
N LYS F 145 31.80 -3.79 17.56
CA LYS F 145 33.13 -3.24 17.85
C LYS F 145 33.38 -1.85 17.26
N GLY F 146 32.46 -1.29 16.49
CA GLY F 146 32.68 0.04 15.92
C GLY F 146 33.49 -0.03 14.65
N ALA F 147 34.51 0.82 14.56
CA ALA F 147 35.27 0.96 13.32
C ALA F 147 35.97 -0.34 12.97
N LEU F 148 35.91 -0.71 11.69
CA LEU F 148 36.53 -1.97 11.27
C LEU F 148 38.03 -1.83 11.03
N ARG F 149 38.48 -0.66 10.55
CA ARG F 149 39.88 -0.48 10.22
C ARG F 149 40.77 -0.82 11.41
N GLY F 150 41.75 -1.68 11.17
CA GLY F 150 42.70 -2.06 12.19
C GLY F 150 42.35 -3.27 13.02
N LEU F 151 41.10 -3.76 12.96
CA LEU F 151 40.78 -4.97 13.72
C LEU F 151 41.59 -6.16 13.19
N ARG F 152 41.68 -7.20 14.02
CA ARG F 152 42.38 -8.42 13.66
C ARG F 152 41.38 -9.58 13.64
N LEU F 153 41.26 -10.22 12.48
CA LEU F 153 40.30 -11.30 12.26
C LEU F 153 41.07 -12.55 11.85
N SER F 154 40.75 -13.68 12.46
CA SER F 154 41.35 -14.95 12.05
C SER F 154 40.28 -15.95 11.68
N TYR F 155 40.49 -16.61 10.55
CA TYR F 155 39.63 -17.67 10.06
C TYR F 155 40.35 -19.00 10.24
N PHE F 156 39.61 -20.01 10.68
CA PHE F 156 40.19 -21.32 11.01
C PHE F 156 39.49 -22.41 10.22
N GLY F 157 40.28 -23.38 9.75
CA GLY F 157 39.70 -24.59 9.18
C GLY F 157 40.14 -24.85 7.75
N ASP F 158 39.17 -24.98 6.86
CA ASP F 158 39.45 -25.17 5.43
C ASP F 158 39.75 -23.82 4.80
N GLY F 159 41.04 -23.51 4.63
CA GLY F 159 41.40 -22.20 4.11
C GLY F 159 41.35 -22.06 2.61
N ALA F 160 40.89 -23.09 1.91
CA ALA F 160 40.78 -23.05 0.46
C ALA F 160 39.36 -22.81 -0.02
N ASN F 161 38.41 -22.59 0.89
CA ASN F 161 37.01 -22.56 0.48
C ASN F 161 36.55 -21.13 0.25
N ASN F 162 35.28 -21.03 -0.15
CA ASN F 162 34.68 -19.75 -0.49
C ASN F 162 34.71 -18.74 0.65
N MET F 163 34.55 -19.19 1.89
CA MET F 163 34.53 -18.27 3.02
C MET F 163 35.93 -17.72 3.28
N ALA F 164 36.96 -18.57 3.21
CA ALA F 164 38.33 -18.08 3.38
C ALA F 164 38.67 -17.03 2.33
N HIS F 165 38.24 -17.26 1.08
CA HIS F 165 38.55 -16.31 0.02
C HIS F 165 37.85 -14.98 0.24
N SER F 166 36.58 -15.03 0.65
CA SER F 166 35.84 -13.80 0.80
C SER F 166 36.21 -13.04 2.07
N LEU F 167 36.58 -13.75 3.15
CA LEU F 167 37.06 -13.02 4.32
C LEU F 167 38.37 -12.31 4.00
N LEU F 168 39.26 -12.94 3.23
CA LEU F 168 40.46 -12.25 2.77
C LEU F 168 40.12 -10.99 1.99
N LEU F 169 39.30 -11.13 0.94
CA LEU F 169 39.06 -9.99 0.05
C LEU F 169 38.19 -8.93 0.72
N GLY F 170 37.08 -9.37 1.33
CA GLY F 170 36.19 -8.43 1.98
C GLY F 170 36.81 -7.84 3.23
N GLY F 171 37.57 -8.65 3.98
CA GLY F 171 38.24 -8.16 5.18
C GLY F 171 39.24 -7.06 4.88
N VAL F 172 40.16 -7.31 3.93
CA VAL F 172 41.16 -6.26 3.67
C VAL F 172 40.53 -5.03 3.03
N THR F 173 39.42 -5.20 2.29
CA THR F 173 38.70 -4.04 1.77
C THR F 173 38.17 -3.14 2.90
N ALA F 174 37.82 -3.73 4.03
CA ALA F 174 37.38 -2.97 5.21
C ALA F 174 38.54 -2.51 6.08
N GLY F 175 39.78 -2.81 5.70
CA GLY F 175 40.93 -2.42 6.51
C GLY F 175 41.25 -3.34 7.67
N ILE F 176 40.71 -4.57 7.66
CA ILE F 176 40.95 -5.58 8.68
C ILE F 176 42.20 -6.37 8.35
N HIS F 177 43.02 -6.65 9.36
CA HIS F 177 44.16 -7.57 9.21
C HIS F 177 43.62 -8.99 9.27
N VAL F 178 43.68 -9.72 8.16
CA VAL F 178 43.06 -11.03 8.05
C VAL F 178 44.14 -12.10 8.15
N THR F 179 43.90 -13.11 8.99
CA THR F 179 44.74 -14.30 9.07
C THR F 179 43.89 -15.51 8.72
N VAL F 180 44.44 -16.40 7.91
CA VAL F 180 43.82 -17.68 7.61
C VAL F 180 44.74 -18.74 8.21
N ALA F 181 44.18 -19.59 9.07
CA ALA F 181 44.91 -20.68 9.71
C ALA F 181 44.31 -21.98 9.20
N ALA F 182 45.12 -22.76 8.50
CA ALA F 182 44.63 -23.96 7.83
C ALA F 182 45.78 -24.92 7.65
N PRO F 183 45.49 -26.22 7.51
CA PRO F 183 46.57 -27.16 7.24
C PRO F 183 47.07 -27.04 5.80
N GLU F 184 48.31 -27.52 5.62
CA GLU F 184 49.06 -27.42 4.37
C GLU F 184 48.28 -27.57 3.08
N GLY F 185 47.46 -28.60 2.97
CA GLY F 185 46.83 -28.82 1.68
C GLY F 185 45.54 -28.07 1.44
N PHE F 186 45.21 -27.10 2.30
CA PHE F 186 43.91 -26.42 2.23
C PHE F 186 44.09 -24.92 2.49
N LEU F 187 45.00 -24.32 1.74
CA LEU F 187 45.33 -22.92 1.89
C LEU F 187 44.65 -22.08 0.82
N PRO F 188 44.55 -20.78 1.01
CA PRO F 188 43.87 -19.93 0.02
C PRO F 188 44.51 -20.04 -1.35
N ASP F 189 43.68 -19.98 -2.38
CA ASP F 189 44.17 -19.91 -3.74
C ASP F 189 45.17 -18.75 -3.85
N PRO F 190 46.37 -18.98 -4.41
CA PRO F 190 47.38 -17.91 -4.44
C PRO F 190 46.97 -16.69 -5.24
N SER F 191 46.18 -16.86 -6.29
CA SER F 191 45.70 -15.71 -7.05
C SER F 191 44.77 -14.84 -6.21
N VAL F 192 43.87 -15.47 -5.43
CA VAL F 192 43.03 -14.70 -4.52
C VAL F 192 43.88 -14.06 -3.45
N ARG F 193 44.84 -14.81 -2.91
CA ARG F 193 45.68 -14.25 -1.85
C ARG F 193 46.43 -13.02 -2.35
N ALA F 194 46.97 -13.09 -3.57
CA ALA F 194 47.68 -11.92 -4.11
C ALA F 194 46.74 -10.73 -4.34
N ALA F 195 45.50 -10.99 -4.77
CA ALA F 195 44.54 -9.90 -4.93
C ALA F 195 44.22 -9.24 -3.60
N ALA F 196 44.11 -10.06 -2.53
CA ALA F 196 43.89 -9.49 -1.20
C ALA F 196 45.11 -8.73 -0.72
N GLU F 197 46.32 -9.23 -1.00
CA GLU F 197 47.52 -8.50 -0.58
C GLU F 197 47.60 -7.15 -1.29
N ARG F 198 47.23 -7.09 -2.57
CA ARG F 198 47.25 -5.81 -3.27
CA ARG F 198 47.25 -5.81 -3.28
C ARG F 198 46.20 -4.84 -2.74
N ARG F 199 44.98 -5.34 -2.49
CA ARG F 199 43.94 -4.49 -1.90
C ARG F 199 44.34 -3.99 -0.52
N ALA F 200 45.00 -4.84 0.29
CA ALA F 200 45.38 -4.41 1.63
C ALA F 200 46.36 -3.25 1.59
N GLN F 201 47.13 -3.11 0.50
CA GLN F 201 48.03 -1.97 0.40
C GLN F 201 47.28 -0.64 0.40
N ASP F 202 46.06 -0.63 -0.14
CA ASP F 202 45.27 0.60 -0.20
C ASP F 202 44.58 0.93 1.11
N THR F 203 44.47 -0.01 2.04
CA THR F 203 43.62 0.17 3.20
C THR F 203 44.37 0.11 4.51
N GLY F 204 45.67 -0.12 4.50
CA GLY F 204 46.44 -0.34 5.72
C GLY F 204 46.28 -1.71 6.33
N ALA F 205 45.64 -2.64 5.62
CA ALA F 205 45.37 -3.98 6.13
C ALA F 205 46.58 -4.89 5.90
N SER F 206 46.40 -6.18 6.14
CA SER F 206 47.45 -7.16 5.89
C SER F 206 46.82 -8.53 5.75
N VAL F 207 47.58 -9.45 5.15
CA VAL F 207 47.19 -10.82 4.89
C VAL F 207 48.25 -11.73 5.49
N THR F 208 47.79 -12.72 6.28
CA THR F 208 48.67 -13.73 6.86
C THR F 208 48.06 -15.10 6.62
N VAL F 209 48.86 -16.04 6.13
CA VAL F 209 48.44 -17.43 6.01
C VAL F 209 49.37 -18.25 6.90
N THR F 210 48.79 -19.11 7.75
CA THR F 210 49.59 -19.87 8.71
C THR F 210 48.94 -21.23 8.92
N ALA F 211 49.74 -22.17 9.42
CA ALA F 211 49.23 -23.47 9.83
C ALA F 211 49.27 -23.63 11.35
N ASP F 212 49.55 -22.54 12.08
CA ASP F 212 49.62 -22.50 13.54
C ASP F 212 48.36 -21.83 14.09
N ALA F 213 47.39 -22.66 14.50
CA ALA F 213 46.10 -22.10 14.94
C ALA F 213 46.25 -21.29 16.22
N HIS F 214 47.12 -21.72 17.14
CA HIS F 214 47.31 -20.97 18.37
C HIS F 214 47.92 -19.61 18.09
N ALA F 215 48.85 -19.52 17.15
CA ALA F 215 49.41 -18.22 16.81
C ALA F 215 48.38 -17.34 16.12
N ALA F 216 47.50 -17.92 15.32
CA ALA F 216 46.44 -17.13 14.68
C ALA F 216 45.42 -16.62 15.69
N ALA F 217 45.17 -17.37 16.77
CA ALA F 217 44.19 -16.90 17.73
C ALA F 217 44.74 -15.75 18.58
N ALA F 218 46.06 -15.72 18.77
CA ALA F 218 46.67 -14.75 19.68
C ALA F 218 46.33 -13.32 19.28
N GLY F 219 45.70 -12.58 20.19
CA GLY F 219 45.39 -11.19 19.94
C GLY F 219 44.31 -10.95 18.93
N ALA F 220 43.56 -11.98 18.54
CA ALA F 220 42.51 -11.77 17.55
C ALA F 220 41.33 -11.05 18.18
N ASP F 221 40.68 -10.20 17.37
CA ASP F 221 39.44 -9.54 17.77
C ASP F 221 38.23 -10.34 17.32
N VAL F 222 38.37 -11.12 16.25
CA VAL F 222 37.26 -11.85 15.66
C VAL F 222 37.80 -13.20 15.23
N LEU F 223 37.10 -14.28 15.61
CA LEU F 223 37.50 -15.63 15.24
C LEU F 223 36.36 -16.21 14.42
N VAL F 224 36.67 -16.83 13.27
CA VAL F 224 35.66 -17.25 12.32
C VAL F 224 35.96 -18.69 11.91
N THR F 225 34.92 -19.51 11.74
CA THR F 225 35.14 -20.78 11.09
C THR F 225 33.91 -21.13 10.23
N ASP F 226 33.91 -22.34 9.69
CA ASP F 226 32.94 -22.73 8.68
C ASP F 226 33.01 -24.26 8.64
N THR F 227 31.98 -24.92 8.13
CA THR F 227 32.12 -26.37 8.08
C THR F 227 33.30 -26.76 7.20
N TRP F 228 33.90 -27.90 7.54
CA TRP F 228 35.14 -28.31 6.90
C TRP F 228 34.93 -28.94 5.52
N THR F 229 33.68 -29.28 5.18
CA THR F 229 33.35 -30.02 3.98
C THR F 229 31.86 -30.02 3.69
N GLY F 237 34.13 -44.87 7.95
CA GLY F 237 35.14 -45.18 8.96
C GLY F 237 36.33 -44.24 8.95
N LEU F 238 36.56 -43.58 7.81
CA LEU F 238 37.77 -42.78 7.60
C LEU F 238 37.50 -41.32 7.97
N ASP F 239 38.26 -40.81 8.94
CA ASP F 239 38.18 -39.41 9.36
C ASP F 239 38.90 -38.54 8.33
N ARG F 240 38.23 -38.31 7.20
CA ARG F 240 38.77 -37.46 6.15
C ARG F 240 38.94 -36.01 6.60
N VAL F 241 38.26 -35.59 7.68
CA VAL F 241 38.40 -34.23 8.18
C VAL F 241 39.39 -34.15 9.34
N LYS F 242 40.11 -35.24 9.62
CA LYS F 242 41.19 -35.21 10.61
C LYS F 242 42.15 -34.01 10.45
N PRO F 243 42.57 -33.60 9.25
CA PRO F 243 43.52 -32.47 9.16
C PRO F 243 43.02 -31.19 9.78
N PHE F 244 41.71 -31.02 9.87
CA PHE F 244 41.13 -29.77 10.37
C PHE F 244 40.91 -29.77 11.87
N ARG F 245 40.91 -30.93 12.53
CA ARG F 245 40.55 -30.96 13.94
C ARG F 245 41.46 -30.11 14.83
N PRO F 246 42.78 -29.99 14.59
CA PRO F 246 43.58 -29.03 15.38
C PRO F 246 43.16 -27.58 15.18
N PHE F 247 42.31 -27.31 14.20
CA PHE F 247 41.91 -25.92 13.87
C PHE F 247 40.48 -25.65 14.39
N GLN F 248 39.97 -26.56 15.22
CA GLN F 248 38.63 -26.39 15.80
C GLN F 248 38.54 -25.09 16.59
N LEU F 249 37.43 -24.37 16.41
CA LEU F 249 37.20 -23.14 17.19
C LEU F 249 36.59 -23.61 18.51
N ASN F 250 37.46 -23.74 19.51
CA ASN F 250 37.02 -24.24 20.81
C ASN F 250 37.35 -23.24 21.92
N SER F 251 37.00 -23.61 23.15
CA SER F 251 37.20 -22.65 24.24
C SER F 251 38.66 -22.36 24.47
N ARG F 252 39.52 -23.34 24.23
CA ARG F 252 40.98 -23.16 24.41
C ARG F 252 41.48 -22.10 23.43
N LEU F 253 41.06 -22.25 22.18
CA LEU F 253 41.47 -21.29 21.17
C LEU F 253 40.91 -19.91 21.48
N LEU F 254 39.65 -19.84 21.90
CA LEU F 254 39.05 -18.55 22.18
C LEU F 254 39.74 -17.87 23.35
N ALA F 255 40.26 -18.66 24.32
CA ALA F 255 40.94 -18.07 25.46
C ALA F 255 42.28 -17.44 25.09
N LEU F 256 42.82 -17.80 23.94
CA LEU F 256 44.06 -17.19 23.46
C LEU F 256 43.84 -15.82 22.82
N ALA F 257 42.62 -15.54 22.40
CA ALA F 257 42.30 -14.31 21.69
C ALA F 257 42.13 -13.14 22.68
N ASP F 258 41.85 -11.96 22.14
CA ASP F 258 41.50 -10.81 22.98
C ASP F 258 40.34 -11.16 23.90
N SER F 259 40.33 -10.55 25.09
CA SER F 259 39.28 -10.88 26.07
C SER F 259 37.90 -10.53 25.57
N ASP F 260 37.78 -9.57 24.66
CA ASP F 260 36.50 -9.15 24.11
C ASP F 260 36.26 -9.69 22.71
N ALA F 261 36.96 -10.74 22.31
CA ALA F 261 36.81 -11.29 20.96
C ALA F 261 35.40 -11.85 20.75
N ILE F 262 34.94 -11.81 19.50
CA ILE F 262 33.66 -12.40 19.13
C ILE F 262 33.91 -13.52 18.15
N VAL F 263 32.91 -14.39 18.02
CA VAL F 263 33.02 -15.59 17.19
C VAL F 263 31.94 -15.54 16.11
N LEU F 264 32.32 -15.84 14.86
CA LEU F 264 31.41 -15.91 13.72
C LEU F 264 31.47 -17.30 13.09
N HIS F 265 30.37 -17.65 12.41
CA HIS F 265 30.22 -18.92 11.70
C HIS F 265 29.05 -18.75 10.75
N CYS F 266 29.24 -18.97 9.44
CA CYS F 266 28.17 -18.65 8.51
C CYS F 266 26.95 -19.57 8.63
N LEU F 267 27.11 -20.74 9.25
CA LEU F 267 26.08 -21.75 9.50
C LEU F 267 25.67 -22.45 8.22
N PRO F 268 25.14 -23.68 8.30
CA PRO F 268 24.91 -24.47 9.52
C PRO F 268 26.21 -24.95 10.15
N ALA F 269 26.18 -25.10 11.47
CA ALA F 269 27.32 -25.56 12.25
C ALA F 269 27.16 -27.04 12.52
N HIS F 270 28.27 -27.78 12.43
CA HIS F 270 28.34 -29.17 12.85
C HIS F 270 29.00 -29.14 14.23
N ARG F 271 28.17 -29.06 15.27
CA ARG F 271 28.69 -28.95 16.64
C ARG F 271 29.58 -30.15 16.97
N GLY F 272 30.73 -29.88 17.55
CA GLY F 272 31.69 -30.95 17.89
C GLY F 272 32.78 -31.08 16.85
N ASP F 273 32.55 -30.52 15.66
CA ASP F 273 33.57 -30.53 14.59
C ASP F 273 34.32 -29.19 14.54
N GLU F 274 33.90 -28.27 13.68
CA GLU F 274 34.64 -27.00 13.50
C GLU F 274 34.43 -26.05 14.68
N ILE F 275 33.37 -26.27 15.43
CA ILE F 275 33.03 -25.38 16.55
C ILE F 275 32.40 -26.23 17.66
N THR F 276 32.57 -25.80 18.89
CA THR F 276 32.02 -26.53 20.02
C THR F 276 30.72 -25.89 20.53
N ASP F 277 29.90 -26.69 21.22
CA ASP F 277 28.70 -26.16 21.84
C ASP F 277 29.05 -24.98 22.76
N ALA F 278 30.12 -25.11 23.55
CA ALA F 278 30.46 -24.07 24.52
C ALA F 278 30.72 -22.74 23.85
N VAL F 279 31.38 -22.75 22.71
CA VAL F 279 31.72 -21.47 22.02
C VAL F 279 30.46 -20.94 21.34
N MET F 280 29.77 -21.81 20.61
CA MET F 280 28.56 -21.42 19.86
C MET F 280 27.48 -20.81 20.76
N ASP F 281 27.35 -21.32 21.97
CA ASP F 281 26.24 -20.88 22.87
C ASP F 281 26.76 -19.95 23.96
N GLY F 282 28.03 -19.56 23.90
CA GLY F 282 28.61 -18.75 24.94
C GLY F 282 28.55 -17.25 24.64
N PRO F 283 29.10 -16.44 25.55
CA PRO F 283 28.91 -14.98 25.43
C PRO F 283 29.67 -14.34 24.28
N ALA F 284 30.69 -15.00 23.73
CA ALA F 284 31.45 -14.45 22.62
C ALA F 284 30.79 -14.69 21.27
N SER F 285 29.78 -15.57 21.21
CA SER F 285 29.18 -15.95 19.94
C SER F 285 28.31 -14.82 19.39
N ALA F 286 28.52 -14.50 18.11
CA ALA F 286 27.68 -13.54 17.40
C ALA F 286 26.92 -14.20 16.25
N VAL F 287 26.81 -15.53 16.27
CA VAL F 287 26.35 -16.24 15.07
C VAL F 287 24.90 -15.96 14.76
N TRP F 288 24.06 -15.68 15.77
CA TRP F 288 22.65 -15.47 15.47
C TRP F 288 22.43 -14.07 14.90
N ASP F 289 23.12 -13.05 15.45
CA ASP F 289 23.08 -11.72 14.85
C ASP F 289 23.66 -11.74 13.43
N GLU F 290 24.74 -12.49 13.24
CA GLU F 290 25.34 -12.64 11.92
C GLU F 290 24.33 -13.23 10.94
N ALA F 291 23.60 -14.27 11.35
CA ALA F 291 22.61 -14.85 10.45
C ALA F 291 21.51 -13.86 10.13
N GLU F 292 21.02 -13.11 11.14
CA GLU F 292 20.03 -12.07 10.88
C GLU F 292 20.53 -11.07 9.86
N ASN F 293 21.80 -10.67 9.98
CA ASN F 293 22.33 -9.61 9.13
C ASN F 293 22.49 -10.00 7.67
N ARG F 294 22.39 -11.29 7.33
CA ARG F 294 22.28 -11.62 5.90
C ARG F 294 21.12 -10.86 5.27
N LEU F 295 20.01 -10.78 5.98
CA LEU F 295 18.84 -10.08 5.45
C LEU F 295 19.15 -8.61 5.18
N HIS F 296 19.68 -7.90 6.20
CA HIS F 296 19.91 -6.46 6.08
C HIS F 296 21.01 -6.15 5.08
N ALA F 297 22.10 -6.90 5.11
CA ALA F 297 23.24 -6.59 4.23
C ALA F 297 22.91 -6.86 2.77
N GLN F 298 22.14 -7.91 2.49
CA GLN F 298 21.76 -8.18 1.11
C GLN F 298 20.76 -7.17 0.61
N LYS F 299 19.86 -6.68 1.48
CA LYS F 299 18.98 -5.61 1.06
C LYS F 299 19.79 -4.38 0.72
N ALA F 300 20.77 -4.06 1.56
CA ALA F 300 21.59 -2.87 1.29
C ALA F 300 22.33 -3.00 -0.02
N LEU F 301 22.93 -4.17 -0.27
CA LEU F 301 23.65 -4.40 -1.51
C LEU F 301 22.72 -4.20 -2.71
N LEU F 302 21.51 -4.77 -2.65
CA LEU F 302 20.58 -4.61 -3.76
C LEU F 302 20.21 -3.15 -3.99
N VAL F 303 19.86 -2.44 -2.90
CA VAL F 303 19.52 -1.02 -3.02
C VAL F 303 20.66 -0.26 -3.69
N TRP F 304 21.89 -0.54 -3.26
CA TRP F 304 23.06 0.19 -3.77
C TRP F 304 23.32 -0.12 -5.24
N LEU F 305 23.25 -1.41 -5.62
CA LEU F 305 23.46 -1.80 -7.01
C LEU F 305 22.36 -1.26 -7.91
N LEU F 306 21.10 -1.31 -7.44
CA LEU F 306 20.02 -0.82 -8.27
C LEU F 306 20.17 0.67 -8.53
N GLU F 307 20.67 1.40 -7.56
CA GLU F 307 20.59 2.83 -7.73
C GLU F 307 21.74 3.29 -8.62
N ARG F 308 22.79 2.47 -8.73
CA ARG F 308 23.93 2.75 -9.59
C ARG F 308 23.85 2.11 -10.97
N SER F 309 22.77 1.42 -11.28
CA SER F 309 22.73 0.68 -12.54
C SER F 309 21.56 1.16 -13.40
#